data_4YJ5
#
_entry.id   4YJ5
#
_cell.length_a   73.217
_cell.length_b   140.887
_cell.length_c   108.720
_cell.angle_alpha   90.00
_cell.angle_beta   93.97
_cell.angle_gamma   90.00
#
_symmetry.space_group_name_H-M   'P 1 21 1'
#
loop_
_entity.id
_entity.type
_entity.pdbx_description
1 polymer 'Pyruvate kinase PKM'
2 non-polymer 'PYRUVIC ACID'
3 non-polymer 'MAGNESIUM ION'
4 non-polymer SERINE
5 non-polymer 1,6-di-O-phosphono-beta-D-fructofuranose
6 water water
#
_entity_poly.entity_id   1
_entity_poly.type   'polypeptide(L)'
_entity_poly.pdbx_seq_one_letter_code
;QTQQLHAAMADTFLEHMCRLDIDSPPITARNTGIICTIGPASRSVETLKEMIKSGMNVARLNFSHGTHEYHAETIKNVRT
ATESFASDPILYRPVAVALDTKGPEIRTGLIKGSGTAEVELKKGATLKITLDNAYMEKCDENILWLDYKNICKVVEVGSK
IYVDDGLISLQVKQKGADFLVTEVENGGSLGSKKGVNLPGAAVDLPAVSEKDIQDLKFGVEQDVDMVFASFIRKASDVHE
VRKVLGEKGKNIKIISKIENHEGVRRFDEILEASDGIMVARGDLGIEIPAEKVFLAQKMMIGRCNRAGKPVICATQMLES
MIKKPRPTRAEGSDVANAVLDGADCIMLSGETAKGDYPLEAVRMQHLIAREAEAAIYYLQLFEELRRLAPITSDPTEATA
VGAVEASFKCCSGAIIVLTKSGRSAHQVARYRPRAPIIAVTRNPQTARQAHLYRGIFPVLCKDPVQEAWAEDVDLRVNFA
MNVGKARGFFKKGDVVIVLTGWRPGSGFTNTMRVVPVP
;
_entity_poly.pdbx_strand_id   A,B,C,D
#
loop_
_chem_comp.id
_chem_comp.type
_chem_comp.name
_chem_comp.formula
FBP D-saccharide, beta linking 1,6-di-O-phosphono-beta-D-fructofuranose 'C6 H14 O12 P2'
MG non-polymer 'MAGNESIUM ION' 'Mg 2'
PYR non-polymer 'PYRUVIC ACID' 'C3 H4 O3'
#
# COMPACT_ATOMS: atom_id res chain seq x y z
N GLN A 1 13.03 -8.97 -21.18
CA GLN A 1 12.00 -7.89 -20.98
C GLN A 1 12.55 -6.48 -21.26
N THR A 2 11.70 -5.57 -21.76
CA THR A 2 12.11 -4.22 -22.14
C THR A 2 11.54 -3.21 -21.15
N GLN A 3 12.17 -2.03 -21.06
CA GLN A 3 11.46 -0.92 -20.48
C GLN A 3 11.35 -1.06 -18.96
N GLN A 4 12.22 -1.88 -18.35
CA GLN A 4 12.11 -2.20 -16.91
C GLN A 4 10.70 -2.66 -16.52
N LEU A 5 10.08 -3.47 -17.38
CA LEU A 5 8.67 -3.85 -17.16
C LEU A 5 8.50 -4.82 -15.99
N HIS A 6 9.47 -5.73 -15.84
CA HIS A 6 9.65 -6.59 -14.64
C HIS A 6 9.75 -5.79 -13.32
N ALA A 7 10.61 -4.77 -13.29
CA ALA A 7 10.64 -3.85 -12.16
C ALA A 7 9.30 -3.10 -11.95
N ALA A 8 8.60 -2.74 -13.05
CA ALA A 8 7.31 -1.99 -12.99
C ALA A 8 6.23 -2.76 -12.23
N MET A 9 6.28 -4.07 -12.33
CA MET A 9 5.28 -4.97 -11.74
C MET A 9 5.52 -5.31 -10.26
N ALA A 10 6.55 -4.73 -9.65
CA ALA A 10 6.86 -4.96 -8.21
C ALA A 10 5.88 -4.32 -7.23
N ASP A 11 5.75 -5.02 -6.11
CA ASP A 11 4.78 -4.74 -5.04
C ASP A 11 5.31 -3.71 -4.04
N THR A 12 6.64 -3.53 -4.02
CA THR A 12 7.32 -2.59 -3.12
C THR A 12 8.34 -1.87 -3.88
N PHE A 13 8.63 -0.66 -3.43
CA PHE A 13 9.63 0.16 -4.05
C PHE A 13 11.02 -0.52 -3.95
N LEU A 14 11.28 -1.10 -2.79
CA LEU A 14 12.48 -1.90 -2.60
C LEU A 14 12.63 -3.02 -3.66
N GLU A 15 11.59 -3.83 -3.83
CA GLU A 15 11.66 -4.87 -4.86
C GLU A 15 11.77 -4.23 -6.27
N HIS A 16 11.04 -3.15 -6.48
CA HIS A 16 11.24 -2.40 -7.74
C HIS A 16 12.73 -2.12 -7.98
N MET A 17 13.45 -1.62 -6.98
CA MET A 17 14.87 -1.31 -7.17
C MET A 17 15.68 -2.57 -7.49
N CYS A 18 15.42 -3.61 -6.70
CA CYS A 18 16.04 -4.92 -6.89
C CYS A 18 15.96 -5.43 -8.35
N ARG A 19 14.89 -5.04 -9.05
CA ARG A 19 14.67 -5.58 -10.39
C ARG A 19 15.18 -4.68 -11.51
N LEU A 20 15.70 -3.52 -11.13
CA LEU A 20 16.23 -2.59 -12.14
C LEU A 20 17.30 -3.30 -12.95
N ASP A 21 17.17 -3.30 -14.28
CA ASP A 21 17.99 -4.16 -15.13
C ASP A 21 18.75 -3.42 -16.25
N ILE A 22 20.07 -3.46 -16.14
CA ILE A 22 21.04 -2.93 -17.11
C ILE A 22 20.83 -3.37 -18.57
N ASP A 23 20.26 -4.55 -18.73
CA ASP A 23 20.05 -5.15 -20.03
C ASP A 23 18.63 -4.98 -20.51
N SER A 24 17.82 -4.20 -19.80
CA SER A 24 16.46 -4.00 -20.24
C SER A 24 16.38 -2.68 -21.03
N PRO A 25 16.30 -2.74 -22.37
CA PRO A 25 16.41 -1.49 -23.19
C PRO A 25 15.19 -0.54 -22.98
N PRO A 26 15.42 0.79 -22.93
CA PRO A 26 14.24 1.67 -22.82
C PRO A 26 13.44 1.85 -24.15
N ILE A 27 12.29 2.51 -24.09
CA ILE A 27 11.58 2.88 -25.34
C ILE A 27 12.35 3.94 -26.13
N THR A 28 11.91 4.22 -27.34
CA THR A 28 12.58 5.25 -28.15
C THR A 28 12.31 6.68 -27.70
N ALA A 29 11.10 6.94 -27.23
CA ALA A 29 10.68 8.26 -26.79
C ALA A 29 11.40 8.67 -25.50
N ARG A 30 11.70 9.94 -25.38
CA ARG A 30 12.30 10.51 -24.21
C ARG A 30 11.38 11.68 -23.84
N ASN A 31 11.01 11.74 -22.55
CA ASN A 31 9.91 12.56 -22.10
C ASN A 31 10.39 13.85 -21.47
N THR A 32 11.57 13.81 -20.82
CA THR A 32 12.07 14.97 -20.13
C THR A 32 12.61 16.06 -21.08
N GLY A 33 12.11 17.28 -20.96
CA GLY A 33 12.58 18.39 -21.80
C GLY A 33 14.05 18.70 -21.56
N ILE A 34 14.73 19.10 -22.64
CA ILE A 34 16.13 19.53 -22.55
C ILE A 34 16.30 21.03 -22.88
N ILE A 35 16.75 21.78 -21.88
CA ILE A 35 17.02 23.19 -22.08
C ILE A 35 18.51 23.42 -22.21
N CYS A 36 18.94 24.01 -23.33
CA CYS A 36 20.34 24.38 -23.53
C CYS A 36 20.61 25.87 -23.60
N THR A 37 21.57 26.32 -22.81
CA THR A 37 22.05 27.69 -22.81
C THR A 37 22.93 27.90 -24.06
N ILE A 38 22.51 28.85 -24.92
CA ILE A 38 23.27 29.14 -26.13
C ILE A 38 24.33 30.18 -25.83
N GLY A 39 25.50 30.00 -26.40
CA GLY A 39 26.65 30.87 -26.12
C GLY A 39 27.64 30.65 -27.24
N PRO A 40 28.85 31.18 -27.09
CA PRO A 40 29.90 31.06 -28.12
C PRO A 40 30.07 29.65 -28.66
N ALA A 41 29.93 28.61 -27.81
CA ALA A 41 30.14 27.27 -28.31
C ALA A 41 28.99 26.74 -29.21
N SER A 42 27.82 27.40 -29.22
CA SER A 42 26.63 26.70 -29.71
C SER A 42 25.79 27.53 -30.62
N ARG A 43 26.29 28.70 -30.93
CA ARG A 43 25.49 29.76 -31.44
C ARG A 43 25.42 29.73 -32.98
N SER A 44 26.39 29.07 -33.60
CA SER A 44 26.36 29.01 -35.08
C SER A 44 25.18 28.18 -35.59
N VAL A 45 24.60 28.58 -36.70
CA VAL A 45 23.50 27.81 -37.33
C VAL A 45 23.84 26.30 -37.43
N GLU A 46 25.03 25.99 -37.90
CA GLU A 46 25.47 24.61 -38.07
C GLU A 46 25.54 23.86 -36.74
N THR A 47 26.09 24.45 -35.68
CA THR A 47 26.06 23.75 -34.42
C THR A 47 24.57 23.58 -33.95
N LEU A 48 23.76 24.63 -34.11
CA LEU A 48 22.37 24.60 -33.60
C LEU A 48 21.51 23.57 -34.28
N LYS A 49 21.71 23.35 -35.59
CA LYS A 49 21.03 22.21 -36.27
C LYS A 49 21.36 20.87 -35.61
N GLU A 50 22.66 20.66 -35.32
CA GLU A 50 23.07 19.43 -34.62
C GLU A 50 22.52 19.33 -33.21
N MET A 51 22.40 20.48 -32.53
CA MET A 51 21.76 20.42 -31.22
C MET A 51 20.28 19.99 -31.22
N ILE A 52 19.53 20.52 -32.20
CA ILE A 52 18.19 20.13 -32.35
C ILE A 52 18.14 18.62 -32.66
N LYS A 53 19.04 18.13 -33.49
CA LYS A 53 19.07 16.71 -33.86
C LYS A 53 19.43 15.84 -32.64
N SER A 54 20.33 16.33 -31.79
CA SER A 54 20.78 15.61 -30.63
C SER A 54 19.73 15.64 -29.53
N GLY A 55 18.74 16.52 -29.64
CA GLY A 55 17.73 16.59 -28.58
C GLY A 55 17.33 17.91 -27.92
N MET A 56 17.97 19.01 -28.30
CA MET A 56 17.57 20.29 -27.76
C MET A 56 16.09 20.70 -28.03
N ASN A 57 15.42 21.14 -26.97
CA ASN A 57 14.03 21.60 -27.01
C ASN A 57 13.88 23.10 -26.79
N VAL A 58 14.67 23.65 -25.87
CA VAL A 58 14.56 25.06 -25.52
C VAL A 58 15.96 25.69 -25.61
N ALA A 59 16.05 26.82 -26.30
CA ALA A 59 17.32 27.56 -26.29
C ALA A 59 17.20 28.65 -25.23
N ARG A 60 18.13 28.64 -24.28
CA ARG A 60 18.17 29.64 -23.20
C ARG A 60 19.20 30.73 -23.51
N LEU A 61 18.76 32.00 -23.37
CA LEU A 61 19.60 33.19 -23.60
C LEU A 61 19.84 33.85 -22.25
N ASN A 62 21.08 33.91 -21.82
CA ASN A 62 21.35 34.41 -20.51
C ASN A 62 21.69 35.90 -20.55
N PHE A 63 20.75 36.75 -20.12
CA PHE A 63 20.95 38.20 -20.27
C PHE A 63 21.80 38.76 -19.21
N SER A 64 22.45 37.90 -18.45
CA SER A 64 23.49 38.36 -17.53
C SER A 64 24.70 38.85 -18.33
N HIS A 65 24.83 38.46 -19.58
CA HIS A 65 25.96 38.88 -20.37
C HIS A 65 25.41 39.27 -21.70
N GLY A 66 26.21 39.98 -22.51
CA GLY A 66 25.89 40.25 -23.91
C GLY A 66 25.11 41.52 -24.14
N THR A 67 25.08 42.01 -25.37
CA THR A 67 24.25 43.15 -25.76
C THR A 67 22.99 42.62 -26.39
N HIS A 68 21.99 43.49 -26.52
CA HIS A 68 20.76 43.09 -27.21
C HIS A 68 21.05 42.63 -28.63
N GLU A 69 21.88 43.38 -29.35
CA GLU A 69 22.30 43.02 -30.69
C GLU A 69 22.83 41.57 -30.73
N TYR A 70 23.73 41.22 -29.81
CA TYR A 70 24.26 39.86 -29.75
C TYR A 70 23.11 38.83 -29.63
N HIS A 71 22.22 39.10 -28.69
CA HIS A 71 21.17 38.16 -28.41
C HIS A 71 20.23 38.04 -29.61
N ALA A 72 19.97 39.14 -30.32
CA ALA A 72 19.06 39.09 -31.47
C ALA A 72 19.67 38.22 -32.55
N GLU A 73 21.00 38.21 -32.65
CA GLU A 73 21.60 37.33 -33.63
C GLU A 73 21.49 35.87 -33.24
N THR A 74 21.74 35.58 -31.95
CA THR A 74 21.62 34.21 -31.45
C THR A 74 20.21 33.70 -31.76
N ILE A 75 19.23 34.55 -31.42
CA ILE A 75 17.82 34.23 -31.67
C ILE A 75 17.54 33.92 -33.15
N LYS A 76 17.98 34.81 -34.03
CA LYS A 76 17.84 34.61 -35.47
C LYS A 76 18.50 33.30 -35.94
N ASN A 77 19.71 33.01 -35.44
CA ASN A 77 20.31 31.72 -35.76
C ASN A 77 19.54 30.53 -35.27
N VAL A 78 19.00 30.62 -34.03
CA VAL A 78 18.19 29.51 -33.49
C VAL A 78 16.99 29.25 -34.47
N ARG A 79 16.35 30.32 -34.94
CA ARG A 79 15.21 30.20 -35.85
C ARG A 79 15.62 29.71 -37.24
N THR A 80 16.77 30.17 -37.75
CA THR A 80 17.28 29.64 -38.99
C THR A 80 17.50 28.15 -38.79
N ALA A 81 18.27 27.76 -37.78
CA ALA A 81 18.44 26.32 -37.57
C ALA A 81 17.12 25.56 -37.49
N THR A 82 16.15 26.09 -36.72
CA THR A 82 14.85 25.39 -36.47
C THR A 82 14.07 25.28 -37.77
N GLU A 83 13.97 26.39 -38.49
CA GLU A 83 13.20 26.43 -39.72
C GLU A 83 13.87 25.63 -40.85
N SER A 84 15.15 25.37 -40.79
CA SER A 84 15.71 24.53 -41.84
C SER A 84 15.13 23.10 -41.84
N PHE A 85 14.45 22.66 -40.77
CA PHE A 85 13.80 21.36 -40.83
C PHE A 85 12.33 21.39 -41.22
N ALA A 86 11.75 22.57 -41.36
CA ALA A 86 10.34 22.72 -41.67
C ALA A 86 9.93 22.18 -43.05
N SER A 87 10.89 21.80 -43.90
CA SER A 87 10.56 21.31 -45.23
C SER A 87 10.09 19.86 -45.16
N ASP A 88 10.32 19.20 -44.02
CA ASP A 88 9.70 17.89 -43.75
C ASP A 88 8.82 17.95 -42.48
N PRO A 89 7.48 18.11 -42.66
CA PRO A 89 6.69 18.41 -41.47
C PRO A 89 6.73 17.26 -40.48
N ILE A 90 7.07 16.08 -40.96
CA ILE A 90 7.03 14.89 -40.13
C ILE A 90 8.17 14.93 -39.11
N LEU A 91 9.28 15.54 -39.48
CA LEU A 91 10.47 15.55 -38.69
C LEU A 91 10.80 16.92 -38.06
N TYR A 92 10.01 17.93 -38.35
CA TYR A 92 10.21 19.21 -37.75
C TYR A 92 10.06 19.17 -36.21
N ARG A 93 10.94 19.87 -35.50
CA ARG A 93 10.81 20.01 -34.06
C ARG A 93 10.67 21.48 -33.74
N PRO A 94 9.56 21.87 -33.11
CA PRO A 94 9.44 23.24 -32.53
C PRO A 94 10.58 23.43 -31.55
N VAL A 95 11.18 24.62 -31.51
CA VAL A 95 12.23 24.90 -30.54
C VAL A 95 11.89 26.19 -29.86
N ALA A 96 11.75 26.18 -28.53
CA ALA A 96 11.38 27.40 -27.80
C ALA A 96 12.58 28.30 -27.56
N VAL A 97 12.31 29.57 -27.33
CA VAL A 97 13.35 30.48 -26.98
C VAL A 97 13.03 31.01 -25.59
N ALA A 98 13.96 30.90 -24.67
CA ALA A 98 13.80 31.44 -23.34
C ALA A 98 14.81 32.52 -23.02
N LEU A 99 14.30 33.60 -22.41
CA LEU A 99 15.12 34.72 -21.93
C LEU A 99 15.33 34.58 -20.44
N ASP A 100 16.58 34.50 -20.02
CA ASP A 100 16.92 34.38 -18.61
C ASP A 100 17.47 35.71 -18.16
N THR A 101 16.79 36.27 -17.20
CA THR A 101 16.94 37.61 -16.76
C THR A 101 18.26 37.77 -15.95
N LYS A 102 18.83 38.96 -16.00
CA LYS A 102 19.95 39.26 -15.16
C LYS A 102 19.49 39.33 -13.68
N GLY A 103 18.46 40.16 -13.42
CA GLY A 103 17.96 40.32 -12.07
C GLY A 103 18.94 41.03 -11.15
N PRO A 104 18.68 40.96 -9.85
CA PRO A 104 19.46 41.72 -8.88
C PRO A 104 20.77 41.00 -8.56
N GLU A 105 21.60 40.85 -9.58
CA GLU A 105 22.90 40.23 -9.42
C GLU A 105 23.89 41.20 -8.78
N ILE A 106 24.87 40.66 -8.06
CA ILE A 106 26.03 41.46 -7.66
C ILE A 106 27.26 40.92 -8.39
N ARG A 107 27.95 41.77 -9.13
CA ARG A 107 29.20 41.33 -9.75
C ARG A 107 30.44 42.16 -9.45
N THR A 108 31.57 41.50 -9.45
CA THR A 108 32.86 42.19 -9.43
C THR A 108 33.11 42.90 -10.76
N GLY A 109 34.16 43.70 -10.82
CA GLY A 109 34.58 44.36 -12.06
C GLY A 109 35.66 43.57 -12.81
N LEU A 110 36.27 44.23 -13.78
CA LEU A 110 37.34 43.64 -14.59
C LEU A 110 38.71 43.77 -13.93
N ILE A 111 39.44 42.71 -13.99
CA ILE A 111 40.82 42.70 -13.57
C ILE A 111 41.73 43.47 -14.52
N LYS A 112 42.86 43.93 -14.02
CA LYS A 112 44.14 43.79 -14.75
C LYS A 112 44.68 44.91 -15.58
N GLY A 113 45.55 44.44 -16.47
CA GLY A 113 46.51 45.16 -17.28
C GLY A 113 47.36 44.03 -17.85
N SER A 114 48.55 43.76 -17.29
CA SER A 114 49.04 44.27 -16.00
C SER A 114 48.59 43.34 -14.85
N GLY A 115 47.71 42.39 -15.18
CA GLY A 115 47.10 41.46 -14.21
C GLY A 115 47.95 40.26 -13.85
N THR A 116 48.20 39.35 -14.80
CA THR A 116 47.57 39.37 -16.12
C THR A 116 46.59 38.19 -16.17
N ALA A 117 45.32 38.51 -16.47
CA ALA A 117 44.24 37.54 -16.55
C ALA A 117 43.58 37.16 -15.20
N GLU A 118 44.31 36.44 -14.34
CA GLU A 118 43.69 35.76 -13.17
C GLU A 118 43.81 36.42 -11.80
N VAL A 119 45.01 36.58 -11.27
CA VAL A 119 45.16 37.11 -9.89
C VAL A 119 44.84 36.11 -8.78
N GLU A 120 45.88 35.76 -8.01
CA GLU A 120 45.83 34.74 -6.95
C GLU A 120 45.50 35.31 -5.56
N LEU A 121 44.32 35.01 -5.03
CA LEU A 121 43.98 35.42 -3.68
C LEU A 121 44.55 34.39 -2.72
N LYS A 122 45.24 34.84 -1.67
CA LYS A 122 45.93 33.92 -0.78
C LYS A 122 45.20 33.73 0.57
N LYS A 123 44.97 32.47 0.96
CA LYS A 123 44.39 32.23 2.29
C LYS A 123 45.17 33.07 3.34
N GLY A 124 44.50 33.97 4.02
CA GLY A 124 45.17 34.82 5.02
C GLY A 124 45.43 36.23 4.53
N ALA A 125 45.46 36.41 3.20
CA ALA A 125 45.68 37.74 2.60
C ALA A 125 44.61 38.75 2.98
N THR A 126 44.89 40.02 2.75
CA THR A 126 43.87 40.99 3.03
C THR A 126 43.39 41.65 1.71
N LEU A 127 42.10 41.88 1.56
CA LEU A 127 41.57 42.33 0.29
C LEU A 127 40.62 43.42 0.59
N LYS A 128 40.80 44.53 -0.08
CA LYS A 128 39.91 45.63 0.13
C LYS A 128 38.84 45.62 -0.96
N ILE A 129 37.59 45.72 -0.53
CA ILE A 129 36.50 45.91 -1.42
C ILE A 129 36.21 47.40 -1.54
N THR A 130 36.25 47.92 -2.77
CA THR A 130 35.86 49.31 -3.01
C THR A 130 34.64 49.49 -3.89
N LEU A 131 34.01 50.65 -3.75
CA LEU A 131 32.86 51.08 -4.55
C LEU A 131 33.15 52.23 -5.50
N ASP A 132 34.37 52.74 -5.44
CA ASP A 132 34.86 53.86 -6.27
C ASP A 132 35.02 53.47 -7.73
N ASN A 133 34.20 53.99 -8.62
CA ASN A 133 34.26 53.58 -10.03
C ASN A 133 35.59 53.68 -10.77
N ALA A 134 36.57 54.30 -10.13
CA ALA A 134 37.92 54.38 -10.69
C ALA A 134 38.55 52.98 -10.77
N TYR A 135 38.27 52.14 -9.80
CA TYR A 135 38.77 50.80 -9.84
C TYR A 135 37.93 49.78 -10.65
N MET A 136 36.84 50.24 -11.28
CA MET A 136 35.89 49.36 -11.99
C MET A 136 36.54 48.31 -12.90
N GLU A 137 37.59 48.71 -13.61
CA GLU A 137 38.29 47.86 -14.54
C GLU A 137 39.76 47.70 -14.14
N LYS A 138 40.04 47.86 -12.86
CA LYS A 138 41.42 47.78 -12.37
C LYS A 138 41.57 46.80 -11.22
N CYS A 139 40.73 45.78 -11.13
CA CYS A 139 40.77 44.90 -9.96
C CYS A 139 42.09 44.07 -9.90
N ASP A 140 42.51 43.72 -8.68
CA ASP A 140 43.65 42.79 -8.47
C ASP A 140 43.53 42.10 -7.10
N GLU A 141 44.62 41.54 -6.58
CA GLU A 141 44.59 40.88 -5.25
C GLU A 141 44.49 41.81 -4.02
N ASN A 142 44.79 43.09 -4.19
CA ASN A 142 44.69 44.05 -3.09
C ASN A 142 43.36 44.77 -3.10
N ILE A 143 42.94 45.17 -4.29
CA ILE A 143 41.78 46.00 -4.47
C ILE A 143 40.76 45.26 -5.36
N LEU A 144 39.53 45.08 -4.86
CA LEU A 144 38.38 44.57 -5.65
C LEU A 144 37.16 45.50 -5.67
N TRP A 145 36.70 45.90 -6.86
CA TRP A 145 35.48 46.69 -7.06
C TRP A 145 34.25 45.79 -7.22
N LEU A 146 33.09 46.25 -6.74
CA LEU A 146 31.78 45.55 -6.81
C LEU A 146 30.81 46.55 -7.34
N ASP A 147 29.73 46.09 -7.93
CA ASP A 147 28.75 47.01 -8.47
C ASP A 147 27.53 47.16 -7.58
N TYR A 148 27.68 46.80 -6.31
CA TYR A 148 26.54 46.98 -5.37
C TYR A 148 26.80 48.15 -4.43
N LYS A 149 26.25 49.30 -4.78
CA LYS A 149 26.59 50.57 -4.14
C LYS A 149 26.18 50.62 -2.64
N ASN A 150 25.19 49.82 -2.24
CA ASN A 150 24.78 49.76 -0.83
C ASN A 150 25.37 48.63 -0.04
N ILE A 151 26.33 47.90 -0.62
CA ILE A 151 26.88 46.77 0.14
C ILE A 151 27.25 47.14 1.59
N CYS A 152 27.68 48.38 1.77
CA CYS A 152 28.23 48.85 3.03
C CYS A 152 27.12 49.08 4.04
N LYS A 153 25.94 49.47 3.55
CA LYS A 153 24.73 49.66 4.34
C LYS A 153 24.25 48.33 4.97
N VAL A 154 24.83 47.19 4.56
CA VAL A 154 24.12 45.89 4.68
C VAL A 154 24.92 44.66 5.09
N VAL A 155 26.23 44.70 5.02
CA VAL A 155 27.05 43.70 5.72
C VAL A 155 27.55 44.28 7.03
N GLU A 156 28.17 43.45 7.88
CA GLU A 156 28.71 43.85 9.18
C GLU A 156 30.13 43.30 9.36
N VAL A 157 30.83 43.73 10.40
CA VAL A 157 32.16 43.20 10.68
C VAL A 157 32.04 41.70 10.95
N GLY A 158 32.84 40.87 10.29
CA GLY A 158 32.70 39.42 10.42
C GLY A 158 31.60 38.78 9.56
N SER A 159 30.92 39.55 8.69
CA SER A 159 30.09 38.96 7.64
C SER A 159 30.95 38.22 6.60
N LYS A 160 30.41 37.14 6.05
CA LYS A 160 31.05 36.40 4.96
C LYS A 160 30.57 36.87 3.58
N ILE A 161 31.52 37.00 2.64
CA ILE A 161 31.26 37.43 1.27
C ILE A 161 31.85 36.39 0.35
N TYR A 162 31.04 35.89 -0.57
CA TYR A 162 31.47 34.82 -1.47
C TYR A 162 31.60 35.33 -2.91
N VAL A 163 32.63 34.83 -3.58
CA VAL A 163 32.93 35.34 -4.91
C VAL A 163 33.17 34.14 -5.79
N ASP A 164 32.58 34.20 -6.99
CA ASP A 164 32.76 33.22 -8.08
C ASP A 164 32.28 31.84 -7.70
N ASP A 165 30.99 31.58 -7.96
CA ASP A 165 30.35 30.30 -7.62
C ASP A 165 30.68 29.86 -6.18
N GLY A 166 30.83 30.83 -5.27
CA GLY A 166 31.11 30.57 -3.85
C GLY A 166 32.41 29.85 -3.53
N LEU A 167 33.40 29.99 -4.43
CA LEU A 167 34.66 29.26 -4.36
C LEU A 167 35.69 30.04 -3.62
N ILE A 168 35.56 31.37 -3.68
CA ILE A 168 36.36 32.24 -2.88
C ILE A 168 35.47 32.77 -1.80
N SER A 169 36.02 32.81 -0.59
CA SER A 169 35.30 33.43 0.54
C SER A 169 36.16 34.44 1.32
N LEU A 170 35.50 35.49 1.77
CA LEU A 170 36.11 36.62 2.42
C LEU A 170 35.36 36.88 3.72
N GLN A 171 36.08 37.20 4.79
CA GLN A 171 35.45 37.70 6.00
C GLN A 171 35.79 39.17 6.18
N VAL A 172 34.77 39.98 6.46
CA VAL A 172 34.95 41.40 6.75
C VAL A 172 35.64 41.65 8.09
N LYS A 173 36.86 42.17 8.03
CA LYS A 173 37.59 42.66 9.21
C LYS A 173 37.15 44.06 9.60
N GLN A 174 37.17 45.02 8.66
CA GLN A 174 36.80 46.43 8.93
C GLN A 174 35.78 47.00 7.95
N LYS A 175 34.76 47.65 8.49
CA LYS A 175 33.72 48.27 7.67
C LYS A 175 34.24 49.65 7.24
N GLY A 176 33.35 50.62 7.01
CA GLY A 176 33.73 51.92 6.43
C GLY A 176 32.57 52.34 5.56
N ALA A 177 32.57 53.59 5.09
CA ALA A 177 31.42 54.12 4.34
C ALA A 177 31.23 53.65 2.86
N ASP A 178 32.33 53.47 2.13
CA ASP A 178 32.27 53.04 0.73
C ASP A 178 33.42 52.09 0.44
N PHE A 179 33.82 51.33 1.45
CA PHE A 179 34.82 50.30 1.28
C PHE A 179 34.71 49.34 2.45
N LEU A 180 35.37 48.17 2.33
CA LEU A 180 35.36 47.10 3.32
C LEU A 180 36.75 46.53 3.29
N VAL A 181 37.29 46.15 4.42
CA VAL A 181 38.58 45.48 4.37
C VAL A 181 38.29 44.05 4.76
N THR A 182 38.94 43.08 4.11
CA THR A 182 38.57 41.70 4.36
C THR A 182 39.75 40.75 4.37
N GLU A 183 39.50 39.58 4.93
CA GLU A 183 40.49 38.54 4.89
C GLU A 183 40.04 37.33 4.02
N VAL A 184 40.93 36.92 3.12
CA VAL A 184 40.71 35.74 2.33
C VAL A 184 40.70 34.53 3.28
N GLU A 185 39.63 33.74 3.27
CA GLU A 185 39.63 32.48 4.03
C GLU A 185 39.75 31.28 3.11
N ASN A 186 38.94 31.22 2.05
CA ASN A 186 39.19 30.32 0.92
C ASN A 186 39.76 31.10 -0.23
N GLY A 187 41.02 30.84 -0.51
CA GLY A 187 41.64 31.49 -1.63
C GLY A 187 41.34 30.76 -2.92
N GLY A 188 42.05 31.18 -3.97
CA GLY A 188 41.90 30.69 -5.35
C GLY A 188 42.21 31.83 -6.31
N SER A 189 41.96 31.61 -7.58
CA SER A 189 42.26 32.65 -8.54
C SER A 189 40.97 33.32 -9.02
N LEU A 190 41.00 34.64 -9.08
CA LEU A 190 39.80 35.42 -9.24
C LEU A 190 39.79 35.99 -10.65
N GLY A 191 38.81 35.64 -11.47
CA GLY A 191 38.71 36.17 -12.82
C GLY A 191 37.93 37.48 -12.82
N SER A 192 37.53 37.94 -14.00
CA SER A 192 36.78 39.20 -14.12
C SER A 192 35.29 38.95 -13.99
N LYS A 193 34.57 39.90 -13.40
CA LYS A 193 33.10 39.93 -13.40
C LYS A 193 32.46 38.70 -12.78
N LYS A 194 32.95 38.31 -11.62
CA LYS A 194 32.48 37.10 -10.98
C LYS A 194 31.24 37.44 -10.13
N GLY A 195 30.35 36.47 -9.93
CA GLY A 195 29.18 36.64 -9.11
C GLY A 195 29.52 36.75 -7.64
N VAL A 196 28.87 37.70 -6.96
CA VAL A 196 29.04 37.90 -5.51
C VAL A 196 27.78 37.53 -4.71
N ASN A 197 27.98 36.82 -3.59
CA ASN A 197 26.84 36.45 -2.76
C ASN A 197 27.03 36.90 -1.32
N LEU A 198 25.97 37.46 -0.76
CA LEU A 198 25.95 37.87 0.61
C LEU A 198 24.90 37.05 1.38
N PRO A 199 25.21 35.79 1.72
CA PRO A 199 24.13 35.02 2.34
C PRO A 199 23.78 35.54 3.73
N GLY A 200 22.50 35.55 4.08
CA GLY A 200 22.09 36.19 5.34
C GLY A 200 22.40 37.70 5.43
N ALA A 201 22.44 38.38 4.28
CA ALA A 201 22.34 39.84 4.25
C ALA A 201 21.02 40.22 3.58
N ALA A 202 20.44 41.33 3.99
CA ALA A 202 19.20 41.79 3.39
C ALA A 202 19.59 42.70 2.23
N VAL A 203 19.89 42.06 1.10
CA VAL A 203 20.31 42.76 -0.10
C VAL A 203 19.05 43.40 -0.63
N ASP A 204 19.11 44.66 -1.04
CA ASP A 204 17.91 45.46 -1.33
C ASP A 204 17.80 45.95 -2.78
N LEU A 205 18.45 45.25 -3.69
CA LEU A 205 18.31 45.52 -5.11
C LEU A 205 16.89 45.19 -5.52
N PRO A 206 16.34 45.95 -6.47
CA PRO A 206 14.96 45.73 -6.95
C PRO A 206 14.82 44.40 -7.68
N ALA A 207 13.64 43.80 -7.67
CA ALA A 207 13.37 42.58 -8.42
C ALA A 207 13.60 42.76 -9.93
N VAL A 208 13.08 43.88 -10.44
CA VAL A 208 13.16 44.23 -11.85
C VAL A 208 13.86 45.61 -11.94
N SER A 209 15.14 45.60 -12.34
CA SER A 209 15.91 46.83 -12.54
C SER A 209 15.50 47.49 -13.85
N GLU A 210 16.06 48.66 -14.12
CA GLU A 210 15.88 49.31 -15.42
C GLU A 210 16.39 48.43 -16.54
N LYS A 211 17.54 47.77 -16.33
CA LYS A 211 18.09 46.89 -17.34
C LYS A 211 17.10 45.74 -17.57
N ASP A 212 16.51 45.21 -16.49
CA ASP A 212 15.57 44.07 -16.69
C ASP A 212 14.35 44.53 -17.49
N ILE A 213 13.82 45.71 -17.13
CA ILE A 213 12.73 46.29 -17.92
C ILE A 213 13.07 46.28 -19.39
N GLN A 214 14.26 46.79 -19.72
CA GLN A 214 14.68 46.91 -21.12
C GLN A 214 14.83 45.52 -21.75
N ASP A 215 15.42 44.56 -21.03
CA ASP A 215 15.55 43.16 -21.49
C ASP A 215 14.19 42.46 -21.74
N LEU A 216 13.26 42.64 -20.82
CA LEU A 216 11.91 42.07 -21.00
C LEU A 216 11.16 42.66 -22.19
N LYS A 217 11.21 43.97 -22.35
CA LYS A 217 10.58 44.59 -23.54
C LYS A 217 11.22 44.05 -24.78
N PHE A 218 12.54 43.89 -24.73
CA PHE A 218 13.25 43.29 -25.91
C PHE A 218 12.68 41.88 -26.15
N GLY A 219 12.40 41.16 -25.06
CA GLY A 219 11.83 39.83 -25.11
C GLY A 219 10.51 39.84 -25.81
N VAL A 220 9.73 40.88 -25.54
CA VAL A 220 8.44 40.95 -26.19
C VAL A 220 8.54 41.17 -27.70
N GLU A 221 9.45 42.04 -28.14
CA GLU A 221 9.52 42.34 -29.57
C GLU A 221 10.16 41.22 -30.34
N GLN A 222 11.14 40.55 -29.74
CA GLN A 222 11.68 39.30 -30.27
C GLN A 222 10.72 38.11 -30.21
N ASP A 223 9.58 38.24 -29.55
CA ASP A 223 8.63 37.18 -29.54
C ASP A 223 9.17 35.91 -28.85
N VAL A 224 9.85 36.07 -27.73
CA VAL A 224 10.28 34.89 -27.01
C VAL A 224 9.10 34.15 -26.38
N ASP A 225 9.36 32.91 -26.02
CA ASP A 225 8.32 32.02 -25.51
C ASP A 225 8.17 31.98 -24.06
N MET A 226 9.29 32.24 -23.35
CA MET A 226 9.27 32.14 -21.92
C MET A 226 10.34 32.97 -21.35
N VAL A 227 10.18 33.30 -20.07
CA VAL A 227 11.11 34.16 -19.35
C VAL A 227 11.50 33.42 -18.08
N PHE A 228 12.79 33.22 -17.84
CA PHE A 228 13.25 32.65 -16.59
C PHE A 228 13.67 33.87 -15.73
N ALA A 229 12.89 34.18 -14.70
CA ALA A 229 13.16 35.35 -13.86
C ALA A 229 14.00 35.00 -12.64
N SER A 230 15.17 35.62 -12.58
CA SER A 230 16.17 35.30 -11.58
C SER A 230 15.82 35.93 -10.26
N PHE A 231 16.23 35.25 -9.19
CA PHE A 231 16.15 35.75 -7.85
C PHE A 231 14.77 36.21 -7.41
N ILE A 232 13.72 35.51 -7.82
CA ILE A 232 12.40 35.76 -7.35
C ILE A 232 12.31 35.41 -5.88
N ARG A 233 11.94 36.42 -5.05
CA ARG A 233 11.82 36.30 -3.61
C ARG A 233 10.40 36.17 -3.12
N LYS A 234 9.42 36.54 -3.92
CA LYS A 234 8.03 36.65 -3.44
C LYS A 234 7.12 36.90 -4.62
N ALA A 235 5.81 36.74 -4.43
CA ALA A 235 4.82 36.92 -5.49
C ALA A 235 4.83 38.30 -6.13
N SER A 236 4.95 39.38 -5.35
CA SER A 236 4.93 40.70 -6.01
C SER A 236 6.07 40.83 -7.02
N ASP A 237 7.17 40.09 -6.82
CA ASP A 237 8.24 40.07 -7.82
C ASP A 237 7.75 39.51 -9.17
N VAL A 238 6.96 38.44 -9.12
CA VAL A 238 6.49 37.83 -10.32
C VAL A 238 5.51 38.80 -10.95
N HIS A 239 4.65 39.42 -10.14
CA HIS A 239 3.69 40.42 -10.66
C HIS A 239 4.39 41.56 -11.34
N GLU A 240 5.51 42.04 -10.80
CA GLU A 240 6.30 43.06 -11.51
C GLU A 240 6.75 42.56 -12.87
N VAL A 241 7.22 41.31 -12.96
CA VAL A 241 7.67 40.83 -14.27
C VAL A 241 6.43 40.82 -15.17
N ARG A 242 5.29 40.36 -14.67
CA ARG A 242 4.10 40.34 -15.55
C ARG A 242 3.70 41.72 -16.05
N LYS A 243 3.79 42.76 -15.20
CA LYS A 243 3.39 44.09 -15.64
C LYS A 243 4.24 44.58 -16.79
N VAL A 244 5.54 44.34 -16.74
CA VAL A 244 6.41 44.79 -17.83
C VAL A 244 6.06 44.15 -19.13
N LEU A 245 5.93 42.83 -19.09
CA LEU A 245 5.47 42.09 -20.25
C LEU A 245 4.13 42.63 -20.78
N GLY A 246 3.26 43.07 -19.90
CA GLY A 246 2.01 43.66 -20.33
C GLY A 246 1.08 42.81 -21.18
N GLU A 247 0.14 43.48 -21.83
CA GLU A 247 -0.87 42.85 -22.65
C GLU A 247 -0.17 42.16 -23.82
N LYS A 248 0.75 42.87 -24.44
CA LYS A 248 1.42 42.33 -25.59
C LYS A 248 2.15 41.02 -25.26
N GLY A 249 2.75 40.88 -24.06
CA GLY A 249 3.47 39.66 -23.71
C GLY A 249 2.72 38.74 -22.75
N LYS A 250 1.42 39.00 -22.55
CA LYS A 250 0.44 38.11 -21.93
C LYS A 250 0.74 36.61 -21.96
N ASN A 251 1.04 36.06 -23.11
CA ASN A 251 1.11 34.61 -23.23
C ASN A 251 2.52 34.08 -22.98
N ILE A 252 3.44 34.96 -22.54
CA ILE A 252 4.77 34.52 -22.37
C ILE A 252 4.82 33.79 -21.03
N LYS A 253 5.40 32.59 -20.97
CA LYS A 253 5.40 31.91 -19.66
C LYS A 253 6.46 32.46 -18.74
N ILE A 254 6.12 32.62 -17.47
CA ILE A 254 7.11 33.11 -16.52
C ILE A 254 7.46 31.96 -15.62
N ILE A 255 8.74 31.68 -15.61
CA ILE A 255 9.29 30.65 -14.77
C ILE A 255 10.11 31.35 -13.70
N SER A 256 9.73 31.15 -12.44
CA SER A 256 10.46 31.85 -11.42
C SER A 256 11.66 31.00 -11.01
N LYS A 257 12.85 31.62 -11.04
CA LYS A 257 14.04 31.05 -10.45
C LYS A 257 14.15 31.15 -8.91
N ILE A 258 14.15 30.00 -8.26
CA ILE A 258 14.29 30.01 -6.83
C ILE A 258 15.77 29.82 -6.54
N GLU A 259 16.38 30.83 -5.96
CA GLU A 259 17.81 30.80 -5.74
C GLU A 259 18.31 31.44 -4.46
N ASN A 260 17.41 31.69 -3.53
CA ASN A 260 17.83 32.23 -2.24
C ASN A 260 16.90 31.78 -1.14
N HIS A 261 17.29 32.06 0.09
CA HIS A 261 16.56 31.51 1.21
C HIS A 261 15.12 32.00 1.22
N GLU A 262 14.90 33.29 0.93
CA GLU A 262 13.53 33.84 0.95
C GLU A 262 12.65 33.19 -0.13
N GLY A 263 13.21 32.90 -1.31
CA GLY A 263 12.46 32.19 -2.36
C GLY A 263 11.97 30.81 -1.92
N VAL A 264 12.82 30.08 -1.22
CA VAL A 264 12.39 28.78 -0.72
C VAL A 264 11.28 29.01 0.33
N ARG A 265 11.48 30.02 1.18
CA ARG A 265 10.52 30.21 2.29
C ARG A 265 9.16 30.64 1.77
N ARG A 266 9.12 31.38 0.65
CA ARG A 266 7.87 31.91 0.21
C ARG A 266 7.44 31.19 -1.06
N PHE A 267 7.88 29.93 -1.12
CA PHE A 267 7.76 29.15 -2.30
C PHE A 267 6.29 29.06 -2.76
N ASP A 268 5.41 28.66 -1.84
CA ASP A 268 4.00 28.49 -2.18
C ASP A 268 3.44 29.75 -2.83
N GLU A 269 3.62 30.94 -2.25
CA GLU A 269 3.12 32.16 -2.93
C GLU A 269 3.71 32.38 -4.36
N ILE A 270 5.01 32.16 -4.51
CA ILE A 270 5.69 32.26 -5.78
C ILE A 270 5.12 31.27 -6.85
N LEU A 271 4.87 30.04 -6.41
CA LEU A 271 4.43 29.03 -7.33
C LEU A 271 3.06 29.40 -7.83
N GLU A 272 2.22 29.98 -6.96
CA GLU A 272 0.84 30.33 -7.33
C GLU A 272 0.81 31.42 -8.38
N ALA A 273 1.71 32.37 -8.24
CA ALA A 273 1.86 33.47 -9.18
C ALA A 273 2.55 33.06 -10.44
N SER A 274 3.28 31.93 -10.46
CA SER A 274 4.17 31.63 -11.62
C SER A 274 3.59 30.64 -12.58
N ASP A 275 4.19 30.52 -13.77
CA ASP A 275 3.76 29.49 -14.73
C ASP A 275 4.61 28.24 -14.57
N GLY A 276 5.74 28.34 -13.89
CA GLY A 276 6.53 27.18 -13.51
C GLY A 276 7.69 27.68 -12.64
N ILE A 277 8.61 26.78 -12.33
CA ILE A 277 9.69 27.06 -11.39
C ILE A 277 11.00 26.53 -11.97
N MET A 278 12.09 27.26 -11.76
CA MET A 278 13.37 26.64 -11.97
C MET A 278 14.09 26.50 -10.61
N VAL A 279 14.54 25.29 -10.32
CA VAL A 279 15.47 25.10 -9.21
C VAL A 279 16.90 25.52 -9.60
N ALA A 280 17.30 26.72 -9.23
CA ALA A 280 18.56 27.28 -9.72
C ALA A 280 19.64 27.02 -8.68
N ARG A 281 20.31 25.89 -8.82
CA ARG A 281 21.10 25.32 -7.74
C ARG A 281 22.37 26.06 -7.49
N GLY A 282 22.90 26.72 -8.51
CA GLY A 282 24.17 27.40 -8.38
C GLY A 282 24.11 28.44 -7.29
N ASP A 283 23.24 29.45 -7.43
CA ASP A 283 23.16 30.48 -6.44
C ASP A 283 22.54 29.93 -5.17
N LEU A 284 21.59 29.00 -5.32
CA LEU A 284 20.90 28.44 -4.16
C LEU A 284 21.84 27.75 -3.16
N GLY A 285 22.89 27.08 -3.65
CA GLY A 285 23.73 26.30 -2.76
C GLY A 285 24.85 27.17 -2.20
N ILE A 286 24.90 28.45 -2.59
CA ILE A 286 25.78 29.38 -1.95
C ILE A 286 25.00 30.21 -0.88
N GLU A 287 23.78 30.65 -1.23
CA GLU A 287 22.83 31.28 -0.34
C GLU A 287 22.42 30.41 0.83
N ILE A 288 22.15 29.12 0.63
CA ILE A 288 21.92 28.22 1.76
C ILE A 288 23.06 27.22 1.82
N PRO A 289 23.19 26.46 2.92
CA PRO A 289 24.29 25.44 2.94
C PRO A 289 24.16 24.38 1.83
N ALA A 290 25.28 24.09 1.15
CA ALA A 290 25.27 23.16 -0.01
C ALA A 290 24.68 21.78 0.32
N GLU A 291 24.89 21.28 1.54
CA GLU A 291 24.23 20.02 1.99
C GLU A 291 22.75 20.11 1.94
N LYS A 292 22.22 21.30 1.92
CA LYS A 292 20.75 21.36 2.01
C LYS A 292 20.07 21.38 0.62
N VAL A 293 20.82 21.64 -0.43
CA VAL A 293 20.18 21.90 -1.72
C VAL A 293 19.29 20.77 -2.18
N PHE A 294 19.71 19.51 -1.97
CA PHE A 294 18.91 18.39 -2.42
C PHE A 294 17.54 18.42 -1.74
N LEU A 295 17.48 18.83 -0.48
CA LEU A 295 16.18 18.99 0.18
C LEU A 295 15.28 19.99 -0.52
N ALA A 296 15.79 21.19 -0.85
CA ALA A 296 14.95 22.19 -1.53
C ALA A 296 14.52 21.70 -2.94
N GLN A 297 15.40 20.98 -3.62
CA GLN A 297 15.14 20.52 -4.98
C GLN A 297 13.94 19.57 -4.98
N LYS A 298 13.99 18.60 -4.06
CA LYS A 298 12.95 17.62 -3.91
C LYS A 298 11.65 18.21 -3.38
N MET A 299 11.72 19.15 -2.44
CA MET A 299 10.49 19.82 -2.05
C MET A 299 9.84 20.60 -3.21
N MET A 300 10.66 21.34 -3.97
CA MET A 300 10.13 22.09 -5.10
C MET A 300 9.57 21.17 -6.23
N ILE A 301 10.23 20.05 -6.51
CA ILE A 301 9.76 19.21 -7.59
C ILE A 301 8.44 18.57 -7.21
N GLY A 302 8.37 18.14 -5.94
CA GLY A 302 7.16 17.49 -5.38
C GLY A 302 5.97 18.44 -5.44
N ARG A 303 6.19 19.67 -4.98
CA ARG A 303 5.12 20.60 -4.92
C ARG A 303 4.72 21.07 -6.36
N CYS A 304 5.68 21.18 -7.27
CA CYS A 304 5.29 21.54 -8.63
C CYS A 304 4.53 20.41 -9.24
N ASN A 305 4.96 19.15 -8.99
CA ASN A 305 4.26 17.98 -9.55
C ASN A 305 2.78 17.93 -9.05
N ARG A 306 2.60 18.12 -7.74
CA ARG A 306 1.32 18.15 -7.04
C ARG A 306 0.45 19.34 -7.58
N ALA A 307 1.06 20.49 -7.90
CA ALA A 307 0.32 21.58 -8.53
C ALA A 307 0.14 21.37 -10.07
N GLY A 308 0.76 20.36 -10.70
CA GLY A 308 0.75 20.32 -12.17
C GLY A 308 1.42 21.48 -12.88
N LYS A 309 2.47 22.04 -12.29
CA LYS A 309 3.21 23.14 -12.97
C LYS A 309 4.62 22.72 -13.23
N PRO A 310 5.17 23.15 -14.37
CA PRO A 310 6.46 22.74 -14.85
C PRO A 310 7.54 23.01 -13.83
N VAL A 311 8.48 22.10 -13.71
CA VAL A 311 9.62 22.45 -12.89
C VAL A 311 10.94 22.02 -13.62
N ILE A 312 11.93 22.92 -13.55
CA ILE A 312 13.20 22.73 -14.17
C ILE A 312 14.29 22.55 -13.12
N CYS A 313 15.15 21.55 -13.34
CA CYS A 313 16.37 21.36 -12.54
C CYS A 313 17.57 21.91 -13.34
N ALA A 314 18.32 22.80 -12.68
CA ALA A 314 19.36 23.54 -13.35
C ALA A 314 20.70 23.46 -12.61
N THR A 315 21.77 23.64 -13.39
CA THR A 315 23.09 24.05 -12.91
C THR A 315 24.00 22.90 -12.51
N GLN A 316 25.11 22.80 -13.26
CA GLN A 316 26.18 21.83 -13.03
C GLN A 316 25.82 20.39 -13.18
N MET A 317 24.72 20.10 -13.90
CA MET A 317 24.29 18.72 -14.12
C MET A 317 25.34 17.86 -14.82
N LEU A 318 26.03 18.42 -15.85
CA LEU A 318 27.10 17.67 -16.54
C LEU A 318 28.34 18.52 -16.66
N GLU A 319 28.59 19.24 -15.57
CA GLU A 319 29.68 20.23 -15.50
C GLU A 319 31.04 19.80 -16.10
N SER A 320 31.58 18.66 -15.68
CA SER A 320 32.90 18.22 -16.10
C SER A 320 32.93 18.12 -17.61
N MET A 321 31.75 18.00 -18.23
CA MET A 321 31.71 17.91 -19.72
C MET A 321 32.02 19.24 -20.41
N ILE A 322 32.25 20.32 -19.67
CA ILE A 322 32.80 21.54 -20.30
C ILE A 322 34.21 21.29 -20.94
N LYS A 323 34.99 20.45 -20.28
CA LYS A 323 36.31 20.14 -20.79
C LYS A 323 36.50 18.66 -21.15
N LYS A 324 35.55 17.80 -20.79
CA LYS A 324 35.71 16.39 -21.06
C LYS A 324 34.56 15.78 -21.84
N PRO A 325 34.86 14.75 -22.66
CA PRO A 325 33.79 14.21 -23.52
C PRO A 325 32.83 13.22 -22.82
N ARG A 326 33.09 12.86 -21.55
CA ARG A 326 32.24 11.95 -20.76
C ARG A 326 32.04 12.66 -19.43
N PRO A 327 30.88 12.47 -18.76
CA PRO A 327 30.69 13.13 -17.48
C PRO A 327 31.19 12.24 -16.34
N THR A 328 31.36 12.81 -15.16
CA THR A 328 31.65 12.02 -13.97
C THR A 328 30.48 11.14 -13.57
N ARG A 329 30.71 10.21 -12.67
CA ARG A 329 29.67 9.32 -12.22
C ARG A 329 28.63 10.04 -11.38
N ALA A 330 29.08 11.05 -10.60
CA ALA A 330 28.15 11.96 -9.87
C ALA A 330 27.20 12.75 -10.83
N GLU A 331 27.74 13.19 -11.96
CA GLU A 331 26.97 13.89 -12.96
C GLU A 331 25.85 13.04 -13.59
N GLY A 332 26.18 11.80 -14.03
CA GLY A 332 25.21 10.82 -14.56
C GLY A 332 24.11 10.51 -13.55
N SER A 333 24.53 10.30 -12.32
CA SER A 333 23.61 10.08 -11.19
C SER A 333 22.63 11.25 -10.92
N ASP A 334 23.17 12.47 -10.92
CA ASP A 334 22.43 13.68 -10.72
C ASP A 334 21.31 13.81 -11.80
N VAL A 335 21.66 13.67 -13.08
CA VAL A 335 20.64 13.70 -14.10
C VAL A 335 19.54 12.64 -13.89
N ALA A 336 19.94 11.38 -13.67
CA ALA A 336 18.93 10.38 -13.44
C ALA A 336 18.04 10.74 -12.27
N ASN A 337 18.64 11.25 -11.20
CA ASN A 337 17.86 11.47 -9.99
C ASN A 337 16.92 12.62 -10.10
N ALA A 338 17.32 13.62 -10.88
CA ALA A 338 16.42 14.71 -11.17
C ALA A 338 15.16 14.24 -11.91
N VAL A 339 15.34 13.34 -12.88
CA VAL A 339 14.22 12.80 -13.66
C VAL A 339 13.38 11.90 -12.71
N LEU A 340 14.05 11.04 -11.93
CA LEU A 340 13.36 10.22 -10.95
C LEU A 340 12.61 11.07 -9.91
N ASP A 341 13.21 12.13 -9.36
CA ASP A 341 12.45 13.07 -8.50
C ASP A 341 11.08 13.54 -9.11
N GLY A 342 10.98 13.66 -10.45
CA GLY A 342 9.81 14.28 -11.09
C GLY A 342 10.05 15.57 -11.92
N ALA A 343 11.31 15.91 -12.22
CA ALA A 343 11.56 17.15 -12.93
C ALA A 343 10.98 17.13 -14.37
N ASP A 344 10.32 18.20 -14.78
CA ASP A 344 9.82 18.24 -16.19
C ASP A 344 10.89 18.38 -17.27
N CYS A 345 11.87 19.27 -17.01
CA CYS A 345 13.00 19.55 -17.88
C CYS A 345 14.30 19.56 -17.08
N ILE A 346 15.37 19.31 -17.82
CA ILE A 346 16.72 19.48 -17.32
C ILE A 346 17.47 20.49 -18.18
N MET A 347 18.52 21.05 -17.61
CA MET A 347 19.15 22.21 -18.21
C MET A 347 20.65 22.02 -18.26
N LEU A 348 21.26 22.67 -19.23
CA LEU A 348 22.68 22.70 -19.41
C LEU A 348 23.02 24.17 -19.47
N SER A 349 24.14 24.52 -18.84
CA SER A 349 24.61 25.90 -18.88
C SER A 349 25.92 26.02 -19.66
N GLY A 350 27.02 26.21 -18.93
CA GLY A 350 28.34 26.29 -19.54
C GLY A 350 28.60 25.11 -20.47
N GLU A 351 27.95 23.99 -20.21
CA GLU A 351 28.32 22.85 -20.99
C GLU A 351 27.88 22.95 -22.45
N THR A 352 26.85 23.75 -22.72
CA THR A 352 26.48 24.02 -24.09
C THR A 352 26.78 25.46 -24.47
N ALA A 353 26.84 26.38 -23.51
CA ALA A 353 27.20 27.79 -23.79
C ALA A 353 28.67 28.04 -24.22
N LYS A 354 29.62 27.36 -23.57
CA LYS A 354 31.02 27.63 -23.70
C LYS A 354 31.96 26.41 -23.76
N GLY A 355 31.49 25.19 -23.58
CA GLY A 355 32.44 24.09 -23.48
C GLY A 355 32.83 23.40 -24.78
N ASP A 356 33.68 22.40 -24.66
CA ASP A 356 34.30 21.83 -25.81
C ASP A 356 33.39 20.75 -26.39
N TYR A 357 32.32 20.38 -25.69
CA TYR A 357 31.56 19.19 -26.09
C TYR A 357 30.06 19.35 -25.96
N PRO A 358 29.52 20.45 -26.51
CA PRO A 358 28.10 20.77 -26.36
C PRO A 358 27.13 19.70 -26.88
N LEU A 359 27.46 19.14 -28.03
CA LEU A 359 26.68 18.08 -28.64
C LEU A 359 26.71 16.85 -27.76
N GLU A 360 27.86 16.49 -27.22
CA GLU A 360 27.89 15.31 -26.35
C GLU A 360 27.13 15.55 -25.06
N ALA A 361 27.15 16.79 -24.55
CA ALA A 361 26.39 17.10 -23.34
C ALA A 361 24.90 16.93 -23.60
N VAL A 362 24.41 17.43 -24.75
CA VAL A 362 22.97 17.22 -25.08
C VAL A 362 22.60 15.74 -25.15
N ARG A 363 23.40 14.97 -25.90
CA ARG A 363 23.20 13.55 -26.11
C ARG A 363 23.18 12.77 -24.83
N MET A 364 24.13 13.10 -23.94
CA MET A 364 24.20 12.42 -22.68
C MET A 364 22.91 12.63 -21.88
N GLN A 365 22.45 13.89 -21.81
CA GLN A 365 21.20 14.23 -21.13
C GLN A 365 20.03 13.50 -21.67
N HIS A 366 19.90 13.50 -22.99
CA HIS A 366 18.95 12.66 -23.69
C HIS A 366 19.09 11.16 -23.32
N LEU A 367 20.30 10.62 -23.31
CA LEU A 367 20.47 9.21 -22.99
C LEU A 367 20.05 8.88 -21.55
N ILE A 368 20.45 9.71 -20.59
CA ILE A 368 20.19 9.37 -19.20
C ILE A 368 18.70 9.51 -18.94
N ALA A 369 18.12 10.65 -19.39
CA ALA A 369 16.67 10.93 -19.16
C ALA A 369 15.83 9.77 -19.54
N ARG A 370 16.17 9.19 -20.67
CA ARG A 370 15.31 8.20 -21.20
C ARG A 370 15.47 6.89 -20.38
N GLU A 371 16.69 6.61 -19.96
CA GLU A 371 16.98 5.48 -19.10
C GLU A 371 16.23 5.65 -17.75
N ALA A 372 16.25 6.85 -17.22
CA ALA A 372 15.63 7.15 -15.93
C ALA A 372 14.13 7.09 -15.99
N GLU A 373 13.55 7.57 -17.09
CA GLU A 373 12.11 7.41 -17.32
C GLU A 373 11.63 5.94 -17.29
N ALA A 374 12.43 5.00 -17.77
CA ALA A 374 11.99 3.59 -17.68
C ALA A 374 12.03 3.07 -16.25
N ALA A 375 12.90 3.65 -15.43
CA ALA A 375 13.09 3.25 -14.04
C ALA A 375 12.06 3.86 -13.06
N ILE A 376 11.31 4.88 -13.43
CA ILE A 376 10.27 5.39 -12.54
C ILE A 376 9.30 4.30 -12.02
N TYR A 377 8.92 4.44 -10.74
CA TYR A 377 7.98 3.50 -10.11
C TYR A 377 6.52 3.98 -10.33
N TYR A 378 6.06 3.76 -11.55
CA TYR A 378 4.82 4.39 -12.04
C TYR A 378 3.63 3.98 -11.24
N LEU A 379 3.70 2.75 -10.74
CA LEU A 379 2.64 2.14 -9.96
C LEU A 379 2.42 2.98 -8.71
N GLN A 380 3.50 3.33 -8.00
CA GLN A 380 3.29 4.20 -6.86
C GLN A 380 2.97 5.66 -7.28
N LEU A 381 3.71 6.20 -8.24
CA LEU A 381 3.58 7.62 -8.58
C LEU A 381 2.13 7.95 -9.01
N PHE A 382 1.57 7.06 -9.81
CA PHE A 382 0.23 7.28 -10.34
C PHE A 382 -0.83 7.22 -9.24
N GLU A 383 -0.71 6.18 -8.39
CA GLU A 383 -1.53 6.07 -7.19
C GLU A 383 -1.45 7.34 -6.37
N GLU A 384 -0.23 7.82 -6.10
CA GLU A 384 -0.11 9.02 -5.29
C GLU A 384 -0.68 10.26 -5.95
N LEU A 385 -0.36 10.48 -7.24
CA LEU A 385 -0.95 11.62 -7.99
C LEU A 385 -2.47 11.57 -8.04
N ARG A 386 -3.04 10.38 -8.13
CA ARG A 386 -4.50 10.34 -8.08
C ARG A 386 -5.11 10.63 -6.70
N ARG A 387 -4.47 10.09 -5.66
CA ARG A 387 -4.89 10.35 -4.29
C ARG A 387 -4.72 11.81 -3.89
N LEU A 388 -3.62 12.45 -4.27
CA LEU A 388 -3.44 13.88 -3.94
C LEU A 388 -4.27 14.83 -4.81
N ALA A 389 -4.77 14.39 -5.95
CA ALA A 389 -5.65 15.25 -6.71
C ALA A 389 -7.03 15.15 -6.03
N PRO A 390 -7.87 16.20 -6.16
CA PRO A 390 -9.23 16.14 -5.61
C PRO A 390 -10.13 15.11 -6.33
N ILE A 391 -11.05 14.46 -5.61
CA ILE A 391 -12.05 13.55 -6.23
C ILE A 391 -13.20 14.41 -6.77
N THR A 392 -12.84 15.62 -7.20
CA THR A 392 -13.77 16.62 -7.72
C THR A 392 -13.83 16.55 -9.25
N SER A 393 -13.69 17.68 -9.96
CA SER A 393 -13.64 17.71 -11.44
C SER A 393 -15.01 17.36 -12.09
N ASP A 394 -15.41 18.00 -13.20
CA ASP A 394 -14.55 18.49 -14.29
C ASP A 394 -14.23 17.28 -15.13
N PRO A 395 -15.07 17.06 -16.12
CA PRO A 395 -14.98 16.06 -17.15
C PRO A 395 -13.61 16.04 -17.84
N THR A 396 -12.94 17.20 -17.95
CA THR A 396 -11.68 17.20 -18.69
C THR A 396 -10.58 16.53 -17.86
N GLU A 397 -10.62 16.68 -16.55
CA GLU A 397 -9.61 16.11 -15.71
C GLU A 397 -9.84 14.61 -15.58
N ALA A 398 -11.11 14.23 -15.50
CA ALA A 398 -11.52 12.83 -15.49
C ALA A 398 -11.11 12.07 -16.75
N THR A 399 -11.29 12.69 -17.91
CA THR A 399 -10.93 12.07 -19.18
C THR A 399 -9.40 11.87 -19.23
N ALA A 400 -8.65 12.81 -18.65
CA ALA A 400 -7.22 12.79 -18.81
C ALA A 400 -6.67 11.68 -17.91
N VAL A 401 -7.21 11.60 -16.70
CA VAL A 401 -6.82 10.53 -15.82
C VAL A 401 -7.30 9.18 -16.35
N GLY A 402 -8.51 9.10 -16.91
CA GLY A 402 -8.93 7.87 -17.62
C GLY A 402 -8.02 7.49 -18.78
N ALA A 403 -7.54 8.50 -19.52
CA ALA A 403 -6.63 8.26 -20.64
C ALA A 403 -5.32 7.67 -20.14
N VAL A 404 -4.83 8.15 -18.98
CA VAL A 404 -3.50 7.78 -18.55
C VAL A 404 -3.53 6.33 -18.04
N GLU A 405 -4.65 6.03 -17.38
CA GLU A 405 -4.97 4.67 -16.98
C GLU A 405 -5.09 3.67 -18.17
N ALA A 406 -5.88 4.01 -19.19
CA ALA A 406 -5.93 3.16 -20.35
C ALA A 406 -4.54 2.98 -20.88
N SER A 407 -3.68 4.01 -20.73
CA SER A 407 -2.41 3.95 -21.42
C SER A 407 -1.50 2.95 -20.77
N PHE A 408 -1.61 2.81 -19.47
CA PHE A 408 -0.84 1.77 -18.78
C PHE A 408 -1.42 0.38 -19.09
N LYS A 409 -2.74 0.28 -19.14
CA LYS A 409 -3.40 -0.99 -19.27
C LYS A 409 -2.97 -1.66 -20.56
N CYS A 410 -2.64 -0.87 -21.59
CA CYS A 410 -2.32 -1.47 -22.87
C CYS A 410 -0.93 -1.17 -23.39
N CYS A 411 -0.05 -0.61 -22.56
CA CYS A 411 1.29 -0.13 -22.99
C CYS A 411 1.17 0.58 -24.31
N SER A 412 0.32 1.57 -24.28
CA SER A 412 0.07 2.43 -25.39
C SER A 412 1.38 2.98 -26.00
N GLY A 413 1.39 3.20 -27.31
CA GLY A 413 2.55 3.78 -27.98
C GLY A 413 2.66 5.27 -27.74
N ALA A 414 1.50 5.87 -27.43
CA ALA A 414 1.42 7.30 -27.22
C ALA A 414 0.01 7.65 -26.76
N ILE A 415 -0.11 8.84 -26.18
CA ILE A 415 -1.38 9.48 -26.03
C ILE A 415 -1.32 10.71 -26.96
N ILE A 416 -2.19 10.69 -27.97
CA ILE A 416 -2.36 11.79 -28.88
C ILE A 416 -3.41 12.77 -28.35
N VAL A 417 -3.04 14.03 -28.21
CA VAL A 417 -3.91 15.05 -27.71
C VAL A 417 -3.97 16.23 -28.69
N LEU A 418 -5.16 16.65 -29.04
CA LEU A 418 -5.38 17.80 -29.92
C LEU A 418 -5.59 19.00 -29.05
N THR A 419 -4.80 20.07 -29.20
CA THR A 419 -4.94 21.18 -28.26
C THR A 419 -4.64 22.52 -28.97
N LYS A 420 -5.39 23.57 -28.66
CA LYS A 420 -5.08 24.88 -29.22
C LYS A 420 -4.11 25.58 -28.33
N SER A 421 -4.35 25.58 -27.05
CA SER A 421 -3.56 26.45 -26.18
C SER A 421 -2.55 25.62 -25.35
N GLY A 422 -2.66 24.27 -25.38
CA GLY A 422 -1.75 23.36 -24.68
C GLY A 422 -2.41 22.68 -23.47
N ARG A 423 -3.46 23.32 -22.96
CA ARG A 423 -3.99 22.99 -21.69
C ARG A 423 -4.30 21.51 -21.54
N SER A 424 -5.06 20.93 -22.46
CA SER A 424 -5.41 19.51 -22.39
C SER A 424 -4.23 18.59 -22.37
N ALA A 425 -3.11 18.99 -23.02
CA ALA A 425 -1.88 18.15 -23.04
C ALA A 425 -1.19 18.33 -21.69
N HIS A 426 -1.20 19.57 -21.20
CA HIS A 426 -0.76 19.86 -19.83
C HIS A 426 -1.44 18.94 -18.80
N GLN A 427 -2.75 18.76 -18.94
CA GLN A 427 -3.51 17.98 -17.98
C GLN A 427 -3.11 16.53 -17.93
N VAL A 428 -2.79 15.99 -19.10
CA VAL A 428 -2.36 14.62 -19.21
C VAL A 428 -0.97 14.52 -18.61
N ALA A 429 -0.10 15.49 -18.91
CA ALA A 429 1.26 15.49 -18.34
C ALA A 429 1.26 15.41 -16.81
N ARG A 430 0.32 16.09 -16.16
CA ARG A 430 0.45 16.18 -14.72
C ARG A 430 0.25 14.82 -14.05
N TYR A 431 -0.35 13.86 -14.79
CA TYR A 431 -0.57 12.47 -14.27
C TYR A 431 0.51 11.43 -14.64
N ARG A 432 1.51 11.93 -15.36
CA ARG A 432 2.78 11.25 -15.58
C ARG A 432 2.65 9.91 -16.22
N PRO A 433 2.00 9.85 -17.39
CA PRO A 433 2.02 8.55 -18.07
C PRO A 433 3.42 8.18 -18.44
N ARG A 434 3.72 6.90 -18.69
CA ARG A 434 5.00 6.62 -19.28
C ARG A 434 5.05 6.83 -20.80
N ALA A 435 3.94 6.55 -21.48
CA ALA A 435 3.89 6.75 -22.92
C ALA A 435 4.03 8.27 -23.23
N PRO A 436 4.73 8.63 -24.35
CA PRO A 436 4.83 10.03 -24.75
C PRO A 436 3.45 10.63 -25.13
N ILE A 437 3.31 11.92 -24.99
CA ILE A 437 2.04 12.58 -25.23
C ILE A 437 2.32 13.37 -26.47
N ILE A 438 1.79 12.96 -27.60
CA ILE A 438 1.98 13.73 -28.81
C ILE A 438 0.88 14.79 -28.88
N ALA A 439 1.21 16.04 -28.66
CA ALA A 439 0.23 17.09 -28.62
C ALA A 439 0.18 17.71 -30.00
N VAL A 440 -0.96 17.60 -30.70
CA VAL A 440 -1.09 18.21 -32.02
C VAL A 440 -1.76 19.56 -31.93
N THR A 441 -1.09 20.56 -32.50
CA THR A 441 -1.55 21.94 -32.46
C THR A 441 -1.25 22.68 -33.75
N ARG A 442 -2.02 23.72 -34.08
CA ARG A 442 -1.73 24.60 -35.17
C ARG A 442 -1.18 25.89 -34.59
N ASN A 443 -1.12 26.03 -33.28
CA ASN A 443 -0.58 27.26 -32.75
C ASN A 443 0.94 27.12 -32.49
N PRO A 444 1.78 27.87 -33.21
CA PRO A 444 3.23 27.62 -33.06
C PRO A 444 3.79 27.97 -31.71
N GLN A 445 3.16 28.90 -31.01
CA GLN A 445 3.64 29.23 -29.69
C GLN A 445 3.28 28.12 -28.68
N THR A 446 2.07 27.59 -28.81
CA THR A 446 1.66 26.41 -28.05
C THR A 446 2.67 25.27 -28.25
N ALA A 447 3.03 24.98 -29.49
CA ALA A 447 3.96 23.89 -29.76
C ALA A 447 5.32 24.14 -29.07
N ARG A 448 5.84 25.36 -29.14
CA ARG A 448 7.12 25.66 -28.48
C ARG A 448 7.04 25.60 -26.92
N GLN A 449 5.94 26.07 -26.34
CA GLN A 449 5.86 26.14 -24.89
C GLN A 449 5.58 24.77 -24.26
N ALA A 450 5.05 23.86 -25.05
CA ALA A 450 4.75 22.51 -24.62
C ALA A 450 5.99 21.79 -24.03
N HIS A 451 7.20 22.17 -24.45
CA HIS A 451 8.39 21.47 -23.97
C HIS A 451 8.60 21.63 -22.49
N LEU A 452 7.94 22.62 -21.90
CA LEU A 452 8.01 22.74 -20.42
C LEU A 452 7.42 21.56 -19.63
N TYR A 453 6.62 20.72 -20.28
CA TYR A 453 5.92 19.67 -19.57
C TYR A 453 6.47 18.31 -19.86
N ARG A 454 6.70 17.52 -18.80
CA ARG A 454 7.25 16.18 -19.00
C ARG A 454 6.39 15.39 -19.95
N GLY A 455 7.01 14.68 -20.90
CA GLY A 455 6.29 13.75 -21.76
C GLY A 455 5.63 14.41 -22.99
N ILE A 456 5.50 15.73 -23.03
CA ILE A 456 4.75 16.29 -24.19
C ILE A 456 5.71 16.46 -25.33
N PHE A 457 5.52 15.67 -26.37
CA PHE A 457 6.27 15.78 -27.63
C PHE A 457 5.41 16.64 -28.63
N PRO A 458 5.59 17.98 -28.65
CA PRO A 458 4.71 18.78 -29.53
C PRO A 458 4.88 18.56 -31.07
N VAL A 459 3.79 18.68 -31.80
CA VAL A 459 3.84 18.47 -33.21
C VAL A 459 2.95 19.54 -33.82
N LEU A 460 3.54 20.31 -34.73
CA LEU A 460 2.93 21.54 -35.27
C LEU A 460 2.29 21.23 -36.59
N CYS A 461 0.97 21.28 -36.62
CA CYS A 461 0.24 20.96 -37.86
C CYS A 461 0.07 22.23 -38.69
N LYS A 462 0.51 22.16 -39.95
CA LYS A 462 0.50 23.34 -40.84
C LYS A 462 -0.61 23.35 -41.88
N ASP A 463 -1.29 22.22 -42.06
CA ASP A 463 -2.39 22.10 -43.02
C ASP A 463 -3.55 23.02 -42.68
N PRO A 464 -4.28 23.48 -43.70
CA PRO A 464 -5.43 24.33 -43.42
C PRO A 464 -6.56 23.53 -42.77
N VAL A 465 -7.49 24.25 -42.16
CA VAL A 465 -8.64 23.63 -41.49
C VAL A 465 -9.54 23.02 -42.53
N GLN A 466 -9.84 21.72 -42.41
CA GLN A 466 -10.69 21.04 -43.39
C GLN A 466 -12.15 21.43 -43.28
N GLU A 467 -12.90 21.15 -44.34
CA GLU A 467 -14.31 21.57 -44.37
C GLU A 467 -15.20 20.91 -43.27
N ALA A 468 -15.09 19.60 -43.07
CA ALA A 468 -15.81 18.94 -41.93
C ALA A 468 -14.89 18.75 -40.72
N TRP A 469 -15.42 19.09 -39.55
CA TRP A 469 -14.70 18.92 -38.31
C TRP A 469 -14.13 17.52 -38.15
N ALA A 470 -14.92 16.52 -38.51
CA ALA A 470 -14.52 15.15 -38.27
C ALA A 470 -13.31 14.78 -39.13
N GLU A 471 -13.25 15.30 -40.34
CA GLU A 471 -12.09 15.09 -41.16
C GLU A 471 -10.90 15.94 -40.68
N ASP A 472 -11.19 17.09 -40.07
CA ASP A 472 -10.13 17.93 -39.51
C ASP A 472 -9.44 17.24 -38.33
N VAL A 473 -10.23 16.46 -37.59
CA VAL A 473 -9.76 15.72 -36.45
C VAL A 473 -8.88 14.61 -36.96
N ASP A 474 -9.39 13.83 -37.91
CA ASP A 474 -8.61 12.71 -38.47
C ASP A 474 -7.32 13.10 -39.15
N LEU A 475 -7.33 14.22 -39.86
CA LEU A 475 -6.13 14.72 -40.43
C LEU A 475 -5.07 14.86 -39.31
N ARG A 476 -5.39 15.60 -38.25
CA ARG A 476 -4.46 15.88 -37.16
C ARG A 476 -4.04 14.61 -36.40
N VAL A 477 -4.99 13.70 -36.15
CA VAL A 477 -4.70 12.40 -35.54
C VAL A 477 -3.70 11.58 -36.37
N ASN A 478 -3.97 11.55 -37.67
CA ASN A 478 -3.19 10.73 -38.60
C ASN A 478 -1.75 11.28 -38.75
N PHE A 479 -1.66 12.59 -38.70
CA PHE A 479 -0.41 13.29 -38.67
C PHE A 479 0.40 12.85 -37.40
N ALA A 480 -0.26 12.82 -36.23
CA ALA A 480 0.41 12.32 -35.05
C ALA A 480 0.91 10.90 -35.27
N MET A 481 0.04 10.05 -35.82
CA MET A 481 0.42 8.68 -36.15
C MET A 481 1.70 8.61 -36.99
N ASN A 482 1.77 9.41 -38.06
CA ASN A 482 2.94 9.36 -38.94
C ASN A 482 4.23 9.81 -38.23
N VAL A 483 4.12 10.80 -37.35
CA VAL A 483 5.29 11.32 -36.64
C VAL A 483 5.72 10.20 -35.72
N GLY A 484 4.77 9.57 -35.05
CA GLY A 484 5.14 8.52 -34.10
C GLY A 484 5.86 7.39 -34.83
N LYS A 485 5.31 7.02 -35.99
CA LYS A 485 5.90 5.95 -36.74
C LYS A 485 7.24 6.32 -37.25
N ALA A 486 7.36 7.52 -37.76
CA ALA A 486 8.66 7.90 -38.33
C ALA A 486 9.73 7.93 -37.23
N ARG A 487 9.33 8.16 -35.98
CA ARG A 487 10.31 8.36 -34.90
C ARG A 487 10.61 7.07 -34.18
N GLY A 488 9.86 5.99 -34.46
CA GLY A 488 10.11 4.71 -33.79
C GLY A 488 9.38 4.59 -32.46
N PHE A 489 8.42 5.49 -32.15
CA PHE A 489 7.67 5.39 -30.94
C PHE A 489 6.73 4.16 -30.97
N PHE A 490 6.23 3.77 -32.14
CA PHE A 490 5.28 2.66 -32.28
C PHE A 490 5.12 2.30 -33.77
N LYS A 491 4.37 1.22 -34.07
CA LYS A 491 4.19 0.67 -35.45
C LYS A 491 2.73 0.24 -35.66
N LYS A 492 2.39 -0.07 -36.92
CA LYS A 492 1.12 -0.59 -37.42
C LYS A 492 0.28 -1.35 -36.41
N GLY A 493 0.86 -2.34 -35.75
CA GLY A 493 0.00 -3.13 -34.87
C GLY A 493 -0.36 -2.55 -33.51
N ASP A 494 0.32 -1.48 -33.11
CA ASP A 494 0.22 -0.97 -31.73
C ASP A 494 -1.07 -0.18 -31.48
N VAL A 495 -1.35 0.10 -30.22
CA VAL A 495 -2.47 0.91 -29.89
C VAL A 495 -2.03 2.26 -29.32
N VAL A 496 -2.72 3.31 -29.73
CA VAL A 496 -2.56 4.62 -29.16
C VAL A 496 -3.88 5.09 -28.56
N ILE A 497 -3.78 6.08 -27.67
CA ILE A 497 -4.92 6.70 -27.01
C ILE A 497 -5.04 8.09 -27.64
N VAL A 498 -6.23 8.51 -27.99
CA VAL A 498 -6.43 9.78 -28.67
C VAL A 498 -7.42 10.54 -27.85
N LEU A 499 -7.10 11.79 -27.50
CA LEU A 499 -7.99 12.63 -26.71
C LEU A 499 -8.47 13.84 -27.53
N THR A 500 -9.73 14.22 -27.36
CA THR A 500 -10.48 15.11 -28.27
C THR A 500 -11.65 15.79 -27.53
N GLY A 501 -12.08 16.99 -28.00
CA GLY A 501 -13.32 17.65 -27.56
C GLY A 501 -14.52 16.96 -28.22
N TRP A 502 -15.75 17.16 -27.71
CA TRP A 502 -16.95 16.56 -28.38
C TRP A 502 -17.48 17.42 -29.49
N ARG A 503 -17.39 18.73 -29.33
CA ARG A 503 -17.88 19.67 -30.30
C ARG A 503 -16.69 20.30 -30.97
N PRO A 504 -16.89 20.92 -32.16
CA PRO A 504 -15.77 21.56 -32.90
C PRO A 504 -14.91 22.52 -32.07
N GLY A 505 -15.16 22.59 -30.78
CA GLY A 505 -14.54 23.58 -29.92
C GLY A 505 -13.04 23.58 -29.67
N SER A 506 -12.70 24.05 -28.49
CA SER A 506 -11.33 24.05 -27.99
C SER A 506 -11.38 23.08 -26.79
N GLY A 507 -11.28 23.66 -25.60
CA GLY A 507 -11.21 22.92 -24.36
C GLY A 507 -12.49 22.21 -24.14
N PHE A 508 -12.50 21.44 -23.06
CA PHE A 508 -13.55 20.45 -22.85
C PHE A 508 -13.26 19.17 -23.64
N THR A 509 -12.06 18.71 -23.38
CA THR A 509 -11.50 17.52 -23.92
C THR A 509 -12.03 16.41 -23.05
N ASN A 510 -13.09 15.77 -23.58
CA ASN A 510 -13.93 14.89 -22.79
C ASN A 510 -14.11 13.56 -23.54
N THR A 511 -13.32 13.33 -24.58
CA THR A 511 -13.52 12.18 -25.45
C THR A 511 -12.22 11.46 -25.58
N MET A 512 -12.25 10.16 -25.28
CA MET A 512 -11.07 9.32 -25.37
C MET A 512 -11.30 8.10 -26.24
N ARG A 513 -10.42 7.85 -27.19
CA ARG A 513 -10.60 6.70 -28.06
C ARG A 513 -9.33 5.89 -28.07
N VAL A 514 -9.46 4.57 -27.99
CA VAL A 514 -8.33 3.69 -28.03
C VAL A 514 -8.31 3.07 -29.40
N VAL A 515 -7.27 3.42 -30.16
CA VAL A 515 -7.20 3.08 -31.59
C VAL A 515 -5.93 2.35 -32.01
N PRO A 516 -6.06 1.31 -32.83
CA PRO A 516 -4.83 0.66 -33.36
C PRO A 516 -4.14 1.58 -34.38
N VAL A 517 -2.85 1.50 -34.56
CA VAL A 517 -2.33 2.40 -35.55
C VAL A 517 -2.45 1.73 -36.93
N PRO A 518 -2.90 2.50 -37.95
CA PRO A 518 -2.86 1.92 -39.29
C PRO A 518 -1.40 1.57 -39.64
N GLN B 1 10.01 22.70 13.66
CA GLN B 1 10.13 21.21 13.71
C GLN B 1 11.54 20.78 13.28
N THR B 2 12.05 19.71 13.87
CA THR B 2 13.39 19.21 13.57
C THR B 2 13.31 17.78 12.96
N GLN B 3 14.45 17.25 12.50
CA GLN B 3 14.56 15.88 11.92
C GLN B 3 13.60 15.55 10.74
N GLN B 4 13.18 16.56 9.99
CA GLN B 4 12.06 16.41 9.03
C GLN B 4 10.87 15.62 9.64
N LEU B 5 10.52 16.00 10.88
CA LEU B 5 9.42 15.38 11.62
C LEU B 5 8.09 15.51 10.84
N HIS B 6 7.80 16.72 10.34
CA HIS B 6 6.59 16.95 9.55
C HIS B 6 6.48 16.00 8.32
N ALA B 7 7.61 15.79 7.62
CA ALA B 7 7.69 14.95 6.39
C ALA B 7 7.63 13.45 6.66
N ALA B 8 8.21 13.04 7.79
CA ALA B 8 8.26 11.64 8.25
C ALA B 8 6.85 11.04 8.36
N MET B 9 5.88 11.91 8.69
CA MET B 9 4.51 11.52 8.98
C MET B 9 3.54 11.58 7.79
N ALA B 10 4.03 11.87 6.58
CA ALA B 10 3.17 11.94 5.39
C ALA B 10 2.70 10.57 4.92
N ASP B 11 1.46 10.52 4.43
CA ASP B 11 0.83 9.26 4.01
C ASP B 11 1.30 8.87 2.64
N THR B 12 1.99 9.77 1.92
CA THR B 12 2.53 9.41 0.62
C THR B 12 3.98 9.84 0.46
N PHE B 13 4.68 9.18 -0.44
CA PHE B 13 6.04 9.55 -0.70
C PHE B 13 6.07 10.94 -1.32
N LEU B 14 5.19 11.17 -2.31
CA LEU B 14 4.94 12.49 -2.86
C LEU B 14 4.78 13.54 -1.76
N GLU B 15 3.83 13.36 -0.83
CA GLU B 15 3.61 14.37 0.23
C GLU B 15 4.86 14.54 1.13
N HIS B 16 5.58 13.43 1.34
CA HIS B 16 6.81 13.42 2.09
C HIS B 16 7.80 14.42 1.47
N MET B 17 7.91 14.39 0.14
CA MET B 17 8.86 15.23 -0.57
C MET B 17 8.43 16.64 -0.43
N CYS B 18 7.13 16.88 -0.59
CA CYS B 18 6.60 18.26 -0.44
C CYS B 18 6.94 18.91 0.91
N ARG B 19 7.18 18.08 1.92
CA ARG B 19 7.31 18.56 3.29
C ARG B 19 8.77 18.68 3.73
N LEU B 20 9.68 18.29 2.86
CA LEU B 20 11.08 18.46 3.15
C LEU B 20 11.39 19.95 3.46
N ASP B 21 12.14 20.21 4.52
CA ASP B 21 12.29 21.54 5.00
C ASP B 21 13.74 21.84 5.31
N ILE B 22 14.32 22.63 4.43
CA ILE B 22 15.61 23.31 4.59
C ILE B 22 15.97 23.88 5.99
N ASP B 23 14.99 24.40 6.73
CA ASP B 23 15.32 24.94 8.05
C ASP B 23 15.05 23.95 9.21
N SER B 24 14.82 22.67 8.91
CA SER B 24 14.62 21.68 9.95
C SER B 24 15.95 20.93 10.21
N PRO B 25 16.65 21.25 11.32
CA PRO B 25 17.99 20.63 11.52
C PRO B 25 17.91 19.14 11.81
N PRO B 26 18.89 18.38 11.33
CA PRO B 26 18.95 16.93 11.60
C PRO B 26 19.34 16.57 13.03
N ILE B 27 19.23 15.29 13.40
CA ILE B 27 19.81 14.87 14.72
C ILE B 27 21.33 14.93 14.66
N THR B 28 21.99 15.01 15.82
CA THR B 28 23.48 14.98 15.86
C THR B 28 24.08 13.75 15.19
N ALA B 29 23.51 12.59 15.41
CA ALA B 29 24.19 11.38 15.01
C ALA B 29 24.25 11.27 13.46
N ARG B 30 25.33 10.75 12.91
CA ARG B 30 25.39 10.49 11.46
C ARG B 30 25.54 8.98 11.23
N ASN B 31 24.70 8.39 10.39
CA ASN B 31 24.63 6.93 10.31
C ASN B 31 25.53 6.24 9.27
N THR B 32 25.75 6.91 8.15
CA THR B 32 26.39 6.36 6.97
C THR B 32 27.89 6.43 7.20
N GLY B 33 28.57 5.28 7.04
CA GLY B 33 30.02 5.25 7.20
C GLY B 33 30.76 6.01 6.11
N ILE B 34 31.91 6.60 6.47
CA ILE B 34 32.71 7.33 5.51
C ILE B 34 34.06 6.64 5.42
N ILE B 35 34.37 6.23 4.19
CA ILE B 35 35.61 5.58 3.81
C ILE B 35 36.50 6.56 3.05
N CYS B 36 37.77 6.71 3.42
CA CYS B 36 38.67 7.63 2.72
C CYS B 36 39.92 6.92 2.28
N THR B 37 40.29 7.20 1.04
CA THR B 37 41.46 6.65 0.39
C THR B 37 42.60 7.53 0.84
N ILE B 38 43.62 6.89 1.38
CA ILE B 38 44.75 7.60 1.92
C ILE B 38 45.87 7.63 0.88
N GLY B 39 46.48 8.79 0.63
CA GLY B 39 47.59 8.88 -0.32
C GLY B 39 48.45 10.07 0.07
N PRO B 40 49.22 10.62 -0.88
CA PRO B 40 50.15 11.68 -0.49
C PRO B 40 49.48 12.87 0.17
N ALA B 41 48.21 13.17 -0.11
CA ALA B 41 47.63 14.39 0.52
C ALA B 41 47.13 14.19 1.94
N SER B 42 47.00 12.94 2.37
CA SER B 42 46.31 12.68 3.64
C SER B 42 47.07 11.72 4.56
N ARG B 43 48.27 11.39 4.18
CA ARG B 43 49.09 10.36 4.79
C ARG B 43 49.74 10.76 6.17
N SER B 44 49.93 12.06 6.38
CA SER B 44 50.65 12.51 7.55
C SER B 44 49.80 12.26 8.78
N VAL B 45 50.46 11.95 9.90
CA VAL B 45 49.73 11.74 11.13
C VAL B 45 48.79 12.90 11.46
N GLU B 46 49.29 14.11 11.34
CA GLU B 46 48.53 15.29 11.73
C GLU B 46 47.26 15.47 10.86
N THR B 47 47.37 15.34 9.55
CA THR B 47 46.12 15.50 8.80
C THR B 47 45.15 14.34 9.01
N LEU B 48 45.67 13.13 9.14
CA LEU B 48 44.89 11.95 9.51
C LEU B 48 44.04 12.16 10.79
N LYS B 49 44.60 12.88 11.76
CA LYS B 49 43.87 13.20 13.02
C LYS B 49 42.68 14.09 12.73
N GLU B 50 42.88 15.13 11.92
CA GLU B 50 41.80 16.03 11.53
C GLU B 50 40.74 15.24 10.76
N MET B 51 41.15 14.24 9.99
CA MET B 51 40.22 13.49 9.20
C MET B 51 39.27 12.63 9.95
N ILE B 52 39.83 11.95 10.95
CA ILE B 52 39.08 11.28 12.02
C ILE B 52 38.17 12.24 12.76
N LYS B 53 38.67 13.42 13.10
CA LYS B 53 37.77 14.37 13.76
C LYS B 53 36.63 14.81 12.83
N SER B 54 36.92 14.92 11.53
CA SER B 54 35.94 15.39 10.55
C SER B 54 34.91 14.33 10.21
N GLY B 55 35.23 13.07 10.51
CA GLY B 55 34.29 12.00 10.33
C GLY B 55 34.75 10.71 9.71
N MET B 56 36.01 10.63 9.30
CA MET B 56 36.47 9.42 8.66
C MET B 56 36.36 8.16 9.52
N ASN B 57 35.77 7.10 8.96
CA ASN B 57 35.61 5.84 9.68
C ASN B 57 36.53 4.75 9.20
N VAL B 58 36.84 4.72 7.89
CA VAL B 58 37.63 3.68 7.28
C VAL B 58 38.70 4.32 6.42
N ALA B 59 39.95 3.85 6.57
CA ALA B 59 41.06 4.20 5.68
C ALA B 59 41.25 3.11 4.61
N ARG B 60 41.18 3.51 3.35
CA ARG B 60 41.33 2.61 2.23
C ARG B 60 42.74 2.77 1.65
N LEU B 61 43.39 1.65 1.42
CA LEU B 61 44.72 1.65 0.81
C LEU B 61 44.59 1.05 -0.56
N ASN B 62 44.81 1.86 -1.57
CA ASN B 62 44.64 1.38 -2.91
C ASN B 62 45.91 0.65 -3.39
N PHE B 63 45.86 -0.66 -3.41
CA PHE B 63 47.03 -1.42 -3.91
C PHE B 63 47.30 -1.39 -5.43
N SER B 64 46.58 -0.57 -6.15
CA SER B 64 46.86 -0.37 -7.58
C SER B 64 48.17 0.42 -7.71
N HIS B 65 48.56 1.12 -6.65
CA HIS B 65 49.77 1.94 -6.65
C HIS B 65 50.52 1.70 -5.37
N GLY B 66 51.76 2.18 -5.31
CA GLY B 66 52.55 2.25 -4.07
C GLY B 66 53.21 0.93 -3.83
N THR B 67 53.73 0.69 -2.65
CA THR B 67 54.54 -0.48 -2.41
C THR B 67 54.11 -1.01 -1.08
N HIS B 68 54.46 -2.24 -0.75
CA HIS B 68 54.21 -2.71 0.58
C HIS B 68 54.76 -1.78 1.65
N GLU B 69 56.04 -1.45 1.56
CA GLU B 69 56.66 -0.45 2.42
C GLU B 69 55.85 0.84 2.51
N TYR B 70 55.47 1.43 1.39
CA TYR B 70 54.71 2.67 1.43
C TYR B 70 53.38 2.52 2.22
N HIS B 71 52.64 1.45 1.90
CA HIS B 71 51.36 1.23 2.49
C HIS B 71 51.51 0.85 3.93
N ALA B 72 52.63 0.19 4.30
CA ALA B 72 52.83 -0.21 5.72
C ALA B 72 53.06 1.05 6.55
N GLU B 73 53.73 1.99 5.94
CA GLU B 73 54.02 3.19 6.64
C GLU B 73 52.74 4.05 6.73
N THR B 74 51.84 3.88 5.77
CA THR B 74 50.56 4.59 5.82
C THR B 74 49.64 4.03 6.97
N ILE B 75 49.60 2.71 7.03
CA ILE B 75 48.84 2.00 8.01
C ILE B 75 49.33 2.37 9.40
N LYS B 76 50.64 2.39 9.60
CA LYS B 76 51.20 2.83 10.86
C LYS B 76 50.72 4.26 11.22
N ASN B 77 50.72 5.15 10.24
CA ASN B 77 50.26 6.50 10.49
C ASN B 77 48.77 6.56 10.85
N VAL B 78 47.96 5.80 10.12
CA VAL B 78 46.55 5.74 10.45
C VAL B 78 46.47 5.35 11.93
N ARG B 79 47.31 4.40 12.32
CA ARG B 79 47.16 3.80 13.65
C ARG B 79 47.67 4.74 14.75
N THR B 80 48.69 5.53 14.43
CA THR B 80 49.13 6.55 15.35
C THR B 80 48.06 7.64 15.55
N ALA B 81 47.55 8.18 14.46
CA ALA B 81 46.43 9.17 14.50
C ALA B 81 45.26 8.63 15.30
N THR B 82 44.84 7.39 14.98
CA THR B 82 43.71 6.79 15.63
C THR B 82 44.00 6.69 17.14
N GLU B 83 45.14 6.09 17.49
CA GLU B 83 45.48 5.85 18.91
C GLU B 83 45.76 7.13 19.71
N SER B 84 46.09 8.22 19.02
CA SER B 84 46.26 9.47 19.74
C SER B 84 44.99 9.89 20.50
N PHE B 85 43.85 9.25 20.21
CA PHE B 85 42.60 9.65 20.86
C PHE B 85 42.16 8.65 21.92
N ALA B 86 42.94 7.60 22.10
CA ALA B 86 42.60 6.57 23.08
C ALA B 86 42.70 6.99 24.56
N SER B 87 43.31 8.14 24.85
CA SER B 87 43.44 8.63 26.24
C SER B 87 42.06 8.86 26.90
N ASP B 88 41.08 9.17 26.06
CA ASP B 88 39.70 9.35 26.48
C ASP B 88 38.77 8.30 25.83
N PRO B 89 38.46 7.21 26.55
CA PRO B 89 37.70 6.16 25.85
C PRO B 89 36.24 6.50 25.55
N ILE B 90 35.72 7.52 26.21
CA ILE B 90 34.37 8.00 25.93
C ILE B 90 34.30 8.65 24.54
N LEU B 91 35.39 9.21 24.02
CA LEU B 91 35.40 9.91 22.73
C LEU B 91 36.26 9.24 21.63
N TYR B 92 36.88 8.13 21.96
CA TYR B 92 37.70 7.41 21.04
C TYR B 92 36.86 6.82 19.90
N ARG B 93 37.39 6.92 18.70
CA ARG B 93 36.68 6.47 17.51
C ARG B 93 37.50 5.36 16.91
N PRO B 94 36.95 4.16 16.87
CA PRO B 94 37.65 3.13 16.08
C PRO B 94 37.77 3.54 14.63
N VAL B 95 38.90 3.18 14.00
CA VAL B 95 39.13 3.38 12.55
C VAL B 95 39.58 2.08 11.84
N ALA B 96 38.81 1.63 10.83
CA ALA B 96 39.07 0.39 10.12
C ALA B 96 40.12 0.65 9.02
N VAL B 97 40.84 -0.41 8.64
CA VAL B 97 41.77 -0.32 7.52
C VAL B 97 41.33 -1.30 6.44
N ALA B 98 41.28 -0.82 5.20
CA ALA B 98 40.80 -1.64 4.08
C ALA B 98 41.85 -1.73 2.99
N LEU B 99 42.04 -2.95 2.50
CA LEU B 99 43.01 -3.26 1.50
C LEU B 99 42.21 -3.38 0.20
N ASP B 100 42.48 -2.46 -0.75
CA ASP B 100 41.83 -2.43 -2.06
C ASP B 100 42.77 -3.04 -3.10
N THR B 101 42.40 -4.21 -3.56
CA THR B 101 43.10 -5.04 -4.55
C THR B 101 43.41 -4.31 -5.88
N LYS B 102 44.61 -4.52 -6.42
CA LYS B 102 44.87 -4.21 -7.82
C LYS B 102 43.94 -4.97 -8.79
N GLY B 103 43.88 -6.29 -8.67
CA GLY B 103 43.19 -7.13 -9.65
C GLY B 103 43.68 -7.08 -11.10
N PRO B 104 42.84 -7.56 -12.01
CA PRO B 104 43.17 -7.73 -13.38
C PRO B 104 43.17 -6.44 -14.23
N GLU B 105 43.93 -5.44 -13.80
CA GLU B 105 44.10 -4.20 -14.56
C GLU B 105 44.91 -4.40 -15.82
N ILE B 106 44.59 -3.66 -16.87
CA ILE B 106 45.43 -3.52 -18.08
C ILE B 106 46.00 -2.10 -18.02
N ARG B 107 47.33 -2.01 -17.97
CA ARG B 107 47.95 -0.69 -18.02
C ARG B 107 48.81 -0.50 -19.26
N THR B 108 49.04 0.76 -19.61
CA THR B 108 49.87 1.11 -20.79
C THR B 108 51.28 1.24 -20.25
N GLY B 109 52.25 1.29 -21.17
CA GLY B 109 53.66 1.44 -20.80
C GLY B 109 54.05 2.87 -20.44
N LEU B 110 55.37 3.17 -20.53
CA LEU B 110 55.91 4.51 -20.27
C LEU B 110 56.08 5.35 -21.56
N ILE B 111 55.91 6.67 -21.44
CA ILE B 111 56.07 7.60 -22.57
C ILE B 111 57.53 7.98 -22.78
N LYS B 112 58.06 7.76 -23.99
CA LYS B 112 59.47 8.07 -24.45
C LYS B 112 60.39 8.93 -23.55
N GLY B 113 61.51 8.34 -23.11
CA GLY B 113 62.44 9.00 -22.17
C GLY B 113 61.67 9.54 -20.98
N SER B 114 60.89 8.65 -20.34
CA SER B 114 59.87 9.03 -19.36
C SER B 114 60.46 9.47 -18.01
N GLY B 115 59.74 10.34 -17.30
CA GLY B 115 58.45 10.86 -17.75
C GLY B 115 58.58 12.27 -18.28
N THR B 116 59.41 12.43 -19.30
CA THR B 116 59.79 13.74 -19.84
C THR B 116 58.58 14.60 -20.29
N ALA B 117 57.41 13.96 -20.39
CA ALA B 117 56.10 14.61 -20.54
C ALA B 117 55.03 13.58 -20.91
N GLU B 118 54.12 13.99 -21.79
CA GLU B 118 53.04 13.18 -22.33
C GLU B 118 52.89 13.38 -23.85
N VAL B 119 51.94 12.67 -24.45
CA VAL B 119 51.68 12.78 -25.88
C VAL B 119 50.30 13.35 -26.14
N GLU B 120 50.06 13.70 -27.40
CA GLU B 120 48.74 14.11 -27.82
C GLU B 120 48.25 13.21 -28.93
N LEU B 121 47.12 12.54 -28.73
CA LEU B 121 46.53 11.85 -29.85
C LEU B 121 45.45 12.74 -30.45
N LYS B 122 45.25 12.61 -31.76
CA LYS B 122 44.27 13.42 -32.44
C LYS B 122 43.22 12.52 -33.08
N LYS B 123 41.98 13.00 -33.12
CA LYS B 123 40.90 12.29 -33.81
C LYS B 123 41.32 11.96 -35.25
N GLY B 124 41.12 10.73 -35.70
CA GLY B 124 41.50 10.32 -37.05
C GLY B 124 42.94 9.85 -37.21
N ALA B 125 43.84 10.35 -36.34
CA ALA B 125 45.23 9.88 -36.30
C ALA B 125 45.22 8.39 -36.01
N THR B 126 46.20 7.66 -36.51
CA THR B 126 46.17 6.23 -36.27
C THR B 126 47.26 5.83 -35.26
N LEU B 127 47.00 4.74 -34.54
CA LEU B 127 47.85 4.25 -33.46
C LEU B 127 48.09 2.77 -33.58
N LYS B 128 49.34 2.37 -33.44
CA LYS B 128 49.67 0.97 -33.36
C LYS B 128 49.81 0.64 -31.89
N ILE B 129 49.16 -0.45 -31.48
CA ILE B 129 49.40 -1.03 -30.16
C ILE B 129 50.26 -2.25 -30.38
N THR B 130 51.34 -2.31 -29.61
CA THR B 130 52.25 -3.45 -29.66
C THR B 130 52.34 -4.13 -28.30
N LEU B 131 52.49 -5.45 -28.35
CA LEU B 131 52.80 -6.25 -27.17
C LEU B 131 54.30 -6.40 -26.94
N ASP B 132 55.08 -6.15 -28.00
CA ASP B 132 56.56 -6.20 -27.99
C ASP B 132 57.21 -5.42 -26.84
N ASN B 133 57.74 -6.11 -25.81
CA ASN B 133 58.29 -5.41 -24.63
C ASN B 133 59.51 -4.47 -24.88
N ALA B 134 59.98 -4.42 -26.14
CA ALA B 134 60.96 -3.43 -26.57
C ALA B 134 60.41 -2.04 -26.28
N TYR B 135 59.17 -1.83 -26.71
CA TYR B 135 58.51 -0.54 -26.59
C TYR B 135 57.95 -0.23 -25.18
N MET B 136 58.16 -1.15 -24.25
CA MET B 136 57.68 -1.03 -22.87
C MET B 136 57.76 0.38 -22.29
N GLU B 137 58.82 1.13 -22.62
CA GLU B 137 59.00 2.50 -22.12
C GLU B 137 59.30 3.45 -23.29
N LYS B 138 58.85 3.05 -24.47
CA LYS B 138 59.03 3.84 -25.69
C LYS B 138 57.70 4.29 -26.31
N CYS B 139 56.67 4.50 -25.48
CA CYS B 139 55.34 4.84 -25.98
C CYS B 139 55.30 6.30 -26.42
N ASP B 140 54.90 6.53 -27.66
CA ASP B 140 54.70 7.88 -28.13
C ASP B 140 53.41 7.89 -28.95
N GLU B 141 53.13 8.98 -29.68
CA GLU B 141 51.90 9.09 -30.49
C GLU B 141 51.71 8.05 -31.60
N ASN B 142 52.73 7.22 -31.86
CA ASN B 142 52.64 6.25 -32.95
C ASN B 142 52.48 4.80 -32.49
N ILE B 143 53.12 4.47 -31.38
CA ILE B 143 53.04 3.15 -30.76
C ILE B 143 52.80 3.27 -29.27
N LEU B 144 52.03 2.30 -28.79
CA LEU B 144 51.67 2.15 -27.40
C LEU B 144 51.78 0.69 -27.04
N TRP B 145 52.57 0.42 -26.01
CA TRP B 145 52.69 -0.90 -25.41
C TRP B 145 51.64 -1.04 -24.33
N LEU B 146 51.02 -2.22 -24.28
CA LEU B 146 50.11 -2.62 -23.20
C LEU B 146 50.64 -3.89 -22.52
N ASP B 147 50.31 -4.07 -21.23
CA ASP B 147 50.73 -5.25 -20.49
C ASP B 147 49.81 -6.47 -20.58
N TYR B 148 48.83 -6.45 -21.46
CA TYR B 148 47.93 -7.61 -21.53
C TYR B 148 48.22 -8.43 -22.78
N LYS B 149 48.95 -9.53 -22.55
CA LYS B 149 49.53 -10.29 -23.66
C LYS B 149 48.50 -11.01 -24.54
N ASN B 150 47.33 -11.35 -23.98
CA ASN B 150 46.28 -11.98 -24.76
C ASN B 150 45.29 -11.01 -25.43
N ILE B 151 45.62 -9.72 -25.44
CA ILE B 151 44.65 -8.71 -25.97
C ILE B 151 44.14 -9.01 -27.39
N CYS B 152 45.04 -9.49 -28.24
CA CYS B 152 44.72 -9.86 -29.62
C CYS B 152 43.69 -11.00 -29.78
N LYS B 153 43.70 -11.99 -28.87
CA LYS B 153 42.67 -13.04 -28.91
C LYS B 153 41.29 -12.47 -28.62
N VAL B 154 41.24 -11.48 -27.74
CA VAL B 154 39.98 -11.08 -27.13
C VAL B 154 39.23 -9.95 -27.86
N VAL B 155 39.95 -9.13 -28.61
CA VAL B 155 39.31 -8.05 -29.37
C VAL B 155 39.21 -8.43 -30.84
N GLU B 156 38.45 -7.64 -31.61
CA GLU B 156 38.28 -7.88 -33.05
C GLU B 156 38.30 -6.58 -33.85
N VAL B 157 38.11 -6.68 -35.16
CA VAL B 157 38.10 -5.53 -36.04
C VAL B 157 36.82 -4.70 -35.84
N GLY B 158 36.97 -3.50 -35.28
CA GLY B 158 35.82 -2.67 -34.91
C GLY B 158 35.68 -2.43 -33.40
N SER B 159 36.21 -3.37 -32.61
CA SER B 159 36.34 -3.24 -31.15
C SER B 159 36.81 -1.85 -30.66
N LYS B 160 36.14 -1.36 -29.64
CA LYS B 160 36.58 -0.12 -29.02
C LYS B 160 37.55 -0.42 -27.89
N ILE B 161 38.50 0.49 -27.70
CA ILE B 161 39.46 0.36 -26.61
C ILE B 161 39.51 1.66 -25.89
N TYR B 162 39.25 1.67 -24.57
CA TYR B 162 39.27 2.95 -23.89
C TYR B 162 40.54 3.06 -23.09
N VAL B 163 41.11 4.23 -23.09
CA VAL B 163 42.34 4.46 -22.38
C VAL B 163 42.11 5.64 -21.49
N ASP B 164 42.62 5.51 -20.27
CA ASP B 164 42.69 6.59 -19.26
C ASP B 164 41.35 7.11 -18.74
N ASP B 165 40.73 6.38 -17.81
CA ASP B 165 39.37 6.71 -17.33
C ASP B 165 38.42 6.87 -18.52
N GLY B 166 38.67 6.09 -19.56
CA GLY B 166 37.84 6.12 -20.76
C GLY B 166 37.71 7.43 -21.53
N LEU B 167 38.59 8.41 -21.27
CA LEU B 167 38.53 9.68 -22.02
C LEU B 167 39.01 9.56 -23.46
N ILE B 168 39.96 8.66 -23.72
CA ILE B 168 40.39 8.38 -25.06
C ILE B 168 39.82 7.07 -25.51
N SER B 169 39.35 7.05 -26.74
CA SER B 169 38.90 5.81 -27.36
C SER B 169 39.56 5.60 -28.70
N LEU B 170 39.89 4.34 -28.95
CA LEU B 170 40.55 3.89 -30.15
C LEU B 170 39.63 2.86 -30.70
N GLN B 171 39.77 2.56 -31.98
CA GLN B 171 39.02 1.47 -32.57
C GLN B 171 39.97 0.61 -33.37
N VAL B 172 39.90 -0.70 -33.14
CA VAL B 172 40.76 -1.62 -33.85
C VAL B 172 40.33 -1.64 -35.30
N LYS B 173 41.26 -1.26 -36.18
CA LYS B 173 41.09 -1.29 -37.62
C LYS B 173 41.89 -2.41 -38.27
N GLN B 174 43.20 -2.34 -38.16
CA GLN B 174 43.96 -3.52 -38.53
C GLN B 174 44.23 -4.30 -37.27
N LYS B 175 43.77 -5.55 -37.29
CA LYS B 175 44.03 -6.49 -36.22
C LYS B 175 45.50 -6.90 -36.27
N GLY B 176 45.77 -8.18 -36.53
CA GLY B 176 47.15 -8.62 -36.72
C GLY B 176 47.76 -9.59 -35.72
N ALA B 177 48.98 -10.02 -36.03
CA ALA B 177 49.71 -11.07 -35.31
C ALA B 177 49.68 -10.87 -33.78
N ASP B 178 50.56 -10.00 -33.29
CA ASP B 178 50.66 -9.70 -31.87
C ASP B 178 50.78 -8.17 -31.73
N PHE B 179 49.92 -7.48 -32.45
CA PHE B 179 49.94 -6.04 -32.48
C PHE B 179 48.60 -5.59 -33.09
N LEU B 180 48.24 -4.32 -32.86
CA LEU B 180 46.97 -3.76 -33.36
C LEU B 180 47.18 -2.39 -33.93
N VAL B 181 46.60 -2.17 -35.09
CA VAL B 181 46.54 -0.85 -35.67
C VAL B 181 45.14 -0.33 -35.40
N THR B 182 45.04 0.93 -34.98
CA THR B 182 43.76 1.50 -34.62
C THR B 182 43.66 2.94 -35.16
N GLU B 183 42.42 3.45 -35.25
CA GLU B 183 42.19 4.88 -35.47
C GLU B 183 41.65 5.53 -34.19
N VAL B 184 42.30 6.60 -33.74
CA VAL B 184 41.82 7.40 -32.60
C VAL B 184 40.35 7.87 -32.81
N GLU B 185 39.40 7.14 -32.23
CA GLU B 185 37.97 7.53 -32.32
C GLU B 185 37.64 8.77 -31.54
N ASN B 186 38.58 9.24 -30.72
CA ASN B 186 38.34 10.20 -29.65
C ASN B 186 39.68 10.48 -28.97
N GLY B 187 40.17 11.72 -29.09
CA GLY B 187 41.57 12.05 -28.80
C GLY B 187 41.75 12.80 -27.52
N GLY B 188 42.97 13.27 -27.25
CA GLY B 188 43.34 13.90 -25.98
C GLY B 188 44.78 13.63 -25.54
N SER B 189 45.22 14.36 -24.51
CA SER B 189 46.53 14.16 -23.87
C SER B 189 46.75 12.74 -23.27
N LEU B 190 47.65 11.94 -23.85
CA LEU B 190 47.98 10.61 -23.30
C LEU B 190 49.25 10.53 -22.43
N GLY B 191 49.11 10.19 -21.15
CA GLY B 191 50.26 10.05 -20.22
C GLY B 191 50.81 8.64 -20.06
N SER B 192 51.53 8.40 -18.95
CA SER B 192 52.19 7.09 -18.70
C SER B 192 51.41 6.18 -17.75
N LYS B 193 51.45 4.87 -18.05
CA LYS B 193 50.79 3.82 -17.22
C LYS B 193 49.33 4.12 -16.91
N LYS B 194 48.54 4.31 -17.97
CA LYS B 194 47.10 4.55 -17.89
C LYS B 194 46.25 3.27 -18.07
N GLY B 195 45.08 3.27 -17.43
CA GLY B 195 44.18 2.12 -17.45
C GLY B 195 43.54 1.89 -18.80
N VAL B 196 43.39 0.63 -19.18
CA VAL B 196 42.77 0.31 -20.42
C VAL B 196 41.50 -0.48 -20.12
N ASN B 197 40.40 -0.14 -20.79
CA ASN B 197 39.19 -0.99 -20.72
C ASN B 197 38.77 -1.60 -22.03
N LEU B 198 38.27 -2.82 -21.98
CA LEU B 198 37.83 -3.45 -23.20
C LEU B 198 36.40 -3.89 -23.05
N PRO B 199 35.46 -2.93 -23.11
CA PRO B 199 34.05 -3.25 -22.92
C PRO B 199 33.64 -4.34 -23.89
N GLY B 200 32.83 -5.29 -23.40
CA GLY B 200 32.31 -6.36 -24.25
C GLY B 200 33.33 -7.37 -24.77
N ALA B 201 34.60 -7.18 -24.43
CA ALA B 201 35.62 -8.17 -24.75
C ALA B 201 35.54 -9.26 -23.71
N ALA B 202 35.67 -10.50 -24.17
CA ALA B 202 35.82 -11.64 -23.30
C ALA B 202 37.21 -11.68 -22.60
N VAL B 203 37.48 -10.74 -21.69
CA VAL B 203 38.80 -10.60 -21.06
C VAL B 203 39.03 -11.76 -20.09
N ASP B 204 40.15 -12.46 -20.25
CA ASP B 204 40.43 -13.69 -19.49
C ASP B 204 41.41 -13.50 -18.32
N LEU B 205 41.74 -12.27 -17.95
CA LEU B 205 42.58 -12.15 -16.76
C LEU B 205 41.87 -12.61 -15.45
N PRO B 206 42.60 -13.23 -14.52
CA PRO B 206 42.01 -13.73 -13.28
C PRO B 206 41.66 -12.60 -12.34
N ALA B 207 40.76 -12.85 -11.39
CA ALA B 207 40.45 -11.81 -10.41
C ALA B 207 41.56 -11.81 -9.41
N VAL B 208 42.08 -13.00 -9.17
CA VAL B 208 43.18 -13.18 -8.23
C VAL B 208 44.44 -13.67 -8.93
N SER B 209 45.42 -12.77 -9.13
CA SER B 209 46.74 -13.16 -9.63
C SER B 209 47.69 -13.55 -8.45
N GLU B 210 48.86 -14.11 -8.80
CA GLU B 210 49.95 -14.31 -7.80
C GLU B 210 50.24 -13.03 -7.09
N LYS B 211 50.37 -11.92 -7.81
CA LYS B 211 50.63 -10.65 -7.15
C LYS B 211 49.43 -10.26 -6.23
N ASP B 212 48.20 -10.60 -6.61
CA ASP B 212 47.12 -10.30 -5.66
C ASP B 212 47.24 -11.10 -4.38
N ILE B 213 47.56 -12.37 -4.48
CA ILE B 213 47.82 -13.15 -3.26
C ILE B 213 48.96 -12.59 -2.43
N GLN B 214 50.02 -12.10 -3.04
CA GLN B 214 51.06 -11.51 -2.18
C GLN B 214 50.57 -10.26 -1.41
N ASP B 215 49.86 -9.34 -2.09
CA ASP B 215 49.12 -8.20 -1.44
C ASP B 215 48.16 -8.63 -0.32
N LEU B 216 47.36 -9.64 -0.61
CA LEU B 216 46.39 -10.11 0.38
C LEU B 216 47.13 -10.66 1.59
N LYS B 217 48.17 -11.50 1.35
CA LYS B 217 48.97 -12.08 2.46
C LYS B 217 49.64 -10.99 3.28
N PHE B 218 50.08 -9.92 2.59
CA PHE B 218 50.57 -8.73 3.25
C PHE B 218 49.48 -8.10 4.13
N GLY B 219 48.27 -7.91 3.60
CA GLY B 219 47.15 -7.42 4.38
C GLY B 219 46.88 -8.22 5.65
N VAL B 220 46.97 -9.54 5.56
CA VAL B 220 46.77 -10.37 6.74
C VAL B 220 47.87 -10.12 7.75
N GLU B 221 49.11 -10.05 7.28
CA GLU B 221 50.19 -9.74 8.21
C GLU B 221 50.00 -8.36 8.84
N GLN B 222 49.38 -7.46 8.10
CA GLN B 222 49.27 -6.10 8.56
C GLN B 222 47.99 -5.97 9.36
N ASP B 223 47.26 -7.08 9.50
CA ASP B 223 46.05 -7.10 10.33
C ASP B 223 44.94 -6.04 9.92
N VAL B 224 44.67 -5.98 8.62
CA VAL B 224 43.65 -5.11 8.08
C VAL B 224 42.28 -5.67 8.44
N ASP B 225 41.26 -4.86 8.27
CA ASP B 225 39.94 -5.26 8.74
C ASP B 225 39.09 -5.82 7.62
N MET B 226 39.39 -5.40 6.39
CA MET B 226 38.55 -5.74 5.27
C MET B 226 39.33 -5.70 3.99
N VAL B 227 38.79 -6.40 3.00
CA VAL B 227 39.39 -6.44 1.72
C VAL B 227 38.34 -5.95 0.71
N PHE B 228 38.73 -4.96 -0.07
CA PHE B 228 37.97 -4.63 -1.25
C PHE B 228 38.60 -5.30 -2.48
N ALA B 229 37.94 -6.34 -2.94
CA ALA B 229 38.38 -7.17 -4.08
C ALA B 229 37.89 -6.66 -5.47
N SER B 230 38.84 -6.29 -6.30
CA SER B 230 38.58 -5.66 -7.56
C SER B 230 38.17 -6.60 -8.67
N PHE B 231 37.21 -6.15 -9.49
CA PHE B 231 36.79 -6.91 -10.68
C PHE B 231 36.32 -8.35 -10.40
N ILE B 232 35.57 -8.54 -9.34
CA ILE B 232 34.92 -9.82 -9.12
C ILE B 232 33.86 -10.12 -10.16
N ARG B 233 33.92 -11.31 -10.76
CA ARG B 233 32.98 -11.68 -11.83
C ARG B 233 32.04 -12.81 -11.52
N LYS B 234 32.38 -13.62 -10.53
CA LYS B 234 31.56 -14.77 -10.15
C LYS B 234 31.86 -15.16 -8.72
N ALA B 235 31.03 -16.02 -8.14
CA ALA B 235 31.19 -16.40 -6.77
C ALA B 235 32.58 -17.01 -6.55
N SER B 236 32.97 -17.90 -7.43
CA SER B 236 34.25 -18.60 -7.25
C SER B 236 35.47 -17.68 -7.07
N ASP B 237 35.45 -16.48 -7.69
CA ASP B 237 36.43 -15.42 -7.43
C ASP B 237 36.38 -15.00 -5.95
N VAL B 238 35.17 -14.92 -5.38
CA VAL B 238 35.08 -14.43 -4.02
C VAL B 238 35.71 -15.51 -3.14
N HIS B 239 35.36 -16.77 -3.38
CA HIS B 239 35.88 -17.92 -2.61
C HIS B 239 37.39 -18.04 -2.62
N GLU B 240 38.00 -17.76 -3.78
CA GLU B 240 39.45 -17.72 -3.88
C GLU B 240 40.01 -16.67 -2.95
N VAL B 241 39.47 -15.46 -2.98
CA VAL B 241 39.93 -14.39 -2.05
C VAL B 241 39.87 -14.84 -0.60
N ARG B 242 38.77 -15.47 -0.23
CA ARG B 242 38.61 -15.78 1.16
C ARG B 242 39.57 -16.91 1.60
N LYS B 243 39.66 -17.95 0.78
CA LYS B 243 40.44 -19.15 1.13
C LYS B 243 41.90 -18.81 1.26
N VAL B 244 42.32 -17.87 0.42
CA VAL B 244 43.70 -17.50 0.30
C VAL B 244 44.12 -16.66 1.49
N LEU B 245 43.16 -16.07 2.16
CA LEU B 245 43.42 -15.37 3.42
C LEU B 245 43.76 -16.35 4.55
N GLY B 246 43.37 -17.60 4.37
CA GLY B 246 43.78 -18.66 5.30
C GLY B 246 43.17 -18.51 6.66
N GLU B 247 43.60 -19.34 7.59
CA GLU B 247 42.96 -19.38 8.89
C GLU B 247 43.21 -18.09 9.66
N LYS B 248 44.43 -17.55 9.52
CA LYS B 248 44.77 -16.31 10.18
C LYS B 248 43.85 -15.14 9.68
N GLY B 249 43.48 -15.18 8.41
CA GLY B 249 42.61 -14.14 7.86
C GLY B 249 41.11 -14.36 7.97
N LYS B 250 40.70 -15.39 8.70
CA LYS B 250 39.29 -15.83 8.73
C LYS B 250 38.20 -14.74 8.94
N ASN B 251 38.49 -13.74 9.75
CA ASN B 251 37.47 -12.78 10.07
C ASN B 251 37.57 -11.47 9.28
N ILE B 252 38.44 -11.42 8.28
CA ILE B 252 38.55 -10.21 7.44
C ILE B 252 37.32 -10.21 6.55
N LYS B 253 36.66 -9.07 6.41
CA LYS B 253 35.47 -9.00 5.52
C LYS B 253 35.91 -8.90 4.12
N ILE B 254 35.24 -9.68 3.27
CA ILE B 254 35.38 -9.62 1.87
C ILE B 254 34.26 -8.75 1.23
N ILE B 255 34.69 -7.61 0.64
CA ILE B 255 33.80 -6.77 -0.14
C ILE B 255 34.12 -6.95 -1.64
N SER B 256 33.15 -7.46 -2.40
CA SER B 256 33.31 -7.58 -3.86
C SER B 256 32.99 -6.25 -4.53
N LYS B 257 33.94 -5.78 -5.33
CA LYS B 257 33.83 -4.61 -6.19
C LYS B 257 33.22 -5.13 -7.47
N ILE B 258 31.99 -4.67 -7.74
CA ILE B 258 31.27 -4.95 -8.96
C ILE B 258 31.60 -3.81 -9.93
N GLU B 259 32.24 -4.14 -11.06
CA GLU B 259 32.74 -3.12 -11.95
C GLU B 259 32.78 -3.51 -13.42
N ASN B 260 32.09 -4.57 -13.79
CA ASN B 260 31.92 -4.96 -15.18
C ASN B 260 30.56 -5.62 -15.45
N HIS B 261 30.23 -5.78 -16.72
CA HIS B 261 29.00 -6.46 -17.08
C HIS B 261 28.79 -7.85 -16.37
N GLU B 262 29.81 -8.69 -16.39
CA GLU B 262 29.61 -10.04 -15.83
C GLU B 262 29.29 -9.98 -14.33
N GLY B 263 30.03 -9.12 -13.64
CA GLY B 263 29.71 -8.82 -12.23
C GLY B 263 28.24 -8.48 -11.94
N VAL B 264 27.64 -7.61 -12.75
CA VAL B 264 26.24 -7.24 -12.60
C VAL B 264 25.34 -8.43 -12.94
N ARG B 265 25.70 -9.12 -14.02
CA ARG B 265 24.94 -10.24 -14.52
C ARG B 265 24.97 -11.38 -13.49
N ARG B 266 26.10 -11.59 -12.81
CA ARG B 266 26.17 -12.60 -11.76
C ARG B 266 26.04 -12.05 -10.34
N PHE B 267 25.38 -10.91 -10.19
CA PHE B 267 25.35 -10.25 -8.92
C PHE B 267 24.87 -11.15 -7.79
N ASP B 268 23.83 -11.93 -8.05
CA ASP B 268 23.27 -12.70 -6.94
C ASP B 268 24.21 -13.75 -6.32
N GLU B 269 24.88 -14.56 -7.11
CA GLU B 269 25.86 -15.51 -6.58
C GLU B 269 27.03 -14.77 -5.88
N ILE B 270 27.51 -13.68 -6.49
CA ILE B 270 28.56 -12.86 -5.85
C ILE B 270 28.16 -12.32 -4.47
N LEU B 271 26.96 -11.71 -4.38
CA LEU B 271 26.38 -11.27 -3.10
C LEU B 271 26.31 -12.40 -2.02
N GLU B 272 25.82 -13.57 -2.44
CA GLU B 272 25.74 -14.71 -1.56
C GLU B 272 27.15 -15.11 -1.02
N ALA B 273 28.18 -15.09 -1.86
CA ALA B 273 29.53 -15.41 -1.43
C ALA B 273 30.25 -14.32 -0.60
N SER B 274 29.77 -13.08 -0.65
CA SER B 274 30.53 -11.96 -0.07
C SER B 274 29.97 -11.51 1.29
N ASP B 275 30.79 -10.78 2.03
CA ASP B 275 30.38 -10.11 3.23
C ASP B 275 29.71 -8.77 2.91
N GLY B 276 30.02 -8.23 1.73
CA GLY B 276 29.37 -7.02 1.23
C GLY B 276 29.88 -6.66 -0.16
N ILE B 277 29.37 -5.51 -0.61
CA ILE B 277 29.53 -5.07 -1.96
C ILE B 277 29.99 -3.64 -2.06
N MET B 278 30.82 -3.36 -3.05
CA MET B 278 31.13 -2.00 -3.42
C MET B 278 30.69 -1.75 -4.88
N VAL B 279 29.84 -0.73 -5.09
CA VAL B 279 29.47 -0.32 -6.43
C VAL B 279 30.63 0.54 -6.92
N ALA B 280 31.47 -0.06 -7.75
CA ALA B 280 32.68 0.58 -8.21
C ALA B 280 32.37 1.28 -9.52
N ARG B 281 31.74 2.44 -9.39
CA ARG B 281 31.15 3.18 -10.53
C ARG B 281 32.17 3.64 -11.60
N GLY B 282 33.42 3.86 -11.19
CA GLY B 282 34.49 4.25 -12.11
C GLY B 282 34.67 3.34 -13.33
N ASP B 283 35.18 2.15 -13.09
CA ASP B 283 35.23 1.16 -14.15
C ASP B 283 33.84 0.71 -14.60
N LEU B 284 32.84 0.76 -13.73
CA LEU B 284 31.55 0.24 -14.15
C LEU B 284 30.94 1.04 -15.34
N GLY B 285 31.00 2.35 -15.27
CA GLY B 285 30.55 3.22 -16.35
C GLY B 285 31.39 3.39 -17.60
N ILE B 286 32.50 2.67 -17.69
CA ILE B 286 33.28 2.57 -18.94
C ILE B 286 32.95 1.23 -19.63
N GLU B 287 32.95 0.18 -18.80
CA GLU B 287 32.55 -1.18 -19.07
C GLU B 287 31.10 -1.36 -19.61
N ILE B 288 30.15 -0.57 -19.12
CA ILE B 288 28.77 -0.48 -19.63
C ILE B 288 28.48 1.01 -19.92
N PRO B 289 27.42 1.30 -20.70
CA PRO B 289 27.15 2.74 -21.03
C PRO B 289 26.94 3.54 -19.78
N ALA B 290 27.53 4.72 -19.74
CA ALA B 290 27.41 5.56 -18.57
C ALA B 290 25.98 5.85 -18.07
N GLU B 291 25.02 6.02 -19.00
CA GLU B 291 23.60 6.24 -18.66
C GLU B 291 23.03 5.10 -17.81
N LYS B 292 23.76 4.01 -17.69
CA LYS B 292 23.14 2.85 -17.10
C LYS B 292 23.64 2.64 -15.71
N VAL B 293 24.72 3.32 -15.36
CA VAL B 293 25.29 3.12 -14.04
C VAL B 293 24.27 3.34 -12.85
N PHE B 294 23.46 4.39 -12.89
CA PHE B 294 22.56 4.62 -11.76
C PHE B 294 21.61 3.40 -11.62
N LEU B 295 21.30 2.73 -12.73
CA LEU B 295 20.46 1.56 -12.66
C LEU B 295 21.15 0.46 -11.88
N ALA B 296 22.41 0.18 -12.23
CA ALA B 296 23.16 -0.86 -11.56
C ALA B 296 23.34 -0.46 -10.07
N GLN B 297 23.52 0.83 -9.81
CA GLN B 297 23.74 1.27 -8.43
C GLN B 297 22.49 0.97 -7.61
N LYS B 298 21.31 1.38 -8.12
CA LYS B 298 20.11 1.25 -7.33
C LYS B 298 19.72 -0.22 -7.13
N MET B 299 19.97 -1.03 -8.17
CA MET B 299 19.78 -2.47 -8.18
C MET B 299 20.57 -3.12 -7.03
N MET B 300 21.85 -2.80 -6.99
CA MET B 300 22.73 -3.43 -6.01
C MET B 300 22.45 -2.97 -4.63
N ILE B 301 22.10 -1.70 -4.48
CA ILE B 301 21.81 -1.21 -3.17
C ILE B 301 20.56 -1.87 -2.66
N GLY B 302 19.55 -2.00 -3.54
CA GLY B 302 18.30 -2.65 -3.14
C GLY B 302 18.56 -4.06 -2.66
N ARG B 303 19.27 -4.83 -3.47
CA ARG B 303 19.54 -6.25 -3.15
C ARG B 303 20.37 -6.44 -1.89
N CYS B 304 21.37 -5.60 -1.67
CA CYS B 304 22.13 -5.68 -0.41
C CYS B 304 21.26 -5.32 0.79
N ASN B 305 20.39 -4.31 0.62
CA ASN B 305 19.44 -3.96 1.70
C ASN B 305 18.50 -5.13 1.93
N ARG B 306 18.03 -5.75 0.86
CA ARG B 306 17.14 -6.85 1.02
C ARG B 306 17.91 -8.00 1.70
N ALA B 307 19.23 -8.15 1.46
CA ALA B 307 19.98 -9.28 2.07
C ALA B 307 20.57 -8.93 3.41
N GLY B 308 20.56 -7.66 3.80
CA GLY B 308 21.27 -7.30 5.03
C GLY B 308 22.80 -7.28 4.96
N LYS B 309 23.37 -7.09 3.77
CA LYS B 309 24.81 -7.02 3.63
C LYS B 309 25.20 -5.61 3.20
N PRO B 310 26.30 -5.11 3.72
CA PRO B 310 26.69 -3.73 3.47
C PRO B 310 26.98 -3.44 2.01
N VAL B 311 26.65 -2.25 1.59
CA VAL B 311 26.94 -1.86 0.22
C VAL B 311 27.58 -0.46 0.35
N ILE B 312 28.65 -0.25 -0.41
CA ILE B 312 29.40 0.99 -0.47
C ILE B 312 29.19 1.59 -1.84
N CYS B 313 28.84 2.88 -1.86
CA CYS B 313 28.81 3.56 -3.12
C CYS B 313 30.11 4.32 -3.30
N ALA B 314 30.75 4.17 -4.46
CA ALA B 314 32.12 4.71 -4.63
C ALA B 314 32.31 5.45 -5.92
N THR B 315 33.27 6.38 -5.89
CA THR B 315 33.97 6.94 -7.09
C THR B 315 33.33 8.18 -7.64
N GLN B 316 34.09 9.28 -7.57
CA GLN B 316 33.76 10.60 -8.11
C GLN B 316 32.59 11.25 -7.41
N MET B 317 32.33 10.86 -6.18
CA MET B 317 31.23 11.42 -5.45
C MET B 317 31.37 12.90 -5.30
N LEU B 318 32.62 13.36 -5.12
CA LEU B 318 32.91 14.76 -4.90
C LEU B 318 34.13 15.15 -5.71
N GLU B 319 34.23 14.62 -6.91
CA GLU B 319 35.46 14.68 -7.66
C GLU B 319 36.05 16.11 -7.75
N SER B 320 35.23 17.08 -8.04
CA SER B 320 35.69 18.43 -8.30
C SER B 320 36.36 19.05 -7.05
N MET B 321 36.16 18.43 -5.88
CA MET B 321 36.84 18.87 -4.64
C MET B 321 38.33 18.48 -4.55
N ILE B 322 38.82 17.66 -5.49
CA ILE B 322 40.28 17.53 -5.74
C ILE B 322 40.92 18.92 -5.92
N LYS B 323 40.24 19.82 -6.64
CA LYS B 323 40.80 21.13 -7.01
C LYS B 323 40.14 22.32 -6.34
N LYS B 324 39.00 22.12 -5.68
CA LYS B 324 38.13 23.23 -5.25
C LYS B 324 37.56 23.03 -3.82
N PRO B 325 37.35 24.14 -3.09
CA PRO B 325 36.91 23.98 -1.71
C PRO B 325 35.45 23.56 -1.54
N ARG B 326 34.64 23.65 -2.60
CA ARG B 326 33.20 23.26 -2.54
C ARG B 326 32.92 22.30 -3.70
N PRO B 327 31.95 21.37 -3.51
CA PRO B 327 31.51 20.52 -4.59
C PRO B 327 30.55 21.18 -5.55
N THR B 328 30.36 20.51 -6.70
CA THR B 328 29.35 20.92 -7.65
C THR B 328 27.96 20.56 -7.09
N ARG B 329 26.92 21.20 -7.59
CA ARG B 329 25.57 20.79 -7.27
C ARG B 329 25.31 19.34 -7.70
N ALA B 330 25.92 18.86 -8.79
CA ALA B 330 25.77 17.42 -9.09
C ALA B 330 26.30 16.51 -7.98
N GLU B 331 27.43 16.92 -7.42
CA GLU B 331 28.14 16.07 -6.41
C GLU B 331 27.35 16.04 -5.10
N GLY B 332 26.81 17.19 -4.69
CA GLY B 332 26.03 17.25 -3.49
C GLY B 332 24.83 16.37 -3.64
N SER B 333 24.25 16.37 -4.82
CA SER B 333 23.07 15.54 -5.06
C SER B 333 23.40 14.04 -5.09
N ASP B 334 24.54 13.72 -5.69
CA ASP B 334 25.00 12.32 -5.77
C ASP B 334 25.22 11.64 -4.42
N VAL B 335 25.88 12.34 -3.50
CA VAL B 335 26.07 11.82 -2.16
C VAL B 335 24.71 11.66 -1.44
N ALA B 336 23.83 12.64 -1.60
CA ALA B 336 22.58 12.63 -0.88
C ALA B 336 21.74 11.46 -1.36
N ASN B 337 21.73 11.22 -2.68
CA ASN B 337 20.84 10.23 -3.23
C ASN B 337 21.39 8.88 -3.02
N ALA B 338 22.71 8.74 -2.91
CA ALA B 338 23.28 7.44 -2.50
C ALA B 338 22.80 7.06 -1.09
N VAL B 339 22.74 8.04 -0.19
CA VAL B 339 22.29 7.79 1.15
C VAL B 339 20.80 7.38 1.11
N LEU B 340 20.01 8.13 0.33
CA LEU B 340 18.57 7.93 0.18
C LEU B 340 18.30 6.60 -0.51
N ASP B 341 19.15 6.16 -1.42
CA ASP B 341 18.93 4.82 -2.01
C ASP B 341 19.10 3.73 -0.96
N GLY B 342 19.95 3.97 0.06
CA GLY B 342 20.26 2.97 1.07
C GLY B 342 21.75 2.56 1.23
N ALA B 343 22.71 3.31 0.70
CA ALA B 343 24.12 2.85 0.84
C ALA B 343 24.52 2.87 2.30
N ASP B 344 25.24 1.86 2.78
CA ASP B 344 25.75 1.85 4.17
C ASP B 344 26.97 2.76 4.33
N CYS B 345 27.82 2.83 3.30
CA CYS B 345 28.97 3.72 3.27
C CYS B 345 29.07 4.47 1.96
N ILE B 346 29.68 5.64 2.04
CA ILE B 346 30.06 6.42 0.90
C ILE B 346 31.61 6.52 0.97
N MET B 347 32.22 6.68 -0.21
CA MET B 347 33.65 6.63 -0.32
C MET B 347 34.25 7.86 -1.00
N LEU B 348 35.45 8.21 -0.61
CA LEU B 348 36.22 9.24 -1.31
C LEU B 348 37.49 8.60 -1.82
N SER B 349 37.98 9.07 -2.96
CA SER B 349 39.12 8.49 -3.61
C SER B 349 40.17 9.61 -3.80
N GLY B 350 40.38 10.04 -5.03
CA GLY B 350 41.26 11.15 -5.33
C GLY B 350 40.99 12.32 -4.40
N GLU B 351 39.74 12.49 -3.96
CA GLU B 351 39.49 13.69 -3.19
C GLU B 351 40.16 13.72 -1.79
N THR B 352 40.51 12.53 -1.28
CA THR B 352 41.27 12.50 -0.05
C THR B 352 42.67 11.98 -0.32
N ALA B 353 42.83 11.15 -1.34
CA ALA B 353 44.13 10.53 -1.62
C ALA B 353 45.17 11.54 -2.08
N LYS B 354 44.72 12.49 -2.92
CA LYS B 354 45.62 13.41 -3.62
C LYS B 354 45.13 14.87 -3.76
N GLY B 355 43.92 15.20 -3.30
CA GLY B 355 43.35 16.52 -3.62
C GLY B 355 43.93 17.59 -2.73
N ASP B 356 43.55 18.84 -2.93
CA ASP B 356 44.03 19.97 -2.11
C ASP B 356 43.15 20.26 -0.95
N TYR B 357 42.06 19.53 -0.83
CA TYR B 357 41.10 19.78 0.24
C TYR B 357 40.54 18.52 0.83
N PRO B 358 41.41 17.63 1.34
CA PRO B 358 40.91 16.38 1.88
C PRO B 358 39.96 16.60 3.05
N LEU B 359 40.26 17.58 3.86
CA LEU B 359 39.46 17.78 5.05
C LEU B 359 38.05 18.27 4.70
N GLU B 360 37.96 19.22 3.77
CA GLU B 360 36.66 19.72 3.35
C GLU B 360 35.84 18.59 2.70
N ALA B 361 36.49 17.65 2.02
CA ALA B 361 35.75 16.59 1.37
C ALA B 361 35.04 15.71 2.43
N VAL B 362 35.79 15.33 3.46
CA VAL B 362 35.26 14.46 4.46
C VAL B 362 34.05 15.12 5.14
N ARG B 363 34.25 16.34 5.65
CA ARG B 363 33.16 17.15 6.24
C ARG B 363 31.92 17.25 5.40
N MET B 364 32.10 17.36 4.08
CA MET B 364 30.99 17.53 3.19
C MET B 364 30.24 16.23 3.19
N GLN B 365 30.96 15.11 3.16
CA GLN B 365 30.23 13.85 3.15
C GLN B 365 29.41 13.69 4.43
N HIS B 366 30.06 13.94 5.55
CA HIS B 366 29.39 13.93 6.85
C HIS B 366 28.14 14.84 6.88
N LEU B 367 28.29 16.04 6.39
CA LEU B 367 27.21 17.01 6.44
C LEU B 367 26.05 16.57 5.55
N ILE B 368 26.34 16.12 4.33
CA ILE B 368 25.26 15.70 3.43
C ILE B 368 24.57 14.44 3.94
N ALA B 369 25.37 13.47 4.39
CA ALA B 369 24.77 12.21 4.78
C ALA B 369 23.78 12.41 5.88
N ARG B 370 24.11 13.28 6.81
CA ARG B 370 23.26 13.46 7.94
C ARG B 370 21.99 14.27 7.56
N GLU B 371 22.06 15.20 6.61
CA GLU B 371 20.80 15.76 6.07
C GLU B 371 20.00 14.74 5.31
N ALA B 372 20.66 13.85 4.59
CA ALA B 372 19.90 12.91 3.82
C ALA B 372 19.30 11.87 4.72
N GLU B 373 19.95 11.53 5.83
CA GLU B 373 19.41 10.46 6.67
C GLU B 373 18.08 10.93 7.29
N ALA B 374 17.98 12.20 7.62
CA ALA B 374 16.75 12.79 8.14
C ALA B 374 15.64 12.80 7.06
N ALA B 375 16.04 12.86 5.80
CA ALA B 375 15.11 12.95 4.72
C ALA B 375 14.52 11.59 4.34
N ILE B 376 15.07 10.50 4.87
CA ILE B 376 14.56 9.16 4.51
C ILE B 376 13.07 8.98 4.92
N TYR B 377 12.29 8.41 4.01
CA TYR B 377 10.93 8.04 4.31
C TYR B 377 10.90 6.72 5.09
N TYR B 378 11.19 6.79 6.37
CA TYR B 378 11.25 5.57 7.23
C TYR B 378 9.95 4.75 7.28
N LEU B 379 8.81 5.43 7.36
CA LEU B 379 7.48 4.82 7.22
C LEU B 379 7.40 3.75 6.11
N GLN B 380 7.72 4.12 4.86
CA GLN B 380 7.69 3.11 3.80
C GLN B 380 8.88 2.09 3.86
N LEU B 381 10.07 2.58 4.14
CA LEU B 381 11.29 1.75 4.18
C LEU B 381 11.18 0.61 5.22
N PHE B 382 10.78 0.95 6.44
CA PHE B 382 10.66 -0.06 7.45
C PHE B 382 9.62 -1.11 7.08
N GLU B 383 8.44 -0.64 6.70
CA GLU B 383 7.41 -1.54 6.19
C GLU B 383 7.96 -2.48 5.10
N GLU B 384 8.64 -1.92 4.09
CA GLU B 384 9.09 -2.75 3.00
C GLU B 384 10.16 -3.78 3.44
N LEU B 385 11.12 -3.35 4.27
CA LEU B 385 12.12 -4.25 4.83
C LEU B 385 11.51 -5.42 5.66
N ARG B 386 10.53 -5.13 6.53
CA ARG B 386 9.69 -6.19 7.15
C ARG B 386 9.08 -7.16 6.13
N ARG B 387 8.14 -6.68 5.31
CA ARG B 387 7.47 -7.54 4.33
C ARG B 387 8.47 -8.46 3.70
N LEU B 388 9.57 -7.90 3.22
CA LEU B 388 10.47 -8.64 2.35
C LEU B 388 11.47 -9.56 3.08
N ALA B 389 11.39 -9.68 4.40
CA ALA B 389 12.37 -10.49 5.11
C ALA B 389 11.74 -11.77 5.64
N PRO B 390 12.49 -12.88 5.61
CA PRO B 390 11.81 -14.16 5.86
C PRO B 390 11.50 -14.39 7.33
N ILE B 391 10.44 -15.14 7.60
CA ILE B 391 10.22 -15.72 8.91
C ILE B 391 11.41 -16.63 9.24
N THR B 392 12.02 -16.48 10.42
CA THR B 392 13.06 -17.45 10.86
C THR B 392 12.84 -17.90 12.30
N SER B 393 13.74 -18.74 12.77
CA SER B 393 13.66 -19.13 14.17
C SER B 393 14.89 -18.64 14.91
N ASP B 394 15.75 -17.84 14.26
CA ASP B 394 16.84 -17.23 15.00
C ASP B 394 16.25 -16.14 15.91
N PRO B 395 16.42 -16.30 17.22
CA PRO B 395 15.92 -15.37 18.22
C PRO B 395 16.66 -14.04 18.22
N THR B 396 17.86 -14.00 17.65
CA THR B 396 18.52 -12.72 17.57
C THR B 396 17.85 -11.81 16.52
N GLU B 397 17.41 -12.44 15.44
CA GLU B 397 16.83 -11.75 14.30
C GLU B 397 15.50 -11.19 14.80
N ALA B 398 14.79 -11.98 15.61
CA ALA B 398 13.46 -11.61 16.15
C ALA B 398 13.57 -10.49 17.14
N THR B 399 14.63 -10.51 17.94
CA THR B 399 14.88 -9.47 18.96
C THR B 399 15.24 -8.18 18.24
N ALA B 400 16.08 -8.31 17.18
CA ALA B 400 16.51 -7.15 16.36
C ALA B 400 15.34 -6.35 15.71
N VAL B 401 14.43 -7.05 15.05
CA VAL B 401 13.35 -6.35 14.36
C VAL B 401 12.39 -5.79 15.42
N GLY B 402 12.30 -6.48 16.58
CA GLY B 402 11.42 -6.06 17.67
C GLY B 402 11.92 -4.77 18.26
N ALA B 403 13.25 -4.69 18.39
CA ALA B 403 13.88 -3.49 18.95
C ALA B 403 13.72 -2.31 17.97
N VAL B 404 13.77 -2.60 16.67
CA VAL B 404 13.68 -1.47 15.74
C VAL B 404 12.26 -0.89 15.72
N GLU B 405 11.30 -1.78 15.73
CA GLU B 405 9.91 -1.43 15.94
C GLU B 405 9.70 -0.61 17.22
N ALA B 406 10.19 -1.11 18.35
CA ALA B 406 10.07 -0.33 19.63
C ALA B 406 10.68 1.04 19.47
N SER B 407 11.81 1.09 18.76
CA SER B 407 12.53 2.36 18.66
C SER B 407 11.70 3.40 17.91
N PHE B 408 11.03 2.96 16.85
CA PHE B 408 10.15 3.85 16.13
C PHE B 408 8.99 4.25 17.02
N LYS B 409 8.47 3.28 17.76
CA LYS B 409 7.28 3.54 18.58
C LYS B 409 7.51 4.64 19.64
N CYS B 410 8.70 4.70 20.22
CA CYS B 410 8.98 5.65 21.30
C CYS B 410 10.00 6.67 20.90
N CYS B 411 10.33 6.65 19.62
CA CYS B 411 11.12 7.66 19.04
C CYS B 411 12.47 7.77 19.82
N SER B 412 13.12 6.64 20.09
CA SER B 412 14.20 6.63 21.08
C SER B 412 15.52 7.24 20.58
N GLY B 413 16.40 7.55 21.52
CA GLY B 413 17.65 8.21 21.20
C GLY B 413 18.70 7.24 20.64
N ALA B 414 18.53 5.94 20.86
CA ALA B 414 19.51 5.00 20.39
C ALA B 414 18.99 3.59 20.56
N ILE B 415 19.64 2.68 19.86
CA ILE B 415 19.59 1.28 20.22
C ILE B 415 21.00 0.87 20.68
N ILE B 416 21.10 0.45 21.94
CA ILE B 416 22.38 0.03 22.48
C ILE B 416 22.46 -1.49 22.36
N VAL B 417 23.57 -2.01 21.82
CA VAL B 417 23.71 -3.45 21.62
C VAL B 417 25.09 -3.94 22.06
N LEU B 418 25.14 -4.93 22.94
CA LEU B 418 26.37 -5.62 23.26
C LEU B 418 26.60 -6.69 22.23
N THR B 419 27.83 -6.74 21.73
CA THR B 419 28.13 -7.65 20.65
C THR B 419 29.60 -8.09 20.69
N LYS B 420 29.86 -9.41 20.64
CA LYS B 420 31.23 -9.93 20.56
C LYS B 420 31.75 -9.90 19.13
N SER B 421 30.97 -10.51 18.22
CA SER B 421 31.36 -10.57 16.81
C SER B 421 30.81 -9.45 15.88
N GLY B 422 29.86 -8.63 16.34
CA GLY B 422 29.25 -7.61 15.48
C GLY B 422 27.84 -8.00 15.09
N ARG B 423 27.59 -9.29 14.99
CA ARG B 423 26.39 -9.81 14.38
C ARG B 423 25.06 -9.26 14.92
N SER B 424 24.90 -9.18 16.23
CA SER B 424 23.66 -8.71 16.80
C SER B 424 23.38 -7.31 16.29
N ALA B 425 24.41 -6.47 16.36
CA ALA B 425 24.35 -5.10 15.88
C ALA B 425 24.10 -5.06 14.35
N HIS B 426 24.70 -5.95 13.60
CA HIS B 426 24.46 -5.95 12.14
C HIS B 426 23.02 -6.30 11.86
N GLN B 427 22.48 -7.20 12.65
CA GLN B 427 21.06 -7.57 12.56
C GLN B 427 20.07 -6.44 12.78
N VAL B 428 20.41 -5.52 13.66
CA VAL B 428 19.59 -4.35 13.89
C VAL B 428 19.72 -3.37 12.70
N ALA B 429 20.96 -3.11 12.29
CA ALA B 429 21.27 -2.26 11.12
C ALA B 429 20.42 -2.58 9.87
N ARG B 430 20.25 -3.86 9.56
CA ARG B 430 19.43 -4.42 8.49
C ARG B 430 18.00 -3.79 8.38
N TYR B 431 17.42 -3.40 9.51
CA TYR B 431 16.06 -2.92 9.54
C TYR B 431 16.02 -1.41 9.57
N ARG B 432 17.19 -0.77 9.48
CA ARG B 432 17.28 0.64 9.22
C ARG B 432 16.48 1.50 10.22
N PRO B 433 16.77 1.35 11.50
CA PRO B 433 16.20 2.31 12.48
C PRO B 433 16.62 3.75 12.17
N ARG B 434 15.86 4.75 12.58
CA ARG B 434 16.39 6.08 12.45
C ARG B 434 17.42 6.39 13.55
N ALA B 435 17.27 5.74 14.71
CA ALA B 435 18.17 6.03 15.83
C ALA B 435 19.49 5.30 15.65
N PRO B 436 20.58 5.89 16.15
CA PRO B 436 21.92 5.29 16.00
C PRO B 436 22.04 4.01 16.84
N ILE B 437 22.80 3.07 16.31
CA ILE B 437 22.96 1.81 16.98
C ILE B 437 24.30 1.85 17.67
N ILE B 438 24.30 2.04 18.99
CA ILE B 438 25.56 2.04 19.73
C ILE B 438 25.97 0.63 20.04
N ALA B 439 26.99 0.16 19.35
CA ALA B 439 27.44 -1.22 19.51
C ALA B 439 28.63 -1.28 20.50
N VAL B 440 28.41 -1.75 21.72
CA VAL B 440 29.51 -1.90 22.68
C VAL B 440 30.16 -3.24 22.51
N THR B 441 31.46 -3.26 22.28
CA THR B 441 32.19 -4.50 22.18
C THR B 441 33.55 -4.41 22.93
N ARG B 442 34.15 -5.55 23.27
CA ARG B 442 35.57 -5.56 23.70
C ARG B 442 36.45 -5.98 22.55
N ASN B 443 35.90 -6.60 21.52
CA ASN B 443 36.74 -7.02 20.39
C ASN B 443 37.13 -5.83 19.50
N PRO B 444 38.41 -5.42 19.51
CA PRO B 444 38.71 -4.18 18.73
C PRO B 444 38.43 -4.26 17.22
N GLN B 445 38.59 -5.43 16.61
CA GLN B 445 38.34 -5.58 15.18
C GLN B 445 36.81 -5.55 14.90
N THR B 446 36.03 -6.10 15.81
CA THR B 446 34.58 -5.99 15.70
C THR B 446 34.18 -4.50 15.60
N ALA B 447 34.78 -3.66 16.44
CA ALA B 447 34.53 -2.25 16.52
C ALA B 447 34.91 -1.61 15.19
N ARG B 448 36.05 -1.99 14.66
CA ARG B 448 36.48 -1.42 13.39
C ARG B 448 35.58 -1.86 12.23
N GLN B 449 35.16 -3.11 12.23
CA GLN B 449 34.36 -3.64 11.14
C GLN B 449 32.91 -3.12 11.15
N ALA B 450 32.43 -2.71 12.31
CA ALA B 450 31.06 -2.25 12.47
C ALA B 450 30.78 -1.03 11.56
N HIS B 451 31.80 -0.24 11.24
CA HIS B 451 31.63 0.88 10.29
C HIS B 451 31.09 0.51 8.88
N LEU B 452 31.10 -0.75 8.50
CA LEU B 452 30.54 -1.08 7.22
C LEU B 452 29.04 -0.96 7.17
N TYR B 453 28.38 -0.89 8.34
CA TYR B 453 26.91 -1.00 8.43
C TYR B 453 26.32 0.31 8.76
N ARG B 454 25.30 0.70 7.99
CA ARG B 454 24.61 1.97 8.25
C ARG B 454 24.10 2.03 9.70
N GLY B 455 24.40 3.11 10.41
CA GLY B 455 23.78 3.26 11.68
C GLY B 455 24.61 2.80 12.87
N ILE B 456 25.56 1.89 12.66
CA ILE B 456 26.30 1.36 13.81
C ILE B 456 27.41 2.32 14.22
N PHE B 457 27.26 2.91 15.41
CA PHE B 457 28.32 3.73 16.03
C PHE B 457 29.08 2.79 16.98
N PRO B 458 30.21 2.23 16.53
CA PRO B 458 30.91 1.22 17.35
C PRO B 458 31.63 1.84 18.54
N VAL B 459 31.69 1.15 19.65
CA VAL B 459 32.35 1.72 20.84
C VAL B 459 33.14 0.58 21.52
N LEU B 460 34.38 0.87 21.87
CA LEU B 460 35.27 -0.17 22.35
C LEU B 460 35.40 -0.04 23.84
N CYS B 461 34.85 -1.01 24.55
CA CYS B 461 34.94 -0.99 25.98
C CYS B 461 36.37 -1.38 26.41
N LYS B 462 36.98 -0.58 27.27
CA LYS B 462 38.35 -0.88 27.75
C LYS B 462 38.42 -1.49 29.15
N ASP B 463 37.37 -1.23 29.93
CA ASP B 463 37.25 -1.74 31.30
C ASP B 463 37.56 -3.23 31.43
N PRO B 464 38.22 -3.63 32.52
CA PRO B 464 38.37 -5.07 32.70
C PRO B 464 37.04 -5.81 32.91
N VAL B 465 37.00 -7.07 32.51
CA VAL B 465 35.92 -7.99 32.81
C VAL B 465 35.59 -8.02 34.34
N GLN B 466 34.34 -7.76 34.74
CA GLN B 466 33.85 -8.06 36.11
C GLN B 466 33.74 -9.59 36.28
N GLU B 467 33.79 -10.09 37.52
CA GLU B 467 33.50 -11.50 37.65
C GLU B 467 32.05 -11.85 37.83
N ALA B 468 31.23 -10.93 38.35
CA ALA B 468 29.78 -11.11 38.17
C ALA B 468 29.39 -10.65 36.74
N TRP B 469 28.99 -11.63 35.92
CA TRP B 469 28.62 -11.39 34.55
C TRP B 469 27.52 -10.34 34.41
N ALA B 470 26.52 -10.41 35.26
CA ALA B 470 25.51 -9.38 35.27
C ALA B 470 26.12 -8.00 35.49
N GLU B 471 27.16 -7.91 36.30
CA GLU B 471 27.73 -6.58 36.54
C GLU B 471 28.56 -6.13 35.35
N ASP B 472 29.18 -7.08 34.69
CA ASP B 472 29.91 -6.79 33.48
C ASP B 472 29.02 -6.30 32.35
N VAL B 473 27.86 -6.92 32.19
CA VAL B 473 26.85 -6.52 31.22
C VAL B 473 26.46 -5.07 31.51
N ASP B 474 26.26 -4.75 32.77
CA ASP B 474 25.91 -3.39 33.16
C ASP B 474 26.97 -2.33 32.93
N LEU B 475 28.20 -2.68 33.26
CA LEU B 475 29.30 -1.75 33.02
C LEU B 475 29.23 -1.29 31.54
N ARG B 476 29.02 -2.25 30.64
CA ARG B 476 28.98 -2.00 29.19
C ARG B 476 27.82 -1.14 28.73
N VAL B 477 26.65 -1.39 29.31
CA VAL B 477 25.47 -0.59 29.03
C VAL B 477 25.70 0.84 29.53
N ASN B 478 26.27 0.95 30.72
CA ASN B 478 26.47 2.26 31.26
C ASN B 478 27.50 2.98 30.45
N PHE B 479 28.51 2.25 30.01
CA PHE B 479 29.48 2.82 29.09
C PHE B 479 28.81 3.42 27.83
N ALA B 480 27.93 2.65 27.22
CA ALA B 480 27.21 3.08 26.02
C ALA B 480 26.40 4.36 26.33
N MET B 481 25.75 4.37 27.49
CA MET B 481 25.05 5.58 28.00
C MET B 481 25.92 6.83 28.10
N ASN B 482 27.14 6.68 28.64
CA ASN B 482 28.06 7.83 28.76
C ASN B 482 28.56 8.35 27.43
N VAL B 483 28.77 7.43 26.50
CA VAL B 483 29.16 7.82 25.14
C VAL B 483 28.02 8.63 24.49
N GLY B 484 26.78 8.14 24.58
CA GLY B 484 25.65 8.82 23.96
C GLY B 484 25.44 10.21 24.54
N LYS B 485 25.51 10.26 25.86
CA LYS B 485 25.42 11.52 26.54
C LYS B 485 26.52 12.46 26.08
N ALA B 486 27.78 11.98 26.12
CA ALA B 486 28.92 12.84 25.75
C ALA B 486 28.85 13.28 24.30
N ARG B 487 28.26 12.46 23.42
CA ARG B 487 28.27 12.84 22.02
C ARG B 487 27.03 13.63 21.68
N GLY B 488 26.06 13.66 22.60
CA GLY B 488 24.85 14.43 22.35
C GLY B 488 23.76 13.60 21.68
N PHE B 489 23.87 12.30 21.74
CA PHE B 489 22.90 11.48 21.02
C PHE B 489 21.61 11.47 21.83
N PHE B 490 21.73 11.79 23.11
CA PHE B 490 20.56 11.75 23.98
C PHE B 490 20.88 12.31 25.32
N LYS B 491 19.83 12.62 26.07
CA LYS B 491 19.92 13.33 27.34
C LYS B 491 19.42 12.43 28.44
N LYS B 492 19.83 12.81 29.64
CA LYS B 492 19.39 12.31 30.91
C LYS B 492 17.98 11.77 30.95
N GLY B 493 16.99 12.51 30.49
CA GLY B 493 15.65 11.94 30.61
C GLY B 493 15.11 11.01 29.52
N ASP B 494 15.84 10.88 28.40
CA ASP B 494 15.37 10.22 27.18
C ASP B 494 15.21 8.71 27.36
N VAL B 495 14.55 8.05 26.44
CA VAL B 495 14.54 6.61 26.50
C VAL B 495 15.36 5.95 25.37
N VAL B 496 15.87 4.74 25.66
CA VAL B 496 16.70 4.02 24.73
C VAL B 496 16.37 2.53 24.83
N ILE B 497 16.85 1.78 23.85
CA ILE B 497 16.60 0.37 23.77
C ILE B 497 17.97 -0.31 23.95
N VAL B 498 17.99 -1.37 24.75
CA VAL B 498 19.20 -2.09 25.07
C VAL B 498 19.00 -3.53 24.73
N LEU B 499 19.87 -4.06 23.87
CA LEU B 499 19.85 -5.48 23.53
C LEU B 499 20.99 -6.25 24.18
N THR B 500 20.68 -7.42 24.73
CA THR B 500 21.52 -8.14 25.64
C THR B 500 21.21 -9.63 25.37
N GLY B 501 22.11 -10.52 25.79
CA GLY B 501 21.92 -11.96 25.64
C GLY B 501 21.56 -12.59 26.98
N TRP B 502 21.21 -13.88 26.98
CA TRP B 502 20.83 -14.49 28.26
C TRP B 502 22.08 -15.11 28.93
N ARG B 503 23.04 -15.60 28.15
CA ARG B 503 24.28 -16.10 28.73
C ARG B 503 25.52 -15.51 28.04
N PRO B 504 26.70 -15.60 28.70
CA PRO B 504 27.90 -14.91 28.23
C PRO B 504 28.40 -15.44 26.90
N GLY B 505 27.79 -16.51 26.42
CA GLY B 505 27.95 -16.89 25.02
C GLY B 505 28.83 -16.04 24.09
N SER B 506 28.28 -15.56 22.97
CA SER B 506 29.03 -15.49 21.69
C SER B 506 28.12 -15.43 20.45
N GLY B 507 26.90 -16.05 20.55
CA GLY B 507 25.64 -15.78 19.73
C GLY B 507 24.21 -16.00 20.39
N PHE B 508 23.94 -15.38 21.57
CA PHE B 508 22.67 -15.57 22.36
C PHE B 508 21.87 -14.27 22.63
N THR B 509 22.09 -13.20 21.86
CA THR B 509 21.29 -12.00 22.02
C THR B 509 19.79 -12.30 21.94
N ASN B 510 19.02 -11.85 22.91
CA ASN B 510 17.63 -12.27 22.91
C ASN B 510 16.74 -11.52 23.87
N THR B 511 17.25 -10.41 24.35
CA THR B 511 16.60 -9.63 25.37
C THR B 511 16.65 -8.17 25.00
N MET B 512 15.46 -7.54 25.05
CA MET B 512 15.31 -6.16 24.74
C MET B 512 14.63 -5.39 25.87
N ARG B 513 15.30 -4.35 26.38
CA ARG B 513 14.75 -3.56 27.46
C ARG B 513 14.64 -2.16 26.96
N VAL B 514 13.56 -1.49 27.33
CA VAL B 514 13.34 -0.09 27.04
C VAL B 514 13.59 0.67 28.33
N VAL B 515 14.70 1.42 28.43
CA VAL B 515 15.09 2.09 29.67
C VAL B 515 15.37 3.63 29.51
N PRO B 516 15.06 4.41 30.57
CA PRO B 516 15.39 5.84 30.46
C PRO B 516 16.90 5.99 30.61
N VAL B 517 17.52 7.01 30.03
CA VAL B 517 18.95 7.06 30.17
C VAL B 517 19.22 7.66 31.55
N PRO B 518 20.12 7.04 32.35
CA PRO B 518 20.25 7.53 33.73
C PRO B 518 20.78 8.96 33.73
N GLN C 1 -1.05 -26.92 4.62
CA GLN C 1 0.13 -26.12 5.02
C GLN C 1 -0.16 -25.27 6.24
N THR C 2 -1.33 -25.50 6.84
CA THR C 2 -1.72 -24.97 8.19
C THR C 2 -1.91 -23.44 8.37
N GLN C 3 -2.97 -23.13 9.12
CA GLN C 3 -3.33 -21.79 9.58
C GLN C 3 -3.31 -20.68 8.50
N GLN C 4 -3.83 -21.02 7.31
CA GLN C 4 -3.95 -20.09 6.18
C GLN C 4 -2.64 -19.31 5.93
N LEU C 5 -1.51 -20.02 6.00
CA LEU C 5 -0.18 -19.41 5.88
C LEU C 5 0.14 -18.92 4.43
N HIS C 6 -0.22 -19.73 3.42
CA HIS C 6 -0.19 -19.30 1.99
C HIS C 6 -0.95 -17.96 1.77
N ALA C 7 -2.19 -17.87 2.26
CA ALA C 7 -2.99 -16.62 2.28
C ALA C 7 -2.32 -15.46 3.04
N ALA C 8 -1.65 -15.80 4.15
CA ALA C 8 -1.08 -14.78 5.02
C ALA C 8 0.04 -13.98 4.31
N MET C 9 0.73 -14.62 3.37
CA MET C 9 1.81 -13.96 2.67
C MET C 9 1.39 -13.18 1.39
N ALA C 10 0.10 -13.12 1.06
CA ALA C 10 -0.33 -12.41 -0.17
C ALA C 10 -0.12 -10.93 -0.02
N ASP C 11 0.16 -10.26 -1.15
CA ASP C 11 0.31 -8.79 -1.20
C ASP C 11 -0.96 -7.96 -1.38
N THR C 12 -2.08 -8.58 -1.72
CA THR C 12 -3.33 -7.81 -1.79
C THR C 12 -4.35 -8.58 -0.92
N PHE C 13 -5.41 -7.90 -0.46
CA PHE C 13 -6.45 -8.58 0.29
C PHE C 13 -7.18 -9.55 -0.65
N LEU C 14 -7.44 -9.12 -1.87
CA LEU C 14 -8.07 -9.98 -2.86
C LEU C 14 -7.29 -11.31 -3.10
N GLU C 15 -5.99 -11.24 -3.34
CA GLU C 15 -5.19 -12.49 -3.44
C GLU C 15 -5.24 -13.29 -2.12
N HIS C 16 -5.24 -12.59 -1.00
CA HIS C 16 -5.35 -13.26 0.29
C HIS C 16 -6.66 -14.09 0.38
N MET C 17 -7.79 -13.49 -0.02
CA MET C 17 -9.09 -14.19 -0.09
C MET C 17 -9.05 -15.39 -1.03
N CYS C 18 -8.44 -15.24 -2.20
CA CYS C 18 -8.27 -16.35 -3.19
C CYS C 18 -7.52 -17.60 -2.70
N ARG C 19 -6.67 -17.38 -1.70
CA ARG C 19 -5.74 -18.38 -1.17
C ARG C 19 -6.20 -19.05 0.12
N LEU C 20 -7.32 -18.56 0.62
CA LEU C 20 -7.99 -19.22 1.76
C LEU C 20 -8.30 -20.69 1.46
N ASP C 21 -7.95 -21.57 2.37
CA ASP C 21 -7.97 -22.99 2.09
C ASP C 21 -8.70 -23.78 3.14
N ILE C 22 -9.64 -24.56 2.64
CA ILE C 22 -10.57 -25.40 3.39
C ILE C 22 -9.90 -26.64 4.00
N ASP C 23 -8.76 -27.02 3.45
CA ASP C 23 -7.94 -28.12 4.00
C ASP C 23 -6.73 -27.71 4.80
N SER C 24 -6.63 -26.44 5.14
CA SER C 24 -5.51 -25.98 5.93
C SER C 24 -5.95 -25.76 7.37
N PRO C 25 -5.53 -26.65 8.26
CA PRO C 25 -5.97 -26.64 9.69
C PRO C 25 -5.46 -25.44 10.51
N PRO C 26 -6.29 -24.89 11.39
CA PRO C 26 -5.83 -23.73 12.19
C PRO C 26 -4.89 -24.13 13.34
N ILE C 27 -4.32 -23.17 14.08
CA ILE C 27 -3.57 -23.53 15.32
C ILE C 27 -4.55 -24.09 16.37
N THR C 28 -4.01 -24.75 17.38
CA THR C 28 -4.82 -25.06 18.57
C THR C 28 -5.53 -23.84 19.24
N ALA C 29 -4.79 -22.79 19.56
CA ALA C 29 -5.31 -21.66 20.31
C ALA C 29 -6.49 -21.00 19.58
N ARG C 30 -7.44 -20.48 20.34
CA ARG C 30 -8.63 -19.79 19.85
C ARG C 30 -8.60 -18.53 20.64
N ASN C 31 -8.72 -17.41 19.96
CA ASN C 31 -8.38 -16.12 20.53
C ASN C 31 -9.59 -15.27 20.91
N THR C 32 -10.76 -15.51 20.30
CA THR C 32 -11.96 -14.71 20.56
C THR C 32 -12.75 -15.24 21.79
N GLY C 33 -13.13 -14.34 22.69
CA GLY C 33 -13.75 -14.74 23.96
C GLY C 33 -15.19 -15.11 23.68
N ILE C 34 -15.68 -16.12 24.40
CA ILE C 34 -17.06 -16.56 24.23
C ILE C 34 -17.84 -16.20 25.47
N ILE C 35 -18.88 -15.39 25.30
CA ILE C 35 -19.76 -14.98 26.39
C ILE C 35 -21.08 -15.75 26.20
N CYS C 36 -21.49 -16.46 27.24
CA CYS C 36 -22.74 -17.22 27.19
C CYS C 36 -23.67 -16.67 28.25
N THR C 37 -24.91 -16.45 27.84
CA THR C 37 -25.99 -16.04 28.73
C THR C 37 -26.46 -17.29 29.45
N ILE C 38 -26.47 -17.26 30.77
CA ILE C 38 -26.88 -18.42 31.60
C ILE C 38 -28.33 -18.29 32.05
N GLY C 39 -29.12 -19.36 31.88
CA GLY C 39 -30.51 -19.43 32.35
C GLY C 39 -30.92 -20.89 32.44
N PRO C 40 -32.24 -21.17 32.37
CA PRO C 40 -32.77 -22.51 32.60
C PRO C 40 -32.06 -23.64 31.85
N ALA C 41 -31.49 -23.42 30.66
CA ALA C 41 -30.87 -24.58 29.99
C ALA C 41 -29.43 -24.81 30.38
N SER C 42 -28.86 -23.81 31.04
CA SER C 42 -27.41 -23.80 31.24
C SER C 42 -26.95 -23.68 32.69
N ARG C 43 -27.90 -23.50 33.57
CA ARG C 43 -27.72 -23.15 34.98
C ARG C 43 -27.21 -24.25 35.96
N SER C 44 -27.36 -25.53 35.66
CA SER C 44 -26.88 -26.54 36.57
C SER C 44 -25.36 -26.71 36.52
N VAL C 45 -24.76 -27.04 37.65
CA VAL C 45 -23.34 -27.34 37.70
C VAL C 45 -22.88 -28.32 36.60
N GLU C 46 -23.59 -29.41 36.40
CA GLU C 46 -23.19 -30.40 35.36
C GLU C 46 -23.04 -29.79 33.95
N THR C 47 -24.05 -29.05 33.51
CA THR C 47 -24.01 -28.50 32.15
C THR C 47 -23.01 -27.29 32.05
N LEU C 48 -22.96 -26.46 33.08
CA LEU C 48 -21.87 -25.44 33.21
C LEU C 48 -20.49 -26.00 33.07
N LYS C 49 -20.26 -27.20 33.61
CA LYS C 49 -18.94 -27.85 33.50
C LYS C 49 -18.65 -28.20 32.03
N GLU C 50 -19.66 -28.66 31.30
CA GLU C 50 -19.46 -28.99 29.91
C GLU C 50 -19.28 -27.71 29.08
N MET C 51 -19.83 -26.60 29.55
CA MET C 51 -19.76 -25.39 28.81
C MET C 51 -18.36 -24.77 28.85
N ILE C 52 -17.80 -24.76 30.05
CA ILE C 52 -16.40 -24.49 30.20
C ILE C 52 -15.55 -25.45 29.36
N LYS C 53 -15.75 -26.76 29.50
CA LYS C 53 -14.97 -27.70 28.68
C LYS C 53 -15.11 -27.34 27.20
N SER C 54 -16.18 -26.63 26.85
CA SER C 54 -16.53 -26.36 25.47
C SER C 54 -15.98 -24.99 24.95
N GLY C 55 -15.52 -24.14 25.86
CA GLY C 55 -14.90 -22.87 25.50
C GLY C 55 -15.56 -21.66 26.11
N MET C 56 -16.63 -21.82 26.89
CA MET C 56 -17.17 -20.67 27.56
C MET C 56 -16.12 -19.89 28.41
N ASN C 57 -16.08 -18.55 28.27
CA ASN C 57 -15.18 -17.71 29.07
C ASN C 57 -15.89 -16.78 30.09
N VAL C 58 -17.08 -16.29 29.71
CA VAL C 58 -17.79 -15.33 30.51
C VAL C 58 -19.23 -15.80 30.66
N ALA C 59 -19.76 -15.67 31.87
CA ALA C 59 -21.14 -16.07 32.13
C ALA C 59 -21.94 -14.81 32.33
N ARG C 60 -22.89 -14.59 31.44
CA ARG C 60 -23.73 -13.40 31.50
C ARG C 60 -25.06 -13.73 32.22
N LEU C 61 -25.44 -12.86 33.15
CA LEU C 61 -26.68 -12.95 33.86
C LEU C 61 -27.51 -11.80 33.44
N ASN C 62 -28.68 -12.07 32.92
CA ASN C 62 -29.47 -10.98 32.40
C ASN C 62 -30.49 -10.52 33.41
N PHE C 63 -30.31 -9.33 33.95
CA PHE C 63 -31.23 -8.85 34.98
C PHE C 63 -32.57 -8.27 34.51
N SER C 64 -32.90 -8.40 33.22
CA SER C 64 -34.26 -8.11 32.78
C SER C 64 -35.20 -9.19 33.34
N HIS C 65 -34.63 -10.25 33.90
CA HIS C 65 -35.44 -11.39 34.37
C HIS C 65 -34.89 -11.85 35.69
N GLY C 66 -35.77 -12.37 36.54
CA GLY C 66 -35.39 -13.15 37.72
C GLY C 66 -35.29 -12.28 38.94
N THR C 67 -35.06 -12.89 40.10
CA THR C 67 -34.90 -12.21 41.38
C THR C 67 -33.44 -12.32 41.76
N HIS C 68 -33.03 -11.51 42.73
CA HIS C 68 -31.66 -11.58 43.24
C HIS C 68 -31.33 -12.99 43.71
N GLU C 69 -32.27 -13.67 44.33
CA GLU C 69 -32.00 -15.00 44.87
C GLU C 69 -31.67 -15.99 43.74
N TYR C 70 -32.45 -15.90 42.66
CA TYR C 70 -32.24 -16.70 41.45
C TYR C 70 -30.83 -16.45 40.89
N HIS C 71 -30.44 -15.18 40.82
CA HIS C 71 -29.13 -14.88 40.24
C HIS C 71 -27.96 -15.31 41.14
N ALA C 72 -28.08 -15.04 42.45
CA ALA C 72 -27.10 -15.57 43.48
C ALA C 72 -26.83 -17.05 43.31
N GLU C 73 -27.91 -17.78 43.09
CA GLU C 73 -27.76 -19.21 42.90
C GLU C 73 -27.00 -19.52 41.59
N THR C 74 -27.30 -18.77 40.52
CA THR C 74 -26.64 -18.98 39.24
C THR C 74 -25.13 -18.74 39.38
N ILE C 75 -24.76 -17.64 40.01
CA ILE C 75 -23.36 -17.29 40.22
C ILE C 75 -22.60 -18.37 41.00
N LYS C 76 -23.25 -18.83 42.06
CA LYS C 76 -22.75 -19.90 42.91
C LYS C 76 -22.55 -21.17 42.15
N ASN C 77 -23.46 -21.47 41.23
CA ASN C 77 -23.27 -22.61 40.36
C ASN C 77 -22.11 -22.42 39.39
N VAL C 78 -22.00 -21.24 38.79
CA VAL C 78 -20.86 -20.91 37.90
C VAL C 78 -19.55 -21.15 38.68
N ARG C 79 -19.41 -20.48 39.82
CA ARG C 79 -18.20 -20.64 40.65
C ARG C 79 -17.88 -22.09 41.02
N THR C 80 -18.92 -22.86 41.31
CA THR C 80 -18.75 -24.28 41.69
C THR C 80 -18.20 -25.08 40.49
N ALA C 81 -18.82 -24.84 39.34
CA ALA C 81 -18.39 -25.46 38.10
C ALA C 81 -16.93 -25.11 37.76
N THR C 82 -16.58 -23.82 37.87
CA THR C 82 -15.22 -23.28 37.62
C THR C 82 -14.19 -23.90 38.58
N GLU C 83 -14.44 -23.74 39.90
CA GLU C 83 -13.56 -24.32 40.95
C GLU C 83 -13.39 -25.84 40.90
N SER C 84 -14.31 -26.55 40.26
CA SER C 84 -14.20 -28.00 40.16
C SER C 84 -12.91 -28.41 39.43
N PHE C 85 -12.31 -27.46 38.73
CA PHE C 85 -11.18 -27.72 37.84
C PHE C 85 -9.87 -27.21 38.50
N ALA C 86 -9.99 -26.57 39.66
CA ALA C 86 -8.84 -25.96 40.36
C ALA C 86 -7.77 -26.95 40.80
N SER C 87 -8.18 -28.21 41.01
CA SER C 87 -7.25 -29.24 41.47
C SER C 87 -6.06 -29.53 40.52
N ASP C 88 -6.08 -28.92 39.33
CA ASP C 88 -5.00 -29.04 38.34
C ASP C 88 -4.74 -27.65 37.76
N PRO C 89 -3.78 -26.90 38.33
CA PRO C 89 -3.63 -25.45 38.03
C PRO C 89 -3.37 -25.18 36.55
N ILE C 90 -2.79 -26.18 35.92
CA ILE C 90 -2.44 -26.17 34.52
C ILE C 90 -3.69 -26.17 33.60
N LEU C 91 -4.71 -26.97 33.93
CA LEU C 91 -5.92 -27.12 33.07
C LEU C 91 -7.18 -26.31 33.50
N TYR C 92 -7.03 -25.50 34.55
CA TYR C 92 -8.06 -24.65 35.10
C TYR C 92 -8.31 -23.47 34.15
N ARG C 93 -9.56 -23.06 34.01
CA ARG C 93 -9.91 -21.88 33.22
C ARG C 93 -10.60 -20.86 34.07
N PRO C 94 -10.04 -19.68 34.19
CA PRO C 94 -10.89 -18.73 34.90
C PRO C 94 -12.19 -18.41 34.12
N VAL C 95 -13.27 -18.14 34.84
CA VAL C 95 -14.51 -17.84 34.21
C VAL C 95 -15.00 -16.59 34.86
N ALA C 96 -15.38 -15.63 34.03
CA ALA C 96 -15.80 -14.34 34.51
C ALA C 96 -17.32 -14.31 34.67
N VAL C 97 -17.82 -13.37 35.47
CA VAL C 97 -19.23 -13.25 35.67
C VAL C 97 -19.63 -11.88 35.27
N ALA C 98 -20.63 -11.80 34.39
CA ALA C 98 -21.07 -10.52 33.84
C ALA C 98 -22.52 -10.24 34.18
N LEU C 99 -22.78 -9.01 34.57
CA LEU C 99 -24.11 -8.62 34.96
C LEU C 99 -24.71 -7.71 33.90
N ASP C 100 -25.85 -8.11 33.36
CA ASP C 100 -26.46 -7.38 32.27
C ASP C 100 -27.72 -6.72 32.82
N THR C 101 -27.66 -5.42 32.80
CA THR C 101 -28.63 -4.51 33.30
C THR C 101 -29.98 -4.55 32.56
N LYS C 102 -31.08 -4.38 33.30
CA LYS C 102 -32.39 -4.18 32.68
C LYS C 102 -32.41 -2.88 31.89
N GLY C 103 -32.04 -1.78 32.53
CA GLY C 103 -32.13 -0.45 31.90
C GLY C 103 -33.55 -0.05 31.54
N PRO C 104 -33.71 1.07 30.81
CA PRO C 104 -35.02 1.62 30.51
C PRO C 104 -35.81 0.87 29.41
N GLU C 105 -36.09 -0.40 29.67
CA GLU C 105 -36.93 -1.24 28.83
C GLU C 105 -38.40 -0.86 28.92
N ILE C 106 -39.15 -1.07 27.84
CA ILE C 106 -40.63 -1.06 27.92
C ILE C 106 -41.07 -2.46 27.58
N ARG C 107 -41.92 -3.06 28.40
CA ARG C 107 -42.41 -4.43 28.17
C ARG C 107 -43.92 -4.50 28.34
N THR C 108 -44.54 -5.52 27.76
CA THR C 108 -45.97 -5.69 27.90
C THR C 108 -46.20 -6.46 29.18
N GLY C 109 -47.45 -6.67 29.51
CA GLY C 109 -47.75 -7.48 30.69
C GLY C 109 -47.92 -8.95 30.37
N LEU C 110 -48.60 -9.65 31.27
CA LEU C 110 -48.82 -11.07 31.13
C LEU C 110 -50.13 -11.34 30.35
N ILE C 111 -50.06 -12.26 29.42
CA ILE C 111 -51.23 -12.76 28.74
C ILE C 111 -52.17 -13.52 29.70
N LYS C 112 -53.48 -13.35 29.58
CA LYS C 112 -54.45 -14.20 30.30
C LYS C 112 -54.15 -15.68 30.11
N GLY C 113 -53.82 -16.37 31.19
CA GLY C 113 -53.74 -17.83 31.15
C GLY C 113 -55.20 -18.21 31.02
N SER C 114 -55.48 -19.30 30.32
CA SER C 114 -56.86 -19.77 30.18
C SER C 114 -57.00 -21.30 29.96
N GLY C 115 -56.04 -21.94 29.29
CA GLY C 115 -54.75 -21.36 28.99
C GLY C 115 -54.33 -21.25 27.55
N THR C 116 -55.05 -20.40 26.80
CA THR C 116 -54.77 -20.00 25.39
C THR C 116 -53.29 -20.13 24.89
N ALA C 117 -52.35 -19.80 25.77
CA ALA C 117 -50.92 -19.74 25.47
C ALA C 117 -50.61 -18.31 24.96
N GLU C 118 -50.94 -18.07 23.69
CA GLU C 118 -50.69 -16.78 23.03
C GLU C 118 -51.90 -16.19 22.30
N VAL C 119 -51.92 -14.89 22.22
CA VAL C 119 -53.02 -14.22 21.58
C VAL C 119 -52.68 -13.89 20.11
N GLU C 120 -53.66 -14.10 19.23
CA GLU C 120 -53.51 -13.83 17.78
C GLU C 120 -53.90 -12.39 17.37
N LEU C 121 -52.89 -11.60 17.03
CA LEU C 121 -53.11 -10.22 16.56
C LEU C 121 -53.26 -10.16 15.02
N LYS C 122 -54.36 -9.60 14.57
CA LYS C 122 -54.77 -9.83 13.20
C LYS C 122 -54.61 -8.50 12.50
N LYS C 123 -54.05 -8.50 11.28
CA LYS C 123 -53.87 -7.22 10.53
C LYS C 123 -55.21 -6.46 10.37
N GLY C 124 -55.24 -5.18 10.72
CA GLY C 124 -56.49 -4.44 10.66
C GLY C 124 -57.39 -4.50 11.89
N ALA C 125 -57.10 -5.40 12.83
CA ALA C 125 -57.89 -5.41 14.06
C ALA C 125 -57.50 -4.19 14.90
N THR C 126 -58.40 -3.79 15.80
CA THR C 126 -58.09 -2.72 16.74
C THR C 126 -57.62 -3.37 18.05
N LEU C 127 -56.81 -2.63 18.78
CA LEU C 127 -56.16 -3.15 19.95
C LEU C 127 -56.04 -1.93 20.87
N LYS C 128 -56.60 -2.02 22.06
CA LYS C 128 -56.46 -0.95 23.02
C LYS C 128 -55.20 -1.14 23.85
N ILE C 129 -54.48 -0.06 24.08
CA ILE C 129 -53.37 -0.13 24.99
C ILE C 129 -53.67 0.66 26.26
N THR C 130 -53.44 0.04 27.39
CA THR C 130 -53.77 0.70 28.63
C THR C 130 -52.59 0.76 29.55
N LEU C 131 -52.70 1.67 30.51
CA LEU C 131 -51.71 1.80 31.57
C LEU C 131 -52.29 1.43 32.92
N ASP C 132 -53.57 1.07 32.92
CA ASP C 132 -54.27 0.71 34.16
C ASP C 132 -53.87 -0.68 34.70
N ASN C 133 -53.19 -0.66 35.85
CA ASN C 133 -52.54 -1.86 36.44
C ASN C 133 -53.42 -3.04 36.68
N ALA C 134 -54.72 -2.81 36.76
CA ALA C 134 -55.65 -3.91 36.84
C ALA C 134 -55.55 -4.83 35.61
N TYR C 135 -54.86 -4.43 34.56
CA TYR C 135 -54.85 -5.22 33.32
C TYR C 135 -53.48 -5.85 33.06
N MET C 136 -52.54 -5.50 33.94
CA MET C 136 -51.17 -5.99 33.96
C MET C 136 -51.03 -7.48 33.63
N GLU C 137 -52.01 -8.27 34.04
CA GLU C 137 -51.86 -9.70 33.88
C GLU C 137 -53.06 -10.25 33.16
N LYS C 138 -53.71 -9.39 32.42
CA LYS C 138 -54.94 -9.73 31.74
C LYS C 138 -54.84 -9.34 30.27
N CYS C 139 -53.66 -9.52 29.66
CA CYS C 139 -53.41 -9.09 28.30
C CYS C 139 -54.05 -10.08 27.34
N ASP C 140 -54.60 -9.57 26.24
CA ASP C 140 -55.24 -10.38 25.20
C ASP C 140 -55.41 -9.61 23.88
N GLU C 141 -56.17 -10.18 22.93
CA GLU C 141 -56.37 -9.58 21.61
C GLU C 141 -56.97 -8.19 21.67
N ASN C 142 -57.77 -7.91 22.70
CA ASN C 142 -58.48 -6.60 22.76
C ASN C 142 -57.81 -5.57 23.63
N ILE C 143 -57.01 -6.03 24.59
CA ILE C 143 -56.41 -5.11 25.52
C ILE C 143 -55.00 -5.56 25.89
N LEU C 144 -54.09 -4.61 25.73
CA LEU C 144 -52.70 -4.82 26.00
C LEU C 144 -52.24 -3.77 27.01
N TRP C 145 -51.62 -4.25 28.08
CA TRP C 145 -51.01 -3.36 29.06
C TRP C 145 -49.52 -3.18 28.80
N LEU C 146 -49.00 -2.04 29.22
CA LEU C 146 -47.62 -1.60 28.94
C LEU C 146 -47.18 -0.98 30.22
N ASP C 147 -45.87 -1.03 30.53
CA ASP C 147 -45.34 -0.55 31.83
C ASP C 147 -44.61 0.77 31.74
N TYR C 148 -44.68 1.39 30.56
CA TYR C 148 -44.13 2.73 30.41
C TYR C 148 -45.26 3.74 30.60
N LYS C 149 -45.34 4.32 31.81
CA LYS C 149 -46.44 5.24 32.21
C LYS C 149 -46.66 6.48 31.35
N ASN C 150 -45.61 7.02 30.74
CA ASN C 150 -45.71 8.22 29.90
C ASN C 150 -46.11 8.01 28.45
N ILE C 151 -46.26 6.77 28.03
CA ILE C 151 -46.44 6.52 26.62
C ILE C 151 -47.36 7.54 25.94
N CYS C 152 -48.47 7.92 26.60
CA CYS C 152 -49.46 8.82 25.98
C CYS C 152 -48.91 10.22 25.65
N LYS C 153 -47.89 10.64 26.39
CA LYS C 153 -47.21 11.92 26.17
C LYS C 153 -46.35 11.92 24.91
N VAL C 154 -45.89 10.75 24.48
CA VAL C 154 -44.76 10.75 23.57
C VAL C 154 -45.09 10.18 22.17
N VAL C 155 -46.35 9.90 21.93
CA VAL C 155 -46.75 9.45 20.61
C VAL C 155 -47.93 10.31 20.22
N GLU C 156 -48.43 10.17 19.00
CA GLU C 156 -49.50 11.05 18.50
C GLU C 156 -50.33 10.21 17.59
N VAL C 157 -51.52 10.67 17.19
CA VAL C 157 -52.25 9.87 16.23
C VAL C 157 -51.26 9.54 15.08
N GLY C 158 -51.18 8.26 14.69
CA GLY C 158 -50.39 7.86 13.54
C GLY C 158 -49.02 7.30 13.88
N SER C 159 -48.56 7.51 15.12
CA SER C 159 -47.30 6.93 15.59
C SER C 159 -47.27 5.41 15.45
N LYS C 160 -46.05 4.88 15.37
CA LYS C 160 -45.86 3.44 15.25
C LYS C 160 -45.25 2.80 16.50
N ILE C 161 -45.91 1.76 16.99
CA ILE C 161 -45.45 1.03 18.18
C ILE C 161 -45.01 -0.37 17.79
N TYR C 162 -43.78 -0.72 18.15
CA TYR C 162 -43.24 -2.06 17.82
C TYR C 162 -43.20 -2.98 19.01
N VAL C 163 -43.69 -4.21 18.78
CA VAL C 163 -43.77 -5.22 19.82
C VAL C 163 -43.11 -6.52 19.40
N ASP C 164 -42.35 -7.07 20.35
CA ASP C 164 -41.73 -8.39 20.27
C ASP C 164 -40.68 -8.52 19.18
N ASP C 165 -39.45 -8.12 19.52
CA ASP C 165 -38.34 -8.11 18.58
C ASP C 165 -38.74 -7.40 17.28
N GLY C 166 -39.65 -6.42 17.39
CA GLY C 166 -40.13 -5.61 16.27
C GLY C 166 -40.98 -6.34 15.23
N LEU C 167 -41.49 -7.54 15.59
CA LEU C 167 -42.24 -8.36 14.64
C LEU C 167 -43.68 -7.86 14.53
N ILE C 168 -44.21 -7.28 15.60
CA ILE C 168 -45.59 -6.80 15.60
C ILE C 168 -45.58 -5.27 15.57
N SER C 169 -46.42 -4.67 14.72
CA SER C 169 -46.48 -3.22 14.73
C SER C 169 -47.88 -2.72 14.87
N LEU C 170 -48.03 -1.64 15.61
CA LEU C 170 -49.32 -1.01 15.79
C LEU C 170 -49.20 0.45 15.40
N GLN C 171 -50.27 0.94 14.80
CA GLN C 171 -50.43 2.36 14.56
C GLN C 171 -51.47 2.96 15.52
N VAL C 172 -51.08 4.02 16.22
CA VAL C 172 -51.99 4.76 17.08
C VAL C 172 -53.07 5.47 16.23
N LYS C 173 -54.33 5.08 16.45
CA LYS C 173 -55.48 5.65 15.80
C LYS C 173 -56.16 6.66 16.74
N GLN C 174 -56.03 6.49 18.05
CA GLN C 174 -56.74 7.37 19.01
C GLN C 174 -56.01 7.49 20.34
N LYS C 175 -55.95 8.71 20.84
CA LYS C 175 -55.15 9.00 22.02
C LYS C 175 -56.01 9.31 23.26
N GLY C 176 -55.49 9.00 24.44
CA GLY C 176 -56.28 9.07 25.66
C GLY C 176 -55.44 9.60 26.80
N ALA C 177 -56.07 9.72 27.96
CA ALA C 177 -55.39 10.16 29.18
C ALA C 177 -54.50 9.03 29.72
N ASP C 178 -55.01 7.80 29.70
CA ASP C 178 -54.22 6.66 30.14
C ASP C 178 -54.44 5.44 29.24
N PHE C 179 -54.70 5.67 27.96
CA PHE C 179 -54.88 4.58 27.00
C PHE C 179 -54.65 5.07 25.57
N LEU C 180 -54.56 4.10 24.67
CA LEU C 180 -54.34 4.32 23.25
C LEU C 180 -55.18 3.30 22.51
N VAL C 181 -55.88 3.75 21.47
CA VAL C 181 -56.50 2.77 20.57
C VAL C 181 -55.63 2.69 19.34
N THR C 182 -55.26 1.49 18.93
CA THR C 182 -54.31 1.32 17.85
C THR C 182 -54.96 0.36 16.86
N GLU C 183 -54.33 0.23 15.69
CA GLU C 183 -54.74 -0.71 14.68
C GLU C 183 -53.50 -1.54 14.40
N VAL C 184 -53.71 -2.83 14.16
CA VAL C 184 -52.63 -3.77 13.92
C VAL C 184 -52.23 -3.56 12.48
N GLU C 185 -51.01 -3.08 12.29
CA GLU C 185 -50.38 -2.96 11.00
C GLU C 185 -49.74 -4.30 10.68
N ASN C 186 -48.89 -4.78 11.60
CA ASN C 186 -48.25 -6.07 11.45
C ASN C 186 -48.73 -7.04 12.51
N GLY C 187 -49.40 -8.09 12.05
CA GLY C 187 -49.99 -9.10 12.93
C GLY C 187 -49.10 -10.27 13.29
N GLY C 188 -49.56 -11.09 14.21
CA GLY C 188 -48.79 -12.20 14.63
C GLY C 188 -49.26 -12.69 15.96
N SER C 189 -48.45 -13.59 16.53
CA SER C 189 -48.70 -14.21 17.80
C SER C 189 -48.11 -13.40 18.94
N LEU C 190 -48.92 -12.94 19.88
CA LEU C 190 -48.37 -12.18 21.00
C LEU C 190 -48.32 -12.97 22.30
N GLY C 191 -47.14 -13.13 22.88
CA GLY C 191 -46.98 -13.76 24.19
C GLY C 191 -46.73 -12.74 25.28
N SER C 192 -46.15 -13.14 26.41
CA SER C 192 -46.10 -12.31 27.62
C SER C 192 -44.82 -11.53 27.80
N LYS C 193 -44.92 -10.32 28.41
CA LYS C 193 -43.74 -9.48 28.71
C LYS C 193 -42.80 -9.33 27.54
N LYS C 194 -43.32 -8.83 26.42
CA LYS C 194 -42.52 -8.62 25.21
C LYS C 194 -41.96 -7.22 25.20
N GLY C 195 -40.81 -7.07 24.52
CA GLY C 195 -40.13 -5.76 24.37
C GLY C 195 -40.92 -4.88 23.44
N VAL C 196 -41.15 -3.63 23.84
CA VAL C 196 -41.75 -2.61 22.99
C VAL C 196 -40.72 -1.55 22.56
N ASN C 197 -40.76 -1.14 21.29
CA ASN C 197 -39.85 -0.12 20.83
C ASN C 197 -40.69 0.98 20.24
N LEU C 198 -40.31 2.22 20.56
CA LEU C 198 -40.91 3.38 19.92
C LEU C 198 -39.81 4.21 19.20
N PRO C 199 -39.38 3.75 17.99
CA PRO C 199 -38.26 4.42 17.27
C PRO C 199 -38.61 5.87 16.96
N GLY C 200 -37.67 6.77 17.20
CA GLY C 200 -37.92 8.21 17.01
C GLY C 200 -39.08 8.84 17.77
N ALA C 201 -39.63 8.13 18.76
CA ALA C 201 -40.42 8.79 19.77
C ALA C 201 -39.42 9.17 20.83
N ALA C 202 -39.70 10.26 21.53
CA ALA C 202 -38.77 10.86 22.51
C ALA C 202 -38.85 10.21 23.93
N VAL C 203 -38.30 9.00 24.08
CA VAL C 203 -38.42 8.22 25.33
C VAL C 203 -37.68 8.93 26.51
N ASP C 204 -38.37 9.15 27.63
CA ASP C 204 -37.78 9.85 28.82
C ASP C 204 -37.45 8.99 30.04
N LEU C 205 -37.18 7.71 29.83
CA LEU C 205 -36.88 6.78 30.92
C LEU C 205 -35.45 6.97 31.39
N PRO C 206 -35.22 6.94 32.70
CA PRO C 206 -33.88 7.20 33.17
C PRO C 206 -32.93 6.10 32.72
N ALA C 207 -31.66 6.42 32.60
CA ALA C 207 -30.68 5.42 32.17
C ALA C 207 -30.45 4.40 33.28
N VAL C 208 -30.54 4.90 34.51
CA VAL C 208 -30.28 4.08 35.70
C VAL C 208 -31.48 4.28 36.62
N SER C 209 -32.36 3.28 36.66
CA SER C 209 -33.58 3.27 37.50
C SER C 209 -33.26 2.76 38.91
N GLU C 210 -34.26 2.82 39.80
CA GLU C 210 -34.06 2.31 41.18
C GLU C 210 -33.73 0.79 41.19
N LYS C 211 -34.46 0.06 40.34
CA LYS C 211 -34.17 -1.33 40.11
C LYS C 211 -32.73 -1.52 39.65
N ASP C 212 -32.25 -0.71 38.68
CA ASP C 212 -30.85 -0.85 38.23
C ASP C 212 -29.91 -0.59 39.36
N ILE C 213 -30.19 0.45 40.13
CA ILE C 213 -29.28 0.72 41.28
C ILE C 213 -29.16 -0.50 42.20
N GLN C 214 -30.32 -1.03 42.59
CA GLN C 214 -30.38 -2.28 43.32
C GLN C 214 -29.53 -3.37 42.70
N ASP C 215 -29.77 -3.65 41.43
CA ASP C 215 -29.01 -4.72 40.74
C ASP C 215 -27.53 -4.45 40.68
N LEU C 216 -27.14 -3.21 40.39
CA LEU C 216 -25.72 -2.89 40.36
C LEU C 216 -25.09 -3.16 41.73
N LYS C 217 -25.73 -2.66 42.79
CA LYS C 217 -25.19 -2.86 44.16
C LYS C 217 -25.05 -4.35 44.46
N PHE C 218 -26.03 -5.13 44.06
CA PHE C 218 -25.96 -6.57 44.30
C PHE C 218 -24.79 -7.16 43.51
N GLY C 219 -24.54 -6.62 42.31
CA GLY C 219 -23.40 -7.09 41.54
C GLY C 219 -22.09 -6.82 42.25
N VAL C 220 -21.95 -5.58 42.74
CA VAL C 220 -20.79 -5.29 43.60
C VAL C 220 -20.64 -6.33 44.71
N GLU C 221 -21.65 -6.42 45.58
CA GLU C 221 -21.69 -7.43 46.63
C GLU C 221 -21.28 -8.80 46.18
N GLN C 222 -21.84 -9.21 45.06
CA GLN C 222 -21.64 -10.56 44.50
C GLN C 222 -20.24 -10.68 43.81
N ASP C 223 -19.57 -9.54 43.64
CA ASP C 223 -18.22 -9.51 43.10
C ASP C 223 -18.18 -9.95 41.60
N VAL C 224 -19.03 -9.32 40.78
CA VAL C 224 -19.08 -9.61 39.36
C VAL C 224 -17.85 -8.99 38.70
N ASP C 225 -17.39 -9.59 37.61
CA ASP C 225 -16.22 -9.07 36.95
C ASP C 225 -16.48 -7.86 36.06
N MET C 226 -17.75 -7.67 35.66
CA MET C 226 -18.11 -6.66 34.67
C MET C 226 -19.61 -6.51 34.55
N VAL C 227 -20.01 -5.34 34.10
CA VAL C 227 -21.38 -5.03 33.90
C VAL C 227 -21.67 -4.61 32.46
N PHE C 228 -22.71 -5.17 31.83
CA PHE C 228 -23.17 -4.74 30.53
C PHE C 228 -24.33 -3.81 30.72
N ALA C 229 -24.08 -2.53 30.54
CA ALA C 229 -25.07 -1.50 30.83
C ALA C 229 -25.93 -1.23 29.62
N SER C 230 -27.25 -1.34 29.80
CA SER C 230 -28.17 -1.29 28.67
C SER C 230 -28.56 0.12 28.30
N PHE C 231 -28.83 0.30 27.02
CA PHE C 231 -29.32 1.56 26.51
C PHE C 231 -28.51 2.84 26.83
N ILE C 232 -27.18 2.73 27.00
CA ILE C 232 -26.31 3.89 27.13
C ILE C 232 -26.42 4.84 25.94
N ARG C 233 -26.75 6.09 26.24
CA ARG C 233 -27.06 7.08 25.19
C ARG C 233 -26.03 8.19 25.19
N LYS C 234 -25.14 8.19 26.17
CA LYS C 234 -24.22 9.34 26.39
C LYS C 234 -23.27 9.06 27.50
N ALA C 235 -22.15 9.77 27.50
CA ALA C 235 -21.13 9.54 28.48
C ALA C 235 -21.66 9.72 29.91
N SER C 236 -22.61 10.61 30.12
CA SER C 236 -23.00 10.86 31.51
C SER C 236 -23.77 9.63 32.08
N ASP C 237 -24.56 8.97 31.23
CA ASP C 237 -25.12 7.64 31.52
C ASP C 237 -24.11 6.67 32.08
N VAL C 238 -22.95 6.55 31.42
CA VAL C 238 -21.88 5.67 31.92
C VAL C 238 -21.43 6.14 33.30
N HIS C 239 -21.40 7.45 33.49
CA HIS C 239 -20.91 8.02 34.78
C HIS C 239 -21.79 7.62 35.97
N GLU C 240 -23.12 7.67 35.78
CA GLU C 240 -24.09 7.13 36.74
C GLU C 240 -23.80 5.70 37.18
N VAL C 241 -23.49 4.85 36.22
CA VAL C 241 -23.23 3.45 36.51
C VAL C 241 -21.95 3.32 37.30
N ARG C 242 -20.99 4.18 36.96
CA ARG C 242 -19.70 4.16 37.62
C ARG C 242 -19.94 4.70 38.99
N LYS C 243 -20.75 5.75 39.12
CA LYS C 243 -21.04 6.37 40.42
C LYS C 243 -21.64 5.26 41.30
N VAL C 244 -22.72 4.66 40.78
CA VAL C 244 -23.51 3.67 41.50
C VAL C 244 -22.65 2.45 41.82
N LEU C 245 -21.60 2.21 41.04
CA LEU C 245 -20.68 1.09 41.29
C LEU C 245 -19.63 1.39 42.37
N GLY C 246 -19.38 2.70 42.54
CA GLY C 246 -18.55 3.28 43.59
C GLY C 246 -17.21 2.66 43.79
N GLU C 247 -16.59 3.00 44.92
CA GLU C 247 -15.23 2.52 45.21
C GLU C 247 -15.08 1.04 45.31
N LYS C 248 -16.01 0.36 45.99
CA LYS C 248 -15.91 -1.10 46.10
C LYS C 248 -15.95 -1.73 44.70
N GLY C 249 -16.71 -1.10 43.78
CA GLY C 249 -16.73 -1.52 42.38
C GLY C 249 -15.60 -0.94 41.54
N LYS C 250 -14.54 -0.51 42.19
CA LYS C 250 -13.43 0.18 41.54
C LYS C 250 -13.15 -0.51 40.21
N ASN C 251 -12.97 -1.82 40.29
CA ASN C 251 -12.38 -2.61 39.22
C ASN C 251 -13.34 -3.32 38.28
N ILE C 252 -14.65 -3.24 38.55
CA ILE C 252 -15.63 -3.85 37.67
C ILE C 252 -15.57 -3.13 36.32
N LYS C 253 -15.27 -3.86 35.24
CA LYS C 253 -15.29 -3.26 33.89
C LYS C 253 -16.71 -2.83 33.51
N ILE C 254 -16.87 -1.60 33.06
CA ILE C 254 -18.16 -1.19 32.53
C ILE C 254 -18.18 -1.31 31.01
N ILE C 255 -19.18 -2.04 30.48
CA ILE C 255 -19.28 -2.26 29.06
C ILE C 255 -20.56 -1.64 28.63
N SER C 256 -20.50 -0.64 27.77
CA SER C 256 -21.72 0.04 27.42
C SER C 256 -22.38 -0.58 26.22
N LYS C 257 -23.68 -0.79 26.33
CA LYS C 257 -24.48 -1.41 25.28
C LYS C 257 -25.00 -0.33 24.37
N ILE C 258 -24.63 -0.38 23.09
CA ILE C 258 -25.13 0.57 22.13
C ILE C 258 -26.32 -0.01 21.45
N GLU C 259 -27.46 0.62 21.64
CA GLU C 259 -28.68 0.04 21.08
C GLU C 259 -29.79 0.97 20.64
N ASN C 260 -29.43 2.23 20.34
CA ASN C 260 -30.39 3.19 19.78
C ASN C 260 -29.68 4.23 18.93
N HIS C 261 -30.44 5.12 18.28
CA HIS C 261 -29.83 6.16 17.45
C HIS C 261 -28.83 7.05 18.20
N GLU C 262 -29.15 7.47 19.42
CA GLU C 262 -28.32 8.41 20.11
C GLU C 262 -27.00 7.76 20.49
N GLY C 263 -27.08 6.49 20.89
CA GLY C 263 -25.90 5.74 21.30
C GLY C 263 -24.89 5.68 20.19
N VAL C 264 -25.36 5.51 18.96
CA VAL C 264 -24.50 5.52 17.81
C VAL C 264 -23.96 6.93 17.59
N ARG C 265 -24.87 7.89 17.50
CA ARG C 265 -24.51 9.27 17.26
C ARG C 265 -23.47 9.79 18.28
N ARG C 266 -23.58 9.42 19.56
CA ARG C 266 -22.65 9.89 20.60
C ARG C 266 -21.56 8.91 20.96
N PHE C 267 -21.29 8.00 20.04
CA PHE C 267 -20.45 6.86 20.30
C PHE C 267 -19.04 7.19 20.86
N ASP C 268 -18.43 8.23 20.33
CA ASP C 268 -17.03 8.55 20.76
C ASP C 268 -16.90 8.89 22.22
N GLU C 269 -17.82 9.70 22.74
CA GLU C 269 -17.79 10.00 24.19
C GLU C 269 -18.07 8.74 25.10
N ILE C 270 -18.99 7.89 24.65
CA ILE C 270 -19.36 6.72 25.43
C ILE C 270 -18.14 5.82 25.41
N LEU C 271 -17.56 5.63 24.23
CA LEU C 271 -16.33 4.84 24.17
C LEU C 271 -15.22 5.40 25.10
N GLU C 272 -15.04 6.72 25.13
CA GLU C 272 -13.99 7.29 26.01
C GLU C 272 -14.36 7.07 27.48
N ALA C 273 -15.63 7.27 27.81
CA ALA C 273 -16.12 6.91 29.17
C ALA C 273 -16.11 5.40 29.60
N SER C 274 -16.15 4.45 28.66
CA SER C 274 -16.43 3.08 29.09
C SER C 274 -15.20 2.28 29.10
N ASP C 275 -15.25 1.09 29.67
CA ASP C 275 -14.10 0.21 29.56
C ASP C 275 -14.18 -0.66 28.29
N GLY C 276 -15.33 -0.55 27.60
CA GLY C 276 -15.63 -1.42 26.46
C GLY C 276 -17.03 -1.19 25.91
N ILE C 277 -17.26 -1.76 24.75
CA ILE C 277 -18.54 -1.64 24.06
C ILE C 277 -19.16 -2.99 23.68
N MET C 278 -20.49 -3.06 23.75
CA MET C 278 -21.24 -4.16 23.19
C MET C 278 -22.12 -3.62 22.09
N VAL C 279 -22.03 -4.26 20.91
CA VAL C 279 -22.92 -3.89 19.84
C VAL C 279 -24.21 -4.71 20.04
N ALA C 280 -25.24 -4.02 20.52
CA ALA C 280 -26.46 -4.70 20.96
C ALA C 280 -27.47 -4.70 19.83
N ARG C 281 -27.32 -5.67 18.94
CA ARG C 281 -27.97 -5.64 17.62
C ARG C 281 -29.47 -5.84 17.61
N GLY C 282 -29.98 -6.53 18.61
CA GLY C 282 -31.41 -6.84 18.78
C GLY C 282 -32.20 -5.55 18.73
N ASP C 283 -32.05 -4.72 19.76
CA ASP C 283 -32.68 -3.40 19.78
C ASP C 283 -32.18 -2.41 18.75
N LEU C 284 -30.86 -2.48 18.46
CA LEU C 284 -30.28 -1.55 17.52
C LEU C 284 -31.03 -1.68 16.21
N GLY C 285 -31.31 -2.92 15.84
CA GLY C 285 -31.94 -3.15 14.56
C GLY C 285 -33.43 -2.92 14.59
N ILE C 286 -33.98 -2.56 15.76
CA ILE C 286 -35.35 -2.06 15.76
C ILE C 286 -35.32 -0.55 15.85
N GLU C 287 -34.32 0.01 16.52
CA GLU C 287 -34.25 1.49 16.65
C GLU C 287 -33.82 2.22 15.38
N ILE C 288 -33.06 1.55 14.51
CA ILE C 288 -32.66 2.12 13.20
C ILE C 288 -33.03 1.11 12.14
N PRO C 289 -33.08 1.54 10.86
CA PRO C 289 -33.46 0.52 9.86
C PRO C 289 -32.49 -0.67 9.90
N ALA C 290 -33.03 -1.89 9.75
CA ALA C 290 -32.22 -3.08 9.96
C ALA C 290 -31.12 -3.29 8.90
N GLU C 291 -31.33 -2.74 7.70
CA GLU C 291 -30.29 -2.83 6.67
C GLU C 291 -29.08 -2.05 7.09
N LYS C 292 -29.17 -1.26 8.17
CA LYS C 292 -28.04 -0.40 8.59
C LYS C 292 -27.27 -0.98 9.73
N VAL C 293 -27.75 -2.06 10.33
CA VAL C 293 -27.01 -2.55 11.49
C VAL C 293 -25.55 -2.90 11.19
N PHE C 294 -25.24 -3.51 10.04
CA PHE C 294 -23.87 -3.96 9.82
C PHE C 294 -22.95 -2.77 9.74
N LEU C 295 -23.48 -1.62 9.35
CA LEU C 295 -22.67 -0.42 9.25
C LEU C 295 -22.32 0.05 10.66
N ALA C 296 -23.30 0.05 11.56
CA ALA C 296 -23.03 0.40 12.97
C ALA C 296 -22.06 -0.62 13.55
N GLN C 297 -22.30 -1.88 13.24
CA GLN C 297 -21.47 -2.91 13.86
C GLN C 297 -20.01 -2.65 13.52
N LYS C 298 -19.75 -2.41 12.23
CA LYS C 298 -18.38 -2.32 11.74
C LYS C 298 -17.70 -0.98 12.11
N MET C 299 -18.44 0.14 12.21
CA MET C 299 -17.82 1.33 12.81
C MET C 299 -17.47 1.20 14.30
N MET C 300 -18.35 0.59 15.10
CA MET C 300 -17.98 0.38 16.50
C MET C 300 -16.81 -0.57 16.64
N ILE C 301 -16.80 -1.67 15.87
CA ILE C 301 -15.65 -2.56 16.01
C ILE C 301 -14.38 -1.82 15.57
N GLY C 302 -14.42 -1.20 14.40
CA GLY C 302 -13.30 -0.40 13.97
C GLY C 302 -12.75 0.58 15.00
N ARG C 303 -13.62 1.42 15.55
CA ARG C 303 -13.18 2.42 16.56
C ARG C 303 -12.69 1.81 17.88
N CYS C 304 -13.35 0.75 18.39
CA CYS C 304 -12.82 0.13 19.59
C CYS C 304 -11.47 -0.45 19.31
N ASN C 305 -11.26 -1.02 18.13
CA ASN C 305 -9.95 -1.58 17.80
C ASN C 305 -8.87 -0.47 17.77
N ARG C 306 -9.24 0.68 17.21
CA ARG C 306 -8.35 1.84 17.06
C ARG C 306 -8.06 2.39 18.45
N ALA C 307 -9.09 2.49 19.31
CA ALA C 307 -8.90 2.81 20.72
C ALA C 307 -8.28 1.72 21.64
N GLY C 308 -8.01 0.49 21.18
CA GLY C 308 -7.57 -0.62 22.07
C GLY C 308 -8.56 -1.01 23.20
N LYS C 309 -9.85 -0.85 22.95
CA LYS C 309 -10.91 -1.22 23.88
C LYS C 309 -11.74 -2.42 23.40
N PRO C 310 -12.00 -3.37 24.32
CA PRO C 310 -12.78 -4.58 24.05
C PRO C 310 -14.13 -4.24 23.46
N VAL C 311 -14.48 -4.91 22.37
CA VAL C 311 -15.84 -4.78 21.85
C VAL C 311 -16.44 -6.18 21.67
N ILE C 312 -17.73 -6.25 21.89
CA ILE C 312 -18.42 -7.53 21.91
C ILE C 312 -19.51 -7.43 20.88
N CYS C 313 -19.59 -8.45 20.01
CA CYS C 313 -20.74 -8.58 19.09
C CYS C 313 -21.80 -9.54 19.66
N ALA C 314 -23.05 -9.13 19.66
CA ALA C 314 -24.06 -9.89 20.35
C ALA C 314 -25.34 -10.01 19.54
N THR C 315 -26.11 -11.06 19.85
CA THR C 315 -27.53 -11.16 19.51
C THR C 315 -27.80 -11.80 18.17
N GLN C 316 -28.49 -12.93 18.26
CA GLN C 316 -28.89 -13.79 17.15
C GLN C 316 -27.75 -14.30 16.27
N MET C 317 -26.55 -14.42 16.85
CA MET C 317 -25.39 -14.95 16.12
C MET C 317 -25.67 -16.34 15.61
N LEU C 318 -26.34 -17.15 16.45
CA LEU C 318 -26.70 -18.55 16.12
C LEU C 318 -28.16 -18.84 16.53
N GLU C 319 -29.04 -17.86 16.33
CA GLU C 319 -30.41 -17.95 16.82
C GLU C 319 -31.07 -19.30 16.59
N SER C 320 -30.95 -19.87 15.38
CA SER C 320 -31.74 -21.03 15.06
C SER C 320 -31.33 -22.28 15.87
N MET C 321 -30.12 -22.25 16.43
CA MET C 321 -29.62 -23.28 17.34
C MET C 321 -30.38 -23.34 18.69
N ILE C 322 -31.33 -22.43 18.89
CA ILE C 322 -32.22 -22.53 20.03
C ILE C 322 -33.01 -23.86 19.92
N LYS C 323 -33.36 -24.21 18.67
CA LYS C 323 -34.10 -25.43 18.34
C LYS C 323 -33.35 -26.51 17.50
N LYS C 324 -32.14 -26.24 17.05
CA LYS C 324 -31.55 -27.10 16.07
C LYS C 324 -30.08 -27.33 16.42
N PRO C 325 -29.57 -28.56 16.22
CA PRO C 325 -28.19 -28.89 16.62
C PRO C 325 -27.13 -28.37 15.70
N ARG C 326 -27.50 -27.72 14.61
CA ARG C 326 -26.51 -27.17 13.66
C ARG C 326 -27.09 -25.87 13.15
N PRO C 327 -26.26 -24.81 12.96
CA PRO C 327 -26.79 -23.44 12.63
C PRO C 327 -27.11 -23.25 11.12
N THR C 328 -27.74 -22.11 10.80
CA THR C 328 -27.99 -21.74 9.41
C THR C 328 -26.69 -21.25 8.82
N ARG C 329 -26.61 -21.22 7.50
CA ARG C 329 -25.42 -20.72 6.77
C ARG C 329 -25.15 -19.25 7.05
N ALA C 330 -26.19 -18.44 7.21
CA ALA C 330 -26.03 -17.05 7.55
C ALA C 330 -25.48 -16.89 8.97
N GLU C 331 -25.82 -17.83 9.83
CA GLU C 331 -25.31 -17.77 11.18
C GLU C 331 -23.82 -18.10 11.21
N GLY C 332 -23.39 -19.13 10.48
CA GLY C 332 -21.98 -19.44 10.45
C GLY C 332 -21.20 -18.25 9.85
N SER C 333 -21.76 -17.64 8.80
CA SER C 333 -21.05 -16.51 8.18
C SER C 333 -21.00 -15.28 9.10
N ASP C 334 -22.08 -15.09 9.86
CA ASP C 334 -22.21 -13.96 10.76
C ASP C 334 -21.15 -14.03 11.83
N VAL C 335 -20.87 -15.24 12.33
CA VAL C 335 -19.97 -15.34 13.44
C VAL C 335 -18.59 -15.08 12.91
N ALA C 336 -18.29 -15.71 11.79
CA ALA C 336 -16.98 -15.63 11.17
C ALA C 336 -16.62 -14.18 10.83
N ASN C 337 -17.58 -13.43 10.31
CA ASN C 337 -17.41 -12.06 9.92
C ASN C 337 -17.24 -11.13 11.09
N ALA C 338 -17.89 -11.42 12.21
CA ALA C 338 -17.66 -10.60 13.41
C ALA C 338 -16.21 -10.68 13.89
N VAL C 339 -15.66 -11.89 13.91
CA VAL C 339 -14.27 -12.07 14.25
C VAL C 339 -13.40 -11.37 13.22
N LEU C 340 -13.76 -11.58 11.95
CA LEU C 340 -12.96 -11.02 10.89
C LEU C 340 -12.99 -9.50 10.99
N ASP C 341 -14.09 -8.91 11.44
CA ASP C 341 -14.11 -7.43 11.57
C ASP C 341 -13.24 -6.99 12.73
N GLY C 342 -12.95 -7.87 13.67
CA GLY C 342 -12.13 -7.51 14.81
C GLY C 342 -12.83 -7.55 16.17
N ALA C 343 -14.04 -8.13 16.27
CA ALA C 343 -14.70 -8.28 17.59
C ALA C 343 -13.82 -9.04 18.56
N ASP C 344 -13.63 -8.56 19.79
CA ASP C 344 -12.87 -9.25 20.83
C ASP C 344 -13.55 -10.47 21.37
N CYS C 345 -14.87 -10.36 21.54
CA CYS C 345 -15.72 -11.44 21.98
C CYS C 345 -17.05 -11.56 21.19
N ILE C 346 -17.57 -12.77 21.12
CA ILE C 346 -18.84 -12.98 20.51
C ILE C 346 -19.73 -13.49 21.63
N MET C 347 -21.05 -13.35 21.45
CA MET C 347 -21.96 -13.65 22.59
C MET C 347 -23.10 -14.54 22.18
N LEU C 348 -23.55 -15.38 23.09
CA LEU C 348 -24.74 -16.14 22.83
C LEU C 348 -25.74 -15.75 23.87
N SER C 349 -27.01 -15.69 23.47
CA SER C 349 -28.11 -15.35 24.37
C SER C 349 -29.01 -16.57 24.60
N GLY C 350 -30.20 -16.56 23.99
CA GLY C 350 -31.12 -17.69 24.04
C GLY C 350 -30.48 -19.03 23.73
N GLU C 351 -29.41 -19.05 22.95
CA GLU C 351 -28.89 -20.32 22.51
C GLU C 351 -28.25 -21.04 23.69
N THR C 352 -27.86 -20.29 24.71
CA THR C 352 -27.37 -20.95 25.91
C THR C 352 -28.35 -20.74 27.08
N ALA C 353 -29.18 -19.68 27.08
CA ALA C 353 -30.07 -19.47 28.25
C ALA C 353 -31.24 -20.48 28.30
N LYS C 354 -31.80 -20.78 27.14
CA LYS C 354 -33.09 -21.48 27.07
C LYS C 354 -33.14 -22.53 25.94
N GLY C 355 -32.11 -22.62 25.10
CA GLY C 355 -32.18 -23.43 23.89
C GLY C 355 -32.03 -24.89 24.18
N ASP C 356 -32.25 -25.75 23.22
CA ASP C 356 -32.08 -27.17 23.45
C ASP C 356 -30.66 -27.64 23.18
N TYR C 357 -29.79 -26.77 22.66
CA TYR C 357 -28.44 -27.17 22.27
C TYR C 357 -27.37 -26.23 22.74
N PRO C 358 -27.37 -25.93 24.05
CA PRO C 358 -26.42 -24.98 24.63
C PRO C 358 -25.00 -25.37 24.32
N LEU C 359 -24.70 -26.64 24.43
CA LEU C 359 -23.31 -27.07 24.29
C LEU C 359 -22.86 -27.06 22.85
N GLU C 360 -23.76 -27.39 21.92
CA GLU C 360 -23.40 -27.34 20.49
C GLU C 360 -23.13 -25.92 20.02
N ALA C 361 -23.84 -24.94 20.59
CA ALA C 361 -23.73 -23.56 20.19
C ALA C 361 -22.37 -23.03 20.60
N VAL C 362 -22.01 -23.28 21.87
CA VAL C 362 -20.69 -22.93 22.36
C VAL C 362 -19.57 -23.53 21.52
N ARG C 363 -19.71 -24.80 21.18
CA ARG C 363 -18.69 -25.49 20.38
C ARG C 363 -18.62 -24.90 18.98
N MET C 364 -19.78 -24.63 18.42
CA MET C 364 -19.88 -23.99 17.14
C MET C 364 -19.16 -22.64 17.14
N GLN C 365 -19.39 -21.81 18.16
CA GLN C 365 -18.68 -20.56 18.24
C GLN C 365 -17.18 -20.72 18.35
N HIS C 366 -16.72 -21.73 19.08
CA HIS C 366 -15.30 -21.98 19.27
C HIS C 366 -14.71 -22.41 17.94
N LEU C 367 -15.42 -23.30 17.26
CA LEU C 367 -14.98 -23.79 15.98
C LEU C 367 -14.88 -22.68 14.88
N ILE C 368 -15.89 -21.82 14.75
CA ILE C 368 -15.88 -20.76 13.73
C ILE C 368 -14.84 -19.72 14.05
N ALA C 369 -14.80 -19.30 15.31
CA ALA C 369 -13.80 -18.27 15.69
C ALA C 369 -12.34 -18.72 15.35
N ARG C 370 -11.97 -19.93 15.72
CA ARG C 370 -10.62 -20.44 15.45
C ARG C 370 -10.32 -20.46 13.92
N GLU C 371 -11.30 -20.86 13.12
CA GLU C 371 -11.18 -20.81 11.66
C GLU C 371 -11.04 -19.39 11.12
N ALA C 372 -11.82 -18.47 11.65
CA ALA C 372 -11.75 -17.10 11.17
C ALA C 372 -10.46 -16.43 11.58
N GLU C 373 -9.98 -16.73 12.79
CA GLU C 373 -8.73 -16.11 13.28
C GLU C 373 -7.54 -16.48 12.36
N ALA C 374 -7.56 -17.67 11.78
CA ALA C 374 -6.50 -18.08 10.84
C ALA C 374 -6.59 -17.34 9.53
N ALA C 375 -7.80 -16.91 9.18
CA ALA C 375 -8.05 -16.20 7.93
C ALA C 375 -7.90 -14.69 8.03
N ILE C 376 -7.65 -14.14 9.21
CA ILE C 376 -7.44 -12.68 9.25
C ILE C 376 -6.19 -12.30 8.43
N TYR C 377 -6.27 -11.17 7.71
CA TYR C 377 -5.12 -10.63 6.97
C TYR C 377 -4.22 -9.71 7.88
N TYR C 378 -3.33 -10.32 8.64
CA TYR C 378 -2.51 -9.64 9.65
C TYR C 378 -1.48 -8.63 9.10
N LEU C 379 -0.88 -8.98 7.96
CA LEU C 379 -0.04 -8.08 7.19
C LEU C 379 -0.67 -6.70 7.17
N GLN C 380 -1.90 -6.60 6.65
CA GLN C 380 -2.61 -5.33 6.61
C GLN C 380 -3.09 -4.77 7.99
N LEU C 381 -3.67 -5.65 8.80
CA LEU C 381 -4.22 -5.24 10.06
C LEU C 381 -3.12 -4.69 11.01
N PHE C 382 -2.02 -5.44 11.11
CA PHE C 382 -0.92 -5.01 11.92
C PHE C 382 -0.31 -3.68 11.42
N GLU C 383 -0.14 -3.56 10.11
CA GLU C 383 0.36 -2.32 9.51
C GLU C 383 -0.56 -1.14 9.80
N GLU C 384 -1.89 -1.31 9.66
CA GLU C 384 -2.84 -0.23 9.91
C GLU C 384 -2.93 0.12 11.42
N LEU C 385 -2.87 -0.91 12.28
CA LEU C 385 -2.90 -0.61 13.73
C LEU C 385 -1.68 0.22 14.19
N ARG C 386 -0.49 -0.07 13.64
CA ARG C 386 0.72 0.69 13.86
C ARG C 386 0.63 2.14 13.37
N ARG C 387 0.19 2.33 12.11
CA ARG C 387 0.08 3.66 11.50
C ARG C 387 -0.76 4.49 12.44
N LEU C 388 -1.94 3.98 12.75
CA LEU C 388 -2.93 4.70 13.49
C LEU C 388 -2.55 4.96 14.93
N ALA C 389 -1.57 4.24 15.45
CA ALA C 389 -1.21 4.43 16.85
C ALA C 389 -0.16 5.52 17.03
N PRO C 390 -0.35 6.36 18.08
CA PRO C 390 0.57 7.47 18.40
C PRO C 390 1.94 6.99 18.94
N ILE C 391 2.96 7.81 18.74
CA ILE C 391 4.26 7.66 19.39
C ILE C 391 4.14 8.06 20.87
N THR C 392 4.43 7.15 21.78
CA THR C 392 4.42 7.47 23.22
C THR C 392 5.77 7.38 23.86
N SER C 393 5.85 7.74 25.13
CA SER C 393 7.04 7.48 25.92
C SER C 393 6.81 6.30 26.85
N ASP C 394 5.66 5.63 26.75
CA ASP C 394 5.38 4.54 27.67
C ASP C 394 6.16 3.26 27.31
N PRO C 395 7.12 2.90 28.18
CA PRO C 395 8.04 1.84 27.84
C PRO C 395 7.31 0.55 27.61
N THR C 396 6.19 0.38 28.30
CA THR C 396 5.35 -0.82 28.15
C THR C 396 4.71 -0.86 26.78
N GLU C 397 4.32 0.30 26.30
CA GLU C 397 3.72 0.42 24.97
C GLU C 397 4.76 0.05 23.90
N ALA C 398 5.96 0.60 24.04
CA ALA C 398 7.05 0.26 23.14
C ALA C 398 7.33 -1.24 23.16
N THR C 399 7.26 -1.82 24.35
CA THR C 399 7.65 -3.19 24.55
C THR C 399 6.61 -4.05 23.89
N ALA C 400 5.33 -3.69 24.09
CA ALA C 400 4.20 -4.49 23.54
C ALA C 400 4.28 -4.55 22.00
N VAL C 401 4.52 -3.40 21.36
CA VAL C 401 4.50 -3.42 19.91
C VAL C 401 5.73 -4.15 19.40
N GLY C 402 6.84 -4.07 20.15
CA GLY C 402 8.03 -4.83 19.83
C GLY C 402 7.83 -6.34 19.94
N ALA C 403 7.14 -6.78 20.99
CA ALA C 403 6.85 -8.23 21.16
C ALA C 403 5.92 -8.79 20.06
N VAL C 404 4.93 -8.01 19.67
CA VAL C 404 4.06 -8.49 18.60
C VAL C 404 4.85 -8.63 17.28
N GLU C 405 5.66 -7.62 16.98
CA GLU C 405 6.52 -7.63 15.81
C GLU C 405 7.42 -8.85 15.83
N ALA C 406 8.08 -9.07 16.97
CA ALA C 406 8.89 -10.29 17.09
C ALA C 406 8.01 -11.51 16.92
N SER C 407 6.77 -11.49 17.43
CA SER C 407 5.99 -12.70 17.32
C SER C 407 5.73 -13.06 15.88
N PHE C 408 5.50 -12.09 14.98
CA PHE C 408 5.29 -12.40 13.56
C PHE C 408 6.58 -12.88 12.89
N LYS C 409 7.69 -12.29 13.29
CA LYS C 409 9.00 -12.57 12.69
C LYS C 409 9.49 -13.99 12.86
N CYS C 410 9.25 -14.57 14.05
CA CYS C 410 9.66 -15.99 14.33
C CYS C 410 8.48 -16.99 14.45
N CYS C 411 7.27 -16.55 14.10
CA CYS C 411 6.11 -17.44 14.02
C CYS C 411 5.85 -18.01 15.41
N SER C 412 5.86 -17.13 16.39
CA SER C 412 5.87 -17.51 17.79
C SER C 412 4.69 -18.42 18.22
N GLY C 413 4.96 -19.30 19.18
CA GLY C 413 3.93 -20.15 19.78
C GLY C 413 3.00 -19.40 20.72
N ALA C 414 3.50 -18.34 21.34
CA ALA C 414 2.69 -17.59 22.26
C ALA C 414 3.49 -16.39 22.64
N ILE C 415 2.78 -15.38 23.11
CA ILE C 415 3.38 -14.29 23.83
C ILE C 415 3.02 -14.43 25.31
N ILE C 416 4.00 -14.81 26.11
CA ILE C 416 3.79 -14.86 27.56
C ILE C 416 4.03 -13.53 28.22
N VAL C 417 3.04 -13.03 28.96
CA VAL C 417 3.14 -11.76 29.69
C VAL C 417 2.78 -11.93 31.20
N LEU C 418 3.62 -11.41 32.09
CA LEU C 418 3.28 -11.34 33.50
C LEU C 418 2.58 -10.02 33.73
N THR C 419 1.39 -10.05 34.31
CA THR C 419 0.64 -8.85 34.60
C THR C 419 -0.12 -9.07 35.94
N LYS C 420 -0.29 -7.98 36.69
CA LYS C 420 -1.01 -8.00 37.92
C LYS C 420 -2.38 -7.41 37.68
N SER C 421 -2.42 -6.24 37.02
CA SER C 421 -3.67 -5.58 36.69
C SER C 421 -4.25 -6.02 35.33
N GLY C 422 -3.41 -6.50 34.43
CA GLY C 422 -3.86 -6.87 33.08
C GLY C 422 -3.37 -5.97 31.96
N ARG C 423 -3.00 -4.73 32.29
CA ARG C 423 -2.66 -3.72 31.30
C ARG C 423 -1.60 -4.20 30.28
N SER C 424 -0.53 -4.79 30.77
CA SER C 424 0.58 -5.13 29.93
C SER C 424 0.08 -6.02 28.83
N ALA C 425 -0.82 -6.92 29.22
CA ALA C 425 -1.40 -7.86 28.28
C ALA C 425 -2.43 -7.19 27.35
N HIS C 426 -3.21 -6.26 27.87
CA HIS C 426 -4.20 -5.50 27.08
C HIS C 426 -3.48 -4.72 25.98
N GLN C 427 -2.25 -4.35 26.28
CA GLN C 427 -1.42 -3.54 25.40
C GLN C 427 -0.84 -4.41 24.32
N VAL C 428 -0.53 -5.65 24.61
CA VAL C 428 -0.17 -6.54 23.55
C VAL C 428 -1.39 -6.86 22.63
N ALA C 429 -2.57 -6.96 23.23
CA ALA C 429 -3.72 -7.47 22.50
C ALA C 429 -4.19 -6.45 21.48
N ARG C 430 -4.16 -5.18 21.87
CA ARG C 430 -4.57 -4.13 20.94
C ARG C 430 -3.75 -4.14 19.62
N TYR C 431 -2.56 -4.76 19.59
CA TYR C 431 -1.85 -4.86 18.30
C TYR C 431 -2.11 -6.15 17.53
N ARG C 432 -2.96 -7.01 18.07
CA ARG C 432 -3.56 -8.13 17.33
C ARG C 432 -2.60 -9.15 16.75
N PRO C 433 -1.72 -9.68 17.61
CA PRO C 433 -0.87 -10.83 17.23
C PRO C 433 -1.73 -12.01 16.83
N ARG C 434 -1.20 -12.91 16.00
CA ARG C 434 -1.92 -14.15 15.75
C ARG C 434 -1.73 -15.15 16.89
N ALA C 435 -0.54 -15.08 17.47
CA ALA C 435 -0.14 -15.98 18.53
C ALA C 435 -0.93 -15.67 19.82
N PRO C 436 -1.31 -16.72 20.59
CA PRO C 436 -2.04 -16.49 21.82
C PRO C 436 -1.16 -15.76 22.78
N ILE C 437 -1.78 -14.88 23.56
CA ILE C 437 -1.13 -14.13 24.63
C ILE C 437 -1.50 -14.80 25.95
N ILE C 438 -0.55 -15.52 26.51
CA ILE C 438 -0.77 -16.22 27.76
C ILE C 438 -0.41 -15.25 28.89
N ALA C 439 -1.43 -14.58 29.45
CA ALA C 439 -1.25 -13.70 30.58
C ALA C 439 -1.16 -14.50 31.94
N VAL C 440 0.04 -14.57 32.53
CA VAL C 440 0.22 -15.11 33.91
C VAL C 440 0.03 -14.01 34.95
N THR C 441 -0.90 -14.26 35.87
CA THR C 441 -1.23 -13.34 36.95
C THR C 441 -1.58 -14.16 38.19
N ARG C 442 -1.41 -13.52 39.34
CA ARG C 442 -1.85 -14.13 40.59
C ARG C 442 -3.15 -13.49 41.02
N ASN C 443 -3.48 -12.36 40.43
CA ASN C 443 -4.72 -11.75 40.76
C ASN C 443 -5.91 -12.48 40.05
N PRO C 444 -6.81 -13.11 40.83
CA PRO C 444 -7.93 -13.83 40.18
C PRO C 444 -8.91 -12.95 39.36
N GLN C 445 -9.18 -11.70 39.79
CA GLN C 445 -10.09 -10.83 39.02
C GLN C 445 -9.53 -10.48 37.66
N THR C 446 -8.22 -10.23 37.64
CA THR C 446 -7.50 -9.83 36.49
C THR C 446 -7.60 -10.97 35.49
N ALA C 447 -7.55 -12.20 36.00
CA ALA C 447 -7.56 -13.37 35.11
C ALA C 447 -8.95 -13.60 34.47
N ARG C 448 -9.97 -12.96 35.02
CA ARG C 448 -11.32 -13.22 34.57
C ARG C 448 -11.61 -12.09 33.60
N GLN C 449 -11.16 -10.90 33.96
CA GLN C 449 -11.37 -9.74 33.14
C GLN C 449 -10.62 -9.80 31.81
N ALA C 450 -9.59 -10.65 31.72
CA ALA C 450 -8.71 -10.80 30.56
C ALA C 450 -9.45 -11.31 29.33
N HIS C 451 -10.48 -12.11 29.58
CA HIS C 451 -11.32 -12.69 28.55
C HIS C 451 -11.97 -11.67 27.63
N LEU C 452 -12.07 -10.41 28.07
CA LEU C 452 -12.62 -9.37 27.26
C LEU C 452 -11.73 -8.99 26.09
N TYR C 453 -10.50 -9.48 26.01
CA TYR C 453 -9.54 -9.02 25.00
C TYR C 453 -9.16 -10.14 24.06
N ARG C 454 -9.29 -9.87 22.74
CA ARG C 454 -8.99 -10.89 21.78
C ARG C 454 -7.61 -11.47 22.08
N GLY C 455 -7.52 -12.79 22.13
CA GLY C 455 -6.23 -13.48 22.19
C GLY C 455 -5.53 -13.60 23.54
N ILE C 456 -6.05 -12.93 24.58
CA ILE C 456 -5.51 -13.20 25.90
C ILE C 456 -6.08 -14.48 26.51
N PHE C 457 -5.23 -15.48 26.74
CA PHE C 457 -5.58 -16.73 27.41
C PHE C 457 -5.03 -16.58 28.84
N PRO C 458 -5.89 -16.10 29.78
CA PRO C 458 -5.42 -15.83 31.13
C PRO C 458 -5.06 -17.10 31.83
N VAL C 459 -4.08 -17.01 32.70
CA VAL C 459 -3.62 -18.18 33.43
C VAL C 459 -3.34 -17.73 34.84
N LEU C 460 -3.89 -18.44 35.82
CA LEU C 460 -3.85 -17.98 37.22
C LEU C 460 -2.79 -18.73 38.02
N CYS C 461 -1.76 -18.03 38.48
CA CYS C 461 -0.75 -18.70 39.28
C CYS C 461 -1.17 -18.82 40.76
N LYS C 462 -1.07 -20.03 41.29
CA LYS C 462 -1.48 -20.34 42.66
C LYS C 462 -0.27 -20.58 43.57
N ASP C 463 0.90 -20.76 42.95
CA ASP C 463 2.15 -21.06 43.65
C ASP C 463 2.51 -20.03 44.72
N PRO C 464 3.23 -20.50 45.75
CA PRO C 464 3.66 -19.51 46.72
C PRO C 464 4.62 -18.46 46.09
N VAL C 465 4.54 -17.21 46.55
CA VAL C 465 5.49 -16.16 46.22
C VAL C 465 6.88 -16.50 46.77
N GLN C 466 7.83 -16.82 45.88
CA GLN C 466 9.22 -17.06 46.26
C GLN C 466 9.91 -15.88 46.94
N GLU C 467 10.94 -16.21 47.72
CA GLU C 467 11.73 -15.26 48.47
C GLU C 467 12.38 -14.27 47.53
N ALA C 468 13.22 -14.79 46.64
CA ALA C 468 13.89 -13.99 45.59
C ALA C 468 12.92 -13.64 44.41
N TRP C 469 12.75 -12.33 44.17
CA TRP C 469 11.80 -11.84 43.17
C TRP C 469 12.09 -12.34 41.75
N ALA C 470 13.37 -12.36 41.37
CA ALA C 470 13.78 -12.93 40.10
C ALA C 470 13.43 -14.41 39.98
N GLU C 471 13.47 -15.16 41.07
CA GLU C 471 13.08 -16.56 40.97
C GLU C 471 11.55 -16.75 40.91
N ASP C 472 10.83 -15.78 41.44
CA ASP C 472 9.37 -15.77 41.46
C ASP C 472 8.86 -15.49 40.02
N VAL C 473 9.47 -14.49 39.39
CA VAL C 473 9.30 -14.19 37.98
C VAL C 473 9.50 -15.43 37.12
N ASP C 474 10.68 -16.02 37.27
CA ASP C 474 11.01 -17.18 36.47
C ASP C 474 9.98 -18.29 36.62
N LEU C 475 9.44 -18.41 37.85
CA LEU C 475 8.45 -19.43 38.20
C LEU C 475 7.13 -19.27 37.41
N ARG C 476 6.67 -18.03 37.37
CA ARG C 476 5.50 -17.62 36.60
C ARG C 476 5.71 -17.86 35.10
N VAL C 477 6.92 -17.56 34.65
CA VAL C 477 7.31 -17.90 33.29
C VAL C 477 7.28 -19.41 33.01
N ASN C 478 7.87 -20.21 33.90
CA ASN C 478 7.83 -21.67 33.72
C ASN C 478 6.41 -22.24 33.81
N PHE C 479 5.60 -21.57 34.63
CA PHE C 479 4.19 -21.91 34.74
C PHE C 479 3.49 -21.83 33.36
N ALA C 480 3.57 -20.65 32.75
CA ALA C 480 2.99 -20.39 31.45
C ALA C 480 3.56 -21.33 30.40
N MET C 481 4.85 -21.63 30.52
CA MET C 481 5.49 -22.51 29.56
C MET C 481 4.86 -23.88 29.68
N ASN C 482 4.65 -24.34 30.91
CA ASN C 482 4.01 -25.64 31.09
C ASN C 482 2.57 -25.72 30.57
N VAL C 483 1.82 -24.65 30.75
CA VAL C 483 0.42 -24.64 30.35
C VAL C 483 0.26 -24.66 28.85
N GLY C 484 1.14 -23.94 28.16
CA GLY C 484 1.12 -23.96 26.71
C GLY C 484 1.56 -25.30 26.19
N LYS C 485 2.53 -25.92 26.88
CA LYS C 485 2.97 -27.27 26.49
C LYS C 485 1.84 -28.24 26.75
N ALA C 486 1.25 -28.17 27.94
CA ALA C 486 0.17 -29.08 28.30
C ALA C 486 -0.95 -29.08 27.26
N ARG C 487 -1.35 -27.88 26.83
CA ARG C 487 -2.50 -27.69 25.96
C ARG C 487 -2.24 -27.78 24.46
N GLY C 488 -0.98 -28.06 24.07
CA GLY C 488 -0.65 -28.15 22.63
C GLY C 488 -0.46 -26.84 21.86
N PHE C 489 -0.24 -25.74 22.56
CA PHE C 489 0.07 -24.46 21.93
C PHE C 489 1.45 -24.53 21.30
N PHE C 490 2.39 -25.23 21.95
CA PHE C 490 3.76 -25.38 21.46
C PHE C 490 4.55 -26.53 22.15
N LYS C 491 5.67 -26.95 21.54
CA LYS C 491 6.55 -28.06 22.00
C LYS C 491 7.96 -27.56 22.19
N LYS C 492 8.84 -28.42 22.70
CA LYS C 492 10.23 -28.06 22.92
C LYS C 492 10.86 -27.45 21.65
N GLY C 493 10.41 -27.89 20.48
CA GLY C 493 10.87 -27.26 19.23
C GLY C 493 10.87 -25.72 19.13
N ASP C 494 9.90 -25.05 19.76
CA ASP C 494 9.44 -23.73 19.29
C ASP C 494 10.06 -22.50 19.96
N VAL C 495 9.59 -21.32 19.58
CA VAL C 495 9.99 -20.12 20.28
C VAL C 495 8.77 -19.35 20.81
N VAL C 496 8.92 -18.70 21.95
CA VAL C 496 7.89 -17.92 22.52
C VAL C 496 8.52 -16.63 22.93
N ILE C 497 7.69 -15.60 23.04
CA ILE C 497 8.14 -14.27 23.46
C ILE C 497 7.67 -14.12 24.91
N VAL C 498 8.57 -13.71 25.80
CA VAL C 498 8.20 -13.52 27.21
C VAL C 498 8.35 -12.05 27.55
N LEU C 499 7.28 -11.43 28.03
CA LEU C 499 7.32 -10.04 28.55
C LEU C 499 7.33 -9.97 30.11
N THR C 500 8.11 -9.05 30.64
CA THR C 500 8.58 -9.06 32.01
C THR C 500 8.87 -7.62 32.34
N GLY C 501 9.14 -7.33 33.62
CA GLY C 501 9.38 -5.96 34.08
C GLY C 501 10.69 -5.91 34.83
N TRP C 502 11.13 -4.69 35.14
CA TRP C 502 12.45 -4.52 35.79
C TRP C 502 12.35 -4.44 37.33
N ARG C 503 11.14 -4.39 37.85
CA ARG C 503 10.96 -4.39 39.29
C ARG C 503 9.53 -4.78 39.70
N PRO C 504 9.38 -5.37 40.90
CA PRO C 504 8.09 -5.95 41.24
C PRO C 504 7.11 -4.85 41.54
N GLY C 505 7.28 -3.72 40.91
CA GLY C 505 6.17 -2.83 40.76
C GLY C 505 4.90 -3.57 40.37
N SER C 506 4.31 -3.22 39.23
CA SER C 506 2.86 -3.06 39.24
C SER C 506 2.39 -2.22 38.08
N GLY C 507 3.34 -1.49 37.42
CA GLY C 507 3.34 -0.98 35.98
C GLY C 507 4.75 -0.71 35.30
N PHE C 508 5.69 -1.67 35.41
CA PHE C 508 7.10 -1.47 34.92
C PHE C 508 7.52 -2.52 33.85
N THR C 509 6.62 -2.94 32.98
CA THR C 509 6.96 -3.93 31.95
C THR C 509 7.81 -3.21 30.90
N ASN C 510 9.05 -3.64 30.69
CA ASN C 510 9.93 -2.97 29.73
C ASN C 510 10.92 -3.96 29.12
N THR C 511 10.65 -5.23 29.31
CA THR C 511 11.60 -6.27 28.88
C THR C 511 10.93 -7.34 28.03
N MET C 512 11.45 -7.57 26.84
CA MET C 512 10.97 -8.66 26.01
C MET C 512 12.11 -9.69 25.77
N ARG C 513 11.83 -10.96 25.91
CA ARG C 513 12.84 -11.93 25.60
C ARG C 513 12.28 -12.89 24.59
N VAL C 514 13.16 -13.36 23.72
CA VAL C 514 12.79 -14.31 22.71
C VAL C 514 13.49 -15.63 23.11
N VAL C 515 12.71 -16.68 23.29
CA VAL C 515 13.16 -17.83 24.04
C VAL C 515 12.72 -19.09 23.37
N PRO C 516 13.65 -20.00 23.06
CA PRO C 516 13.21 -21.29 22.56
C PRO C 516 12.56 -22.00 23.73
N VAL C 517 11.44 -22.69 23.50
CA VAL C 517 10.73 -23.33 24.62
C VAL C 517 11.56 -24.51 25.07
N PRO C 518 11.96 -24.52 26.39
CA PRO C 518 12.83 -25.56 26.97
C PRO C 518 12.30 -26.97 26.69
N GLN D 1 -22.78 14.23 4.30
CA GLN D 1 -22.42 13.59 3.00
C GLN D 1 -23.21 12.28 2.76
N THR D 2 -23.26 11.84 1.50
CA THR D 2 -24.01 10.65 1.08
C THR D 2 -23.11 9.52 0.58
N GLN D 3 -23.69 8.32 0.45
CA GLN D 3 -23.02 7.08 -0.05
C GLN D 3 -21.65 6.82 0.62
N GLN D 4 -21.59 7.02 1.94
CA GLN D 4 -20.35 6.81 2.72
C GLN D 4 -19.11 7.50 2.12
N LEU D 5 -19.29 8.59 1.36
CA LEU D 5 -18.16 9.33 0.75
C LEU D 5 -16.98 9.53 1.69
N HIS D 6 -17.28 9.90 2.93
CA HIS D 6 -16.26 10.22 3.93
C HIS D 6 -15.46 8.98 4.31
N ALA D 7 -16.14 7.83 4.48
CA ALA D 7 -15.45 6.54 4.67
C ALA D 7 -14.61 6.18 3.42
N ALA D 8 -15.13 6.48 2.22
CA ALA D 8 -14.43 6.27 0.90
C ALA D 8 -13.00 6.87 0.81
N MET D 9 -12.81 8.01 1.45
CA MET D 9 -11.59 8.75 1.32
C MET D 9 -10.52 8.43 2.38
N ALA D 10 -10.75 7.38 3.17
CA ALA D 10 -9.84 7.04 4.25
C ALA D 10 -8.66 6.31 3.65
N ASP D 11 -7.47 6.55 4.14
CA ASP D 11 -6.34 5.83 3.57
C ASP D 11 -5.92 4.51 4.26
N THR D 12 -6.77 4.02 5.17
CA THR D 12 -6.62 2.65 5.72
C THR D 12 -8.03 2.02 5.80
N PHE D 13 -8.09 0.69 5.75
CA PHE D 13 -9.36 0.02 5.79
C PHE D 13 -9.97 0.24 7.18
N LEU D 14 -9.12 0.20 8.19
CA LEU D 14 -9.56 0.40 9.56
C LEU D 14 -10.26 1.78 9.65
N GLU D 15 -9.61 2.81 9.14
CA GLU D 15 -10.19 4.13 9.18
C GLU D 15 -11.49 4.15 8.33
N HIS D 16 -11.46 3.46 7.19
CA HIS D 16 -12.65 3.30 6.36
C HIS D 16 -13.79 2.78 7.21
N MET D 17 -13.55 1.67 7.93
CA MET D 17 -14.54 1.16 8.87
C MET D 17 -14.97 2.21 9.91
N CYS D 18 -14.00 2.86 10.58
CA CYS D 18 -14.35 3.82 11.61
C CYS D 18 -15.31 4.92 11.14
N ARG D 19 -15.43 5.09 9.82
CA ARG D 19 -16.22 6.22 9.30
C ARG D 19 -17.54 5.87 8.69
N LEU D 20 -17.85 4.59 8.66
CA LEU D 20 -19.16 4.12 8.18
C LEU D 20 -20.27 4.86 8.98
N ASP D 21 -21.31 5.29 8.29
CA ASP D 21 -22.17 6.24 8.93
C ASP D 21 -23.58 5.89 8.60
N ILE D 22 -24.28 5.48 9.63
CA ILE D 22 -25.69 5.12 9.60
C ILE D 22 -26.58 6.19 9.02
N ASP D 23 -26.16 7.46 9.06
CA ASP D 23 -26.98 8.55 8.52
C ASP D 23 -26.46 9.08 7.19
N SER D 24 -25.51 8.36 6.59
CA SER D 24 -25.06 8.68 5.24
C SER D 24 -25.89 7.83 4.25
N PRO D 25 -26.97 8.40 3.67
CA PRO D 25 -27.90 7.59 2.82
C PRO D 25 -27.28 7.09 1.52
N PRO D 26 -27.61 5.84 1.12
CA PRO D 26 -27.01 5.30 -0.13
C PRO D 26 -27.53 6.03 -1.37
N ILE D 27 -26.96 5.75 -2.56
CA ILE D 27 -27.59 6.26 -3.79
C ILE D 27 -28.85 5.45 -4.07
N THR D 28 -29.60 5.91 -5.05
CA THR D 28 -30.72 5.17 -5.58
C THR D 28 -30.34 3.85 -6.23
N ALA D 29 -29.29 3.82 -7.05
CA ALA D 29 -29.02 2.58 -7.74
C ALA D 29 -28.60 1.45 -6.76
N ARG D 30 -28.94 0.22 -7.16
CA ARG D 30 -28.57 -0.98 -6.45
C ARG D 30 -27.91 -1.89 -7.47
N ASN D 31 -26.69 -2.31 -7.18
CA ASN D 31 -25.84 -3.02 -8.13
C ASN D 31 -25.89 -4.54 -8.04
N THR D 32 -26.22 -5.13 -6.89
CA THR D 32 -26.13 -6.54 -6.77
C THR D 32 -27.39 -7.23 -7.32
N GLY D 33 -27.22 -8.28 -8.13
CA GLY D 33 -28.39 -8.93 -8.77
C GLY D 33 -29.11 -9.74 -7.72
N ILE D 34 -30.43 -9.87 -7.85
CA ILE D 34 -31.27 -10.63 -6.92
C ILE D 34 -31.95 -11.75 -7.74
N ILE D 35 -31.67 -12.96 -7.29
CA ILE D 35 -32.21 -14.17 -7.83
C ILE D 35 -33.26 -14.67 -6.84
N CYS D 36 -34.45 -15.01 -7.36
CA CYS D 36 -35.55 -15.55 -6.53
C CYS D 36 -36.07 -16.89 -7.03
N THR D 37 -36.16 -17.86 -6.14
CA THR D 37 -36.61 -19.17 -6.52
C THR D 37 -38.12 -19.06 -6.54
N ILE D 38 -38.75 -19.41 -7.67
CA ILE D 38 -40.19 -19.28 -7.79
C ILE D 38 -40.83 -20.56 -7.35
N GLY D 39 -41.95 -20.46 -6.63
CA GLY D 39 -42.59 -21.65 -6.07
C GLY D 39 -44.05 -21.38 -5.80
N PRO D 40 -44.69 -22.20 -4.95
CA PRO D 40 -46.11 -22.02 -4.54
C PRO D 40 -46.41 -20.61 -4.03
N ALA D 41 -45.52 -20.07 -3.20
CA ALA D 41 -45.70 -18.69 -2.71
C ALA D 41 -45.63 -17.57 -3.77
N SER D 42 -44.95 -17.83 -4.90
CA SER D 42 -44.55 -16.69 -5.77
C SER D 42 -44.91 -16.86 -7.25
N ARG D 43 -45.57 -17.96 -7.54
CA ARG D 43 -45.91 -18.40 -8.87
C ARG D 43 -46.97 -17.59 -9.67
N SER D 44 -47.92 -16.96 -8.99
CA SER D 44 -48.94 -16.22 -9.70
C SER D 44 -48.36 -15.01 -10.43
N VAL D 45 -48.97 -14.71 -11.57
CA VAL D 45 -48.63 -13.53 -12.37
C VAL D 45 -48.63 -12.26 -11.50
N GLU D 46 -49.65 -12.14 -10.68
CA GLU D 46 -49.84 -11.00 -9.85
C GLU D 46 -48.71 -10.81 -8.79
N THR D 47 -48.28 -11.86 -8.09
CA THR D 47 -47.17 -11.66 -7.14
C THR D 47 -45.81 -11.54 -7.89
N LEU D 48 -45.63 -12.29 -8.99
CA LEU D 48 -44.48 -12.03 -9.89
C LEU D 48 -44.30 -10.57 -10.26
N LYS D 49 -45.37 -9.85 -10.57
CA LYS D 49 -45.26 -8.40 -10.85
C LYS D 49 -44.76 -7.60 -9.66
N GLU D 50 -45.26 -7.92 -8.46
CA GLU D 50 -44.83 -7.20 -7.30
C GLU D 50 -43.35 -7.58 -7.03
N MET D 51 -42.94 -8.78 -7.43
CA MET D 51 -41.57 -9.20 -7.20
C MET D 51 -40.60 -8.47 -8.10
N ILE D 52 -41.02 -8.27 -9.35
CA ILE D 52 -40.27 -7.45 -10.24
C ILE D 52 -40.18 -6.01 -9.69
N LYS D 53 -41.31 -5.47 -9.26
CA LYS D 53 -41.30 -4.11 -8.73
C LYS D 53 -40.41 -3.99 -7.49
N SER D 54 -40.27 -5.07 -6.70
CA SER D 54 -39.48 -5.03 -5.47
C SER D 54 -37.99 -5.27 -5.74
N GLY D 55 -37.64 -5.64 -6.97
CA GLY D 55 -36.23 -5.84 -7.30
C GLY D 55 -35.74 -7.18 -7.84
N MET D 56 -36.60 -8.18 -7.97
CA MET D 56 -36.19 -9.45 -8.59
C MET D 56 -35.62 -9.24 -9.99
N ASN D 57 -34.47 -9.90 -10.26
CA ASN D 57 -33.84 -9.81 -11.56
C ASN D 57 -33.85 -11.12 -12.31
N VAL D 58 -33.78 -12.23 -11.57
CA VAL D 58 -33.73 -13.58 -12.17
C VAL D 58 -34.75 -14.50 -11.52
N ALA D 59 -35.59 -15.14 -12.31
CA ALA D 59 -36.52 -16.11 -11.71
C ALA D 59 -35.83 -17.48 -11.74
N ARG D 60 -35.68 -18.16 -10.60
CA ARG D 60 -35.01 -19.48 -10.61
C ARG D 60 -36.05 -20.57 -10.49
N LEU D 61 -35.97 -21.57 -11.36
CA LEU D 61 -36.96 -22.65 -11.44
C LEU D 61 -36.22 -23.90 -11.03
N ASN D 62 -36.64 -24.50 -9.93
CA ASN D 62 -35.85 -25.57 -9.39
C ASN D 62 -36.37 -26.90 -9.89
N PHE D 63 -35.62 -27.51 -10.78
CA PHE D 63 -36.02 -28.76 -11.39
C PHE D 63 -35.76 -29.99 -10.53
N SER D 64 -35.63 -29.80 -9.24
CA SER D 64 -35.60 -30.94 -8.34
C SER D 64 -37.01 -31.44 -8.01
N HIS D 65 -37.99 -30.53 -8.08
CA HIS D 65 -39.42 -30.80 -7.87
C HIS D 65 -40.11 -30.49 -9.18
N GLY D 66 -41.39 -30.84 -9.28
CA GLY D 66 -42.24 -30.44 -10.39
C GLY D 66 -41.98 -31.09 -11.75
N THR D 67 -43.00 -31.07 -12.62
CA THR D 67 -42.91 -31.64 -13.97
C THR D 67 -42.62 -30.57 -15.01
N HIS D 68 -42.20 -30.97 -16.20
CA HIS D 68 -42.05 -30.00 -17.26
C HIS D 68 -43.28 -29.13 -17.46
N GLU D 69 -44.47 -29.71 -17.34
CA GLU D 69 -45.71 -28.94 -17.57
C GLU D 69 -45.87 -27.83 -16.51
N TYR D 70 -45.63 -28.20 -15.25
CA TYR D 70 -45.64 -27.25 -14.14
C TYR D 70 -44.64 -26.07 -14.39
N HIS D 71 -43.41 -26.41 -14.77
CA HIS D 71 -42.40 -25.40 -14.97
C HIS D 71 -42.71 -24.52 -16.16
N ALA D 72 -43.29 -25.11 -17.21
CA ALA D 72 -43.63 -24.38 -18.45
C ALA D 72 -44.61 -23.29 -18.13
N GLU D 73 -45.46 -23.56 -17.16
CA GLU D 73 -46.45 -22.57 -16.76
C GLU D 73 -45.82 -21.44 -15.93
N THR D 74 -44.93 -21.82 -14.99
CA THR D 74 -44.18 -20.81 -14.19
C THR D 74 -43.49 -19.79 -15.14
N ILE D 75 -42.66 -20.35 -16.03
CA ILE D 75 -42.01 -19.60 -17.09
C ILE D 75 -42.99 -18.69 -17.82
N LYS D 76 -44.18 -19.21 -18.10
CA LYS D 76 -45.16 -18.46 -18.88
C LYS D 76 -45.67 -17.29 -18.01
N ASN D 77 -45.92 -17.56 -16.72
CA ASN D 77 -46.35 -16.48 -15.83
C ASN D 77 -45.27 -15.47 -15.61
N VAL D 78 -44.03 -15.98 -15.44
CA VAL D 78 -42.83 -15.12 -15.35
C VAL D 78 -42.78 -14.17 -16.56
N ARG D 79 -42.87 -14.71 -17.78
CA ARG D 79 -42.92 -13.85 -18.97
C ARG D 79 -44.14 -12.93 -19.00
N THR D 80 -45.32 -13.42 -18.59
CA THR D 80 -46.51 -12.58 -18.60
C THR D 80 -46.30 -11.41 -17.66
N ALA D 81 -45.79 -11.68 -16.46
CA ALA D 81 -45.55 -10.57 -15.51
C ALA D 81 -44.52 -9.57 -16.05
N THR D 82 -43.48 -10.12 -16.68
CA THR D 82 -42.38 -9.30 -17.16
C THR D 82 -42.96 -8.36 -18.24
N GLU D 83 -43.75 -8.91 -19.17
CA GLU D 83 -44.21 -8.14 -20.33
C GLU D 83 -45.33 -7.19 -19.97
N SER D 84 -45.93 -7.38 -18.82
CA SER D 84 -46.98 -6.47 -18.40
C SER D 84 -46.42 -5.05 -18.21
N PHE D 85 -45.09 -4.95 -18.17
CA PHE D 85 -44.43 -3.64 -17.99
C PHE D 85 -43.85 -3.01 -19.28
N ALA D 86 -43.86 -3.77 -20.38
CA ALA D 86 -43.31 -3.35 -21.67
C ALA D 86 -44.00 -2.11 -22.20
N SER D 87 -45.18 -1.79 -21.67
CA SER D 87 -45.98 -0.68 -22.20
C SER D 87 -45.22 0.63 -22.03
N ASP D 88 -44.32 0.67 -21.06
CA ASP D 88 -43.51 1.85 -20.81
C ASP D 88 -42.05 1.48 -20.89
N PRO D 89 -41.45 1.59 -22.10
CA PRO D 89 -40.18 0.91 -22.24
C PRO D 89 -39.10 1.56 -21.38
N ILE D 90 -39.37 2.76 -20.85
CA ILE D 90 -38.44 3.39 -19.92
C ILE D 90 -38.44 2.73 -18.52
N LEU D 91 -39.51 2.05 -18.13
CA LEU D 91 -39.58 1.49 -16.81
C LEU D 91 -39.47 -0.01 -16.85
N TYR D 92 -39.40 -0.56 -18.06
CA TYR D 92 -39.34 -2.00 -18.24
C TYR D 92 -38.05 -2.66 -17.76
N ARG D 93 -38.22 -3.80 -17.08
CA ARG D 93 -37.13 -4.57 -16.49
C ARG D 93 -37.04 -5.94 -17.12
N PRO D 94 -35.96 -6.20 -17.86
CA PRO D 94 -35.79 -7.57 -18.33
C PRO D 94 -35.64 -8.53 -17.14
N VAL D 95 -36.21 -9.74 -17.27
CA VAL D 95 -36.16 -10.68 -16.19
C VAL D 95 -35.65 -12.01 -16.74
N ALA D 96 -34.51 -12.50 -16.24
CA ALA D 96 -33.93 -13.74 -16.75
C ALA D 96 -34.66 -14.94 -16.19
N VAL D 97 -34.64 -16.03 -16.97
CA VAL D 97 -35.09 -17.30 -16.44
C VAL D 97 -33.93 -18.27 -16.28
N ALA D 98 -33.90 -18.90 -15.12
CA ALA D 98 -32.78 -19.74 -14.73
C ALA D 98 -33.25 -21.17 -14.38
N LEU D 99 -32.65 -22.15 -15.06
CA LEU D 99 -33.03 -23.53 -14.84
C LEU D 99 -32.08 -24.16 -13.84
N ASP D 100 -32.62 -24.61 -12.71
CA ASP D 100 -31.77 -25.19 -11.70
C ASP D 100 -31.87 -26.73 -11.75
N THR D 101 -30.78 -27.33 -12.14
CA THR D 101 -30.67 -28.79 -12.38
C THR D 101 -30.89 -29.72 -11.17
N LYS D 102 -31.18 -31.00 -11.44
CA LYS D 102 -31.24 -31.95 -10.33
C LYS D 102 -29.90 -32.63 -10.13
N GLY D 103 -29.28 -33.12 -11.19
CA GLY D 103 -28.01 -33.84 -11.03
C GLY D 103 -28.01 -34.89 -9.90
N PRO D 104 -26.82 -35.17 -9.33
CA PRO D 104 -26.71 -36.28 -8.37
C PRO D 104 -27.41 -36.07 -7.03
N GLU D 105 -28.45 -35.25 -6.98
CA GLU D 105 -29.29 -35.18 -5.80
C GLU D 105 -29.72 -36.58 -5.45
N ILE D 106 -29.67 -36.88 -4.16
CA ILE D 106 -30.47 -37.93 -3.61
C ILE D 106 -31.67 -37.16 -3.12
N ARG D 107 -32.88 -37.58 -3.50
CA ARG D 107 -34.09 -36.88 -3.04
C ARG D 107 -35.13 -37.79 -2.41
N THR D 108 -35.77 -37.30 -1.35
CA THR D 108 -36.91 -37.99 -0.78
C THR D 108 -38.14 -37.87 -1.72
N GLY D 109 -39.24 -38.51 -1.34
CA GLY D 109 -40.48 -38.37 -2.12
C GLY D 109 -41.50 -37.38 -1.54
N LEU D 110 -42.74 -37.48 -2.00
CA LEU D 110 -43.85 -36.68 -1.48
C LEU D 110 -44.40 -37.17 -0.09
N ILE D 111 -44.52 -36.24 0.87
CA ILE D 111 -45.19 -36.50 2.16
C ILE D 111 -46.73 -36.51 2.01
N LYS D 112 -47.35 -37.61 2.47
CA LYS D 112 -48.82 -37.80 2.45
C LYS D 112 -49.57 -37.30 1.17
N GLY D 113 -49.02 -37.65 -0.01
CA GLY D 113 -49.65 -37.31 -1.29
C GLY D 113 -49.21 -35.98 -1.87
N SER D 114 -49.34 -34.91 -1.06
CA SER D 114 -48.97 -33.53 -1.42
C SER D 114 -47.48 -33.35 -1.70
N GLY D 115 -47.16 -32.40 -2.57
CA GLY D 115 -45.78 -31.96 -2.81
C GLY D 115 -45.37 -30.79 -1.91
N THR D 116 -46.33 -30.29 -1.11
CA THR D 116 -46.08 -29.25 -0.10
C THR D 116 -46.59 -29.58 1.30
N ALA D 117 -47.11 -30.80 1.51
CA ALA D 117 -47.48 -31.26 2.85
C ALA D 117 -46.21 -31.56 3.70
N GLU D 118 -46.36 -31.54 5.03
CA GLU D 118 -45.22 -31.78 5.95
C GLU D 118 -45.57 -32.48 7.28
N VAL D 119 -44.58 -33.13 7.87
CA VAL D 119 -44.80 -34.01 9.02
C VAL D 119 -43.70 -33.83 10.08
N GLU D 120 -44.05 -33.98 11.35
CA GLU D 120 -43.09 -33.67 12.41
C GLU D 120 -42.33 -34.93 12.82
N LEU D 121 -41.01 -34.87 12.67
CA LEU D 121 -40.13 -35.96 13.05
C LEU D 121 -39.77 -35.69 14.49
N LYS D 122 -39.90 -36.72 15.33
CA LYS D 122 -39.64 -36.61 16.76
C LYS D 122 -38.31 -37.29 17.12
N LYS D 123 -37.53 -36.61 17.98
CA LYS D 123 -36.22 -37.10 18.45
C LYS D 123 -36.36 -38.42 19.18
N GLY D 124 -35.58 -39.43 18.76
CA GLY D 124 -35.59 -40.72 19.42
C GLY D 124 -36.43 -41.74 18.68
N ALA D 125 -37.38 -41.24 17.88
CA ALA D 125 -38.25 -42.05 17.03
C ALA D 125 -37.43 -42.99 16.14
N THR D 126 -38.08 -43.92 15.46
CA THR D 126 -37.41 -44.64 14.38
C THR D 126 -38.14 -44.35 13.08
N LEU D 127 -37.35 -44.24 12.01
CA LEU D 127 -37.87 -43.94 10.67
C LEU D 127 -37.31 -44.99 9.76
N LYS D 128 -38.18 -45.52 8.88
CA LYS D 128 -37.74 -46.47 7.89
C LYS D 128 -37.57 -45.77 6.56
N ILE D 129 -36.49 -46.13 5.85
CA ILE D 129 -36.24 -45.68 4.48
C ILE D 129 -36.50 -46.85 3.55
N THR D 130 -37.42 -46.68 2.61
CA THR D 130 -37.66 -47.76 1.66
C THR D 130 -37.35 -47.32 0.24
N LEU D 131 -36.92 -48.28 -0.56
CA LEU D 131 -36.70 -48.05 -1.99
C LEU D 131 -37.86 -48.60 -2.78
N ASP D 132 -38.78 -49.27 -2.08
CA ASP D 132 -40.00 -49.82 -2.63
C ASP D 132 -40.79 -48.69 -3.33
N ASN D 133 -40.56 -48.56 -4.64
CA ASN D 133 -41.00 -47.40 -5.46
C ASN D 133 -42.45 -46.91 -5.27
N ALA D 134 -43.34 -47.79 -4.88
CA ALA D 134 -44.71 -47.40 -4.62
C ALA D 134 -44.91 -46.88 -3.19
N TYR D 135 -43.86 -46.24 -2.67
CA TYR D 135 -43.93 -45.40 -1.47
C TYR D 135 -43.55 -43.94 -1.81
N MET D 136 -43.21 -43.71 -3.09
CA MET D 136 -42.79 -42.39 -3.59
C MET D 136 -43.72 -41.29 -3.12
N GLU D 137 -45.02 -41.55 -3.11
CA GLU D 137 -46.03 -40.56 -2.69
C GLU D 137 -46.73 -40.94 -1.37
N LYS D 138 -46.03 -41.72 -0.53
CA LYS D 138 -46.57 -42.22 0.73
C LYS D 138 -45.59 -42.06 1.90
N CYS D 139 -44.78 -41.00 1.86
CA CYS D 139 -43.91 -40.68 2.99
C CYS D 139 -44.72 -40.11 4.14
N ASP D 140 -44.38 -40.56 5.34
CA ASP D 140 -45.00 -40.07 6.58
C ASP D 140 -43.90 -39.99 7.66
N GLU D 141 -44.26 -39.90 8.94
CA GLU D 141 -43.26 -39.84 10.02
C GLU D 141 -42.75 -41.24 10.47
N ASN D 142 -43.12 -42.28 9.73
CA ASN D 142 -42.61 -43.64 9.97
C ASN D 142 -41.87 -44.21 8.78
N ILE D 143 -42.37 -43.88 7.59
CA ILE D 143 -41.83 -44.39 6.34
C ILE D 143 -41.34 -43.24 5.45
N LEU D 144 -40.11 -43.40 4.90
CA LEU D 144 -39.50 -42.44 3.96
C LEU D 144 -38.84 -43.10 2.72
N TRP D 145 -39.40 -42.83 1.55
CA TRP D 145 -38.83 -43.27 0.30
C TRP D 145 -37.74 -42.29 -0.10
N LEU D 146 -36.66 -42.79 -0.70
CA LEU D 146 -35.69 -41.88 -1.33
C LEU D 146 -35.18 -42.45 -2.64
N ASP D 147 -34.85 -41.55 -3.55
CA ASP D 147 -34.73 -41.94 -4.95
C ASP D 147 -33.44 -42.64 -5.39
N TYR D 148 -32.62 -43.05 -4.43
CA TYR D 148 -31.29 -43.59 -4.74
C TYR D 148 -31.21 -45.11 -4.60
N LYS D 149 -31.28 -45.82 -5.73
CA LYS D 149 -31.35 -47.30 -5.71
C LYS D 149 -30.21 -47.99 -4.95
N ASN D 150 -28.98 -47.50 -5.07
CA ASN D 150 -27.82 -48.19 -4.45
C ASN D 150 -27.48 -47.70 -3.05
N ILE D 151 -28.46 -47.12 -2.35
CA ILE D 151 -28.19 -46.48 -1.05
C ILE D 151 -27.67 -47.48 -0.01
N CYS D 152 -28.30 -48.65 0.00
CA CYS D 152 -28.01 -49.71 0.94
C CYS D 152 -26.55 -50.20 0.83
N LYS D 153 -26.02 -50.21 -0.39
CA LYS D 153 -24.57 -50.39 -0.59
C LYS D 153 -23.72 -49.43 0.26
N VAL D 154 -23.84 -48.12 0.03
CA VAL D 154 -22.79 -47.15 0.41
C VAL D 154 -22.60 -46.85 1.91
N VAL D 155 -23.41 -47.46 2.77
CA VAL D 155 -23.30 -47.19 4.21
C VAL D 155 -23.30 -48.45 5.13
N GLU D 156 -23.16 -48.21 6.44
CA GLU D 156 -23.01 -49.27 7.46
C GLU D 156 -23.92 -48.92 8.65
N VAL D 157 -24.05 -49.82 9.63
CA VAL D 157 -24.77 -49.51 10.88
C VAL D 157 -23.99 -48.44 11.69
N GLY D 158 -24.68 -47.40 12.13
CA GLY D 158 -24.04 -46.25 12.77
C GLY D 158 -23.59 -45.13 11.82
N SER D 159 -23.87 -45.25 10.53
CA SER D 159 -23.64 -44.14 9.59
C SER D 159 -24.65 -43.03 9.84
N LYS D 160 -24.20 -41.77 9.70
CA LYS D 160 -25.11 -40.62 9.80
C LYS D 160 -25.69 -40.35 8.46
N ILE D 161 -26.96 -39.99 8.41
CA ILE D 161 -27.61 -39.65 7.14
C ILE D 161 -28.37 -38.34 7.37
N TYR D 162 -28.35 -37.43 6.40
CA TYR D 162 -28.99 -36.13 6.67
C TYR D 162 -30.04 -35.80 5.63
N VAL D 163 -31.15 -35.28 6.12
CA VAL D 163 -32.26 -34.84 5.28
C VAL D 163 -32.51 -33.32 5.35
N ASP D 164 -32.66 -32.68 4.19
CA ASP D 164 -33.07 -31.28 4.12
C ASP D 164 -31.94 -30.34 4.58
N ASP D 165 -30.97 -30.13 3.71
CA ASP D 165 -29.81 -29.26 4.01
C ASP D 165 -29.26 -29.41 5.46
N GLY D 166 -29.33 -30.66 5.94
CA GLY D 166 -28.73 -31.14 7.19
C GLY D 166 -29.67 -30.92 8.33
N LEU D 167 -30.92 -30.63 7.99
CA LEU D 167 -31.96 -30.36 8.98
C LEU D 167 -32.06 -31.44 10.03
N ILE D 168 -32.25 -32.69 9.58
CA ILE D 168 -32.41 -33.83 10.46
C ILE D 168 -31.31 -34.84 10.23
N SER D 169 -30.66 -35.24 11.32
CA SER D 169 -29.71 -36.32 11.29
C SER D 169 -30.41 -37.64 11.61
N LEU D 170 -30.13 -38.67 10.81
CA LEU D 170 -30.58 -40.04 11.08
C LEU D 170 -29.38 -40.98 11.29
N GLN D 171 -29.44 -41.81 12.33
CA GLN D 171 -28.48 -42.92 12.44
C GLN D 171 -29.07 -44.26 11.97
N VAL D 172 -28.31 -44.92 11.11
CA VAL D 172 -28.68 -46.25 10.63
C VAL D 172 -28.58 -47.27 11.77
N LYS D 173 -29.60 -48.09 11.87
CA LYS D 173 -29.66 -49.12 12.86
C LYS D 173 -29.50 -50.50 12.23
N GLN D 174 -30.29 -50.77 11.19
CA GLN D 174 -30.30 -52.06 10.52
C GLN D 174 -30.41 -51.83 9.02
N LYS D 175 -29.67 -52.62 8.24
CA LYS D 175 -29.87 -52.64 6.80
C LYS D 175 -30.83 -53.78 6.45
N GLY D 176 -31.46 -53.66 5.30
CA GLY D 176 -32.16 -54.78 4.69
C GLY D 176 -31.97 -54.71 3.19
N ALA D 177 -32.70 -55.56 2.48
CA ALA D 177 -32.83 -55.46 1.03
C ALA D 177 -33.96 -54.45 0.72
N ASP D 178 -33.59 -53.35 0.06
CA ASP D 178 -34.52 -52.26 -0.29
C ASP D 178 -35.07 -51.42 0.90
N PHE D 179 -34.55 -51.68 2.11
CA PHE D 179 -34.89 -50.85 3.26
C PHE D 179 -33.74 -50.55 4.24
N LEU D 180 -33.89 -49.45 4.96
CA LEU D 180 -33.05 -49.11 6.08
C LEU D 180 -33.95 -48.64 7.20
N VAL D 181 -33.53 -48.92 8.43
CA VAL D 181 -34.29 -48.47 9.59
C VAL D 181 -33.32 -47.71 10.49
N THR D 182 -33.76 -46.55 10.96
CA THR D 182 -32.86 -45.56 11.50
C THR D 182 -33.43 -45.00 12.80
N GLU D 183 -32.54 -44.40 13.59
CA GLU D 183 -32.91 -43.58 14.76
C GLU D 183 -32.87 -42.08 14.36
N VAL D 184 -33.85 -41.32 14.84
CA VAL D 184 -33.88 -39.86 14.64
C VAL D 184 -33.02 -39.14 15.71
N GLU D 185 -32.03 -38.37 15.27
CA GLU D 185 -31.02 -37.75 16.15
C GLU D 185 -31.40 -36.37 16.64
N ASN D 186 -32.44 -35.80 16.02
CA ASN D 186 -32.95 -34.47 16.34
C ASN D 186 -34.27 -34.21 15.59
N GLY D 187 -35.24 -33.61 16.26
CA GLY D 187 -36.57 -33.46 15.69
C GLY D 187 -36.76 -32.30 14.72
N GLY D 188 -37.71 -32.43 13.80
CA GLY D 188 -37.98 -31.35 12.89
C GLY D 188 -39.07 -31.67 11.88
N SER D 189 -39.29 -30.69 11.01
CA SER D 189 -40.32 -30.79 9.99
C SER D 189 -39.73 -31.29 8.68
N LEU D 190 -40.38 -32.30 8.13
CA LEU D 190 -39.94 -32.96 6.92
C LEU D 190 -40.93 -32.70 5.76
N GLY D 191 -40.43 -32.09 4.69
CA GLY D 191 -41.26 -31.84 3.54
C GLY D 191 -41.04 -32.85 2.43
N SER D 192 -41.55 -32.53 1.25
CA SER D 192 -41.40 -33.36 0.07
C SER D 192 -40.11 -33.05 -0.74
N LYS D 193 -39.54 -34.11 -1.33
CA LYS D 193 -38.43 -33.99 -2.30
C LYS D 193 -37.20 -33.33 -1.67
N LYS D 194 -36.94 -33.66 -0.40
CA LYS D 194 -35.82 -33.03 0.27
C LYS D 194 -34.51 -33.72 -0.08
N GLY D 195 -33.46 -32.91 -0.20
CA GLY D 195 -32.07 -33.35 -0.32
C GLY D 195 -31.70 -34.29 0.80
N VAL D 196 -30.90 -35.30 0.46
CA VAL D 196 -30.38 -36.24 1.47
C VAL D 196 -28.89 -36.18 1.32
N ASN D 197 -28.16 -36.29 2.42
CA ASN D 197 -26.69 -36.23 2.28
C ASN D 197 -26.03 -37.32 3.01
N LEU D 198 -25.04 -37.91 2.34
CA LEU D 198 -24.24 -38.98 2.93
C LEU D 198 -22.78 -38.61 2.84
N PRO D 199 -22.34 -37.71 3.72
CA PRO D 199 -21.01 -37.07 3.63
C PRO D 199 -19.85 -38.04 3.87
N GLY D 200 -18.88 -38.07 2.94
CA GLY D 200 -17.84 -39.09 2.93
C GLY D 200 -18.47 -40.47 2.73
N ALA D 201 -18.95 -40.70 1.52
CA ALA D 201 -19.47 -42.02 1.13
C ALA D 201 -19.51 -42.00 -0.38
N ALA D 202 -18.86 -42.97 -1.01
CA ALA D 202 -18.67 -42.89 -2.44
C ALA D 202 -20.02 -43.08 -3.15
N VAL D 203 -20.73 -41.96 -3.30
CA VAL D 203 -22.04 -41.96 -3.95
C VAL D 203 -21.86 -42.16 -5.45
N ASP D 204 -22.55 -43.19 -5.94
CA ASP D 204 -22.41 -43.72 -7.29
C ASP D 204 -22.89 -42.77 -8.40
N LEU D 205 -23.60 -41.69 -8.03
CA LEU D 205 -24.45 -40.99 -9.00
C LEU D 205 -23.72 -40.24 -10.11
N PRO D 206 -24.27 -40.27 -11.34
CA PRO D 206 -23.65 -39.65 -12.50
C PRO D 206 -23.81 -38.12 -12.55
N ALA D 207 -22.82 -37.45 -13.15
CA ALA D 207 -22.82 -35.99 -13.35
C ALA D 207 -24.10 -35.51 -14.05
N VAL D 208 -24.32 -36.03 -15.25
CA VAL D 208 -25.54 -35.76 -15.98
C VAL D 208 -26.35 -37.04 -16.13
N SER D 209 -27.46 -37.11 -15.40
CA SER D 209 -28.42 -38.19 -15.56
C SER D 209 -29.32 -38.03 -16.79
N GLU D 210 -30.08 -39.08 -17.08
CA GLU D 210 -31.03 -39.07 -18.17
C GLU D 210 -32.15 -38.02 -17.92
N LYS D 211 -32.55 -37.88 -16.66
CA LYS D 211 -33.52 -36.84 -16.31
C LYS D 211 -32.93 -35.47 -16.62
N ASP D 212 -31.64 -35.30 -16.32
CA ASP D 212 -30.93 -34.05 -16.63
C ASP D 212 -30.92 -33.71 -18.11
N ILE D 213 -30.76 -34.72 -18.96
CA ILE D 213 -30.68 -34.50 -20.41
C ILE D 213 -32.02 -33.96 -20.88
N GLN D 214 -33.07 -34.53 -20.30
CA GLN D 214 -34.46 -34.10 -20.54
C GLN D 214 -34.66 -32.66 -20.15
N ASP D 215 -34.27 -32.35 -18.91
CA ASP D 215 -34.41 -30.99 -18.35
C ASP D 215 -33.58 -29.99 -19.18
N LEU D 216 -32.33 -30.32 -19.46
CA LEU D 216 -31.51 -29.44 -20.27
C LEU D 216 -32.13 -29.11 -21.63
N LYS D 217 -32.66 -30.14 -22.29
CA LYS D 217 -33.19 -29.99 -23.63
C LYS D 217 -34.46 -29.15 -23.56
N PHE D 218 -35.22 -29.35 -22.49
CA PHE D 218 -36.43 -28.62 -22.30
C PHE D 218 -36.11 -27.14 -22.13
N GLY D 219 -35.06 -26.85 -21.35
CA GLY D 219 -34.65 -25.46 -21.15
C GLY D 219 -34.22 -24.82 -22.47
N VAL D 220 -33.55 -25.59 -23.32
CA VAL D 220 -33.15 -25.10 -24.63
C VAL D 220 -34.44 -24.74 -25.37
N GLU D 221 -35.42 -25.65 -25.36
CA GLU D 221 -36.70 -25.34 -26.00
C GLU D 221 -37.47 -24.17 -25.37
N GLN D 222 -37.41 -24.00 -24.04
CA GLN D 222 -38.13 -22.89 -23.38
C GLN D 222 -37.40 -21.56 -23.49
N ASP D 223 -36.20 -21.55 -24.09
CA ASP D 223 -35.40 -20.32 -24.25
C ASP D 223 -34.86 -19.73 -22.91
N VAL D 224 -34.38 -20.59 -22.02
CA VAL D 224 -33.91 -20.10 -20.70
C VAL D 224 -32.57 -19.38 -20.88
N ASP D 225 -32.27 -18.51 -19.93
CA ASP D 225 -31.15 -17.64 -20.07
C ASP D 225 -29.92 -18.29 -19.48
N MET D 226 -30.12 -19.16 -18.49
CA MET D 226 -29.00 -19.80 -17.82
C MET D 226 -29.38 -21.10 -17.11
N VAL D 227 -28.36 -21.89 -16.86
CA VAL D 227 -28.48 -23.12 -16.13
C VAL D 227 -27.62 -23.09 -14.85
N PHE D 228 -28.26 -23.43 -13.72
CA PHE D 228 -27.54 -23.62 -12.48
C PHE D 228 -27.34 -25.11 -12.38
N ALA D 229 -26.13 -25.56 -12.62
CA ALA D 229 -25.90 -27.00 -12.63
C ALA D 229 -25.50 -27.54 -11.26
N SER D 230 -26.38 -28.34 -10.66
CA SER D 230 -26.12 -28.91 -9.33
C SER D 230 -24.90 -29.80 -9.26
N PHE D 231 -24.21 -29.75 -8.12
CA PHE D 231 -23.18 -30.72 -7.77
C PHE D 231 -22.05 -30.98 -8.79
N ILE D 232 -21.54 -29.91 -9.40
CA ILE D 232 -20.38 -30.00 -10.24
C ILE D 232 -19.13 -30.35 -9.43
N ARG D 233 -18.51 -31.48 -9.77
CA ARG D 233 -17.33 -31.98 -9.05
C ARG D 233 -15.96 -31.69 -9.69
N LYS D 234 -15.97 -31.47 -11.00
CA LYS D 234 -14.74 -31.47 -11.80
C LYS D 234 -15.09 -30.91 -13.15
N ALA D 235 -14.11 -30.57 -13.98
CA ALA D 235 -14.37 -29.91 -15.27
C ALA D 235 -15.23 -30.72 -16.22
N SER D 236 -14.99 -32.03 -16.24
CA SER D 236 -15.65 -32.89 -17.21
C SER D 236 -17.15 -32.81 -16.98
N ASP D 237 -17.55 -32.66 -15.72
CA ASP D 237 -18.96 -32.49 -15.38
C ASP D 237 -19.57 -31.31 -16.14
N VAL D 238 -18.86 -30.18 -16.17
CA VAL D 238 -19.40 -29.01 -16.84
C VAL D 238 -19.39 -29.34 -18.33
N HIS D 239 -18.34 -30.00 -18.79
CA HIS D 239 -18.24 -30.33 -20.22
C HIS D 239 -19.43 -31.18 -20.64
N GLU D 240 -19.85 -32.09 -19.77
CA GLU D 240 -21.05 -32.82 -20.14
C GLU D 240 -22.26 -31.89 -20.29
N VAL D 241 -22.44 -30.97 -19.35
CA VAL D 241 -23.57 -30.06 -19.43
C VAL D 241 -23.46 -29.30 -20.72
N ARG D 242 -22.26 -28.86 -21.05
CA ARG D 242 -22.09 -28.02 -22.20
C ARG D 242 -22.45 -28.82 -23.45
N LYS D 243 -22.01 -30.07 -23.48
CA LYS D 243 -22.24 -30.98 -24.59
C LYS D 243 -23.74 -31.14 -24.84
N VAL D 244 -24.50 -31.54 -23.79
CA VAL D 244 -25.93 -31.71 -23.93
C VAL D 244 -26.65 -30.43 -24.39
N LEU D 245 -26.20 -29.28 -23.89
CA LEU D 245 -26.80 -28.01 -24.31
C LEU D 245 -26.54 -27.80 -25.81
N GLY D 246 -25.39 -28.35 -26.24
CA GLY D 246 -24.86 -28.32 -27.61
C GLY D 246 -24.93 -26.97 -28.30
N GLU D 247 -24.58 -26.98 -29.57
CA GLU D 247 -24.66 -25.81 -30.44
C GLU D 247 -25.98 -24.97 -30.30
N LYS D 248 -27.13 -25.63 -30.19
CA LYS D 248 -28.44 -24.94 -30.12
C LYS D 248 -28.48 -24.16 -28.82
N GLY D 249 -27.93 -24.76 -27.77
CA GLY D 249 -27.86 -24.09 -26.48
C GLY D 249 -26.56 -23.37 -26.13
N LYS D 250 -25.78 -22.97 -27.12
CA LYS D 250 -24.46 -22.41 -26.87
C LYS D 250 -24.43 -21.05 -26.14
N ASN D 251 -25.49 -20.28 -26.24
CA ASN D 251 -25.49 -18.98 -25.56
C ASN D 251 -26.05 -19.05 -24.14
N ILE D 252 -26.62 -20.20 -23.76
CA ILE D 252 -27.14 -20.36 -22.39
C ILE D 252 -25.93 -20.36 -21.43
N LYS D 253 -25.97 -19.53 -20.39
CA LYS D 253 -24.83 -19.47 -19.44
C LYS D 253 -24.85 -20.68 -18.51
N ILE D 254 -23.67 -21.27 -18.24
CA ILE D 254 -23.55 -22.38 -17.31
C ILE D 254 -22.88 -21.92 -16.03
N ILE D 255 -23.63 -22.00 -14.95
CA ILE D 255 -23.19 -21.66 -13.63
C ILE D 255 -22.99 -22.97 -12.87
N SER D 256 -21.76 -23.29 -12.50
CA SER D 256 -21.54 -24.47 -11.72
C SER D 256 -21.80 -24.19 -10.25
N LYS D 257 -22.62 -25.02 -9.65
CA LYS D 257 -22.84 -24.97 -8.23
C LYS D 257 -21.75 -25.80 -7.54
N ILE D 258 -20.99 -25.14 -6.68
CA ILE D 258 -20.04 -25.84 -5.87
C ILE D 258 -20.71 -26.21 -4.57
N GLU D 259 -20.81 -27.53 -4.33
CA GLU D 259 -21.63 -28.10 -3.26
C GLU D 259 -20.91 -29.13 -2.38
N ASN D 260 -19.64 -29.43 -2.63
CA ASN D 260 -18.94 -30.48 -1.84
C ASN D 260 -17.46 -30.32 -1.86
N HIS D 261 -16.78 -31.24 -1.18
CA HIS D 261 -15.35 -31.16 -0.99
C HIS D 261 -14.66 -31.16 -2.33
N GLU D 262 -15.08 -32.02 -3.24
CA GLU D 262 -14.32 -32.13 -4.49
C GLU D 262 -14.44 -30.91 -5.40
N GLY D 263 -15.63 -30.31 -5.41
CA GLY D 263 -15.87 -29.08 -6.14
C GLY D 263 -15.02 -27.95 -5.63
N VAL D 264 -14.87 -27.88 -4.31
CA VAL D 264 -13.97 -26.91 -3.77
C VAL D 264 -12.53 -27.24 -4.16
N ARG D 265 -12.16 -28.52 -4.01
CA ARG D 265 -10.77 -28.92 -4.26
C ARG D 265 -10.35 -28.71 -5.71
N ARG D 266 -11.29 -28.83 -6.64
CA ARG D 266 -10.96 -28.66 -8.06
C ARG D 266 -11.57 -27.37 -8.59
N PHE D 267 -11.66 -26.36 -7.73
CA PHE D 267 -12.45 -25.17 -8.08
C PHE D 267 -11.91 -24.48 -9.36
N ASP D 268 -10.58 -24.45 -9.51
CA ASP D 268 -9.92 -23.72 -10.57
C ASP D 268 -10.24 -24.29 -11.95
N GLU D 269 -10.23 -25.62 -12.09
CA GLU D 269 -10.64 -26.25 -13.35
C GLU D 269 -12.16 -26.05 -13.62
N ILE D 270 -12.98 -26.12 -12.57
CA ILE D 270 -14.40 -25.88 -12.74
C ILE D 270 -14.68 -24.44 -13.21
N LEU D 271 -13.94 -23.49 -12.66
CA LEU D 271 -14.16 -22.12 -12.99
C LEU D 271 -13.73 -21.86 -14.44
N GLU D 272 -12.57 -22.39 -14.86
CA GLU D 272 -12.15 -22.28 -16.28
C GLU D 272 -13.22 -22.72 -17.28
N ALA D 273 -13.89 -23.81 -16.97
CA ALA D 273 -14.88 -24.43 -17.88
C ALA D 273 -16.25 -23.77 -17.83
N SER D 274 -16.59 -23.15 -16.69
CA SER D 274 -17.92 -22.55 -16.51
C SER D 274 -17.97 -21.12 -16.95
N ASP D 275 -19.19 -20.60 -17.09
CA ASP D 275 -19.41 -19.19 -17.27
C ASP D 275 -19.51 -18.42 -15.95
N GLY D 276 -19.65 -19.14 -14.86
CA GLY D 276 -20.00 -18.55 -13.58
C GLY D 276 -20.06 -19.65 -12.53
N ILE D 277 -20.16 -19.22 -11.27
CA ILE D 277 -20.18 -20.10 -10.12
C ILE D 277 -21.28 -19.69 -9.16
N MET D 278 -21.91 -20.69 -8.56
CA MET D 278 -22.79 -20.47 -7.43
C MET D 278 -22.20 -21.14 -6.21
N VAL D 279 -22.05 -20.36 -5.13
CA VAL D 279 -21.68 -20.91 -3.85
C VAL D 279 -22.98 -21.47 -3.25
N ALA D 280 -23.20 -22.78 -3.43
CA ALA D 280 -24.43 -23.43 -2.97
C ALA D 280 -24.27 -23.89 -1.52
N ARG D 281 -24.63 -23.02 -0.59
CA ARG D 281 -24.19 -23.19 0.83
C ARG D 281 -24.94 -24.25 1.65
N GLY D 282 -26.18 -24.56 1.24
CA GLY D 282 -26.98 -25.62 1.84
C GLY D 282 -26.26 -26.95 1.90
N ASP D 283 -26.15 -27.60 0.76
CA ASP D 283 -25.41 -28.83 0.65
C ASP D 283 -23.96 -28.62 1.11
N LEU D 284 -23.33 -27.53 0.68
CA LEU D 284 -21.92 -27.37 0.97
C LEU D 284 -21.69 -27.43 2.48
N GLY D 285 -22.57 -26.79 3.23
CA GLY D 285 -22.49 -26.78 4.69
C GLY D 285 -22.71 -28.10 5.44
N ILE D 286 -23.30 -29.13 4.82
CA ILE D 286 -23.18 -30.49 5.37
C ILE D 286 -22.08 -31.35 4.79
N GLU D 287 -21.60 -31.01 3.60
CA GLU D 287 -20.64 -31.87 2.91
C GLU D 287 -19.23 -31.62 3.44
N ILE D 288 -19.02 -30.41 3.93
CA ILE D 288 -17.79 -30.04 4.64
C ILE D 288 -18.21 -29.50 6.02
N PRO D 289 -17.27 -29.37 6.97
CA PRO D 289 -17.64 -28.78 8.28
C PRO D 289 -18.27 -27.37 8.14
N ALA D 290 -19.30 -27.12 8.92
CA ALA D 290 -20.03 -25.87 8.93
C ALA D 290 -19.11 -24.63 9.13
N GLU D 291 -18.11 -24.76 9.98
CA GLU D 291 -17.18 -23.66 10.32
C GLU D 291 -16.30 -23.30 9.17
N LYS D 292 -16.33 -24.08 8.10
CA LYS D 292 -15.41 -23.86 7.00
C LYS D 292 -16.07 -23.20 5.80
N VAL D 293 -17.39 -23.18 5.78
CA VAL D 293 -18.10 -22.64 4.63
C VAL D 293 -17.67 -21.20 4.30
N PHE D 294 -17.56 -20.31 5.29
CA PHE D 294 -17.17 -18.93 4.97
C PHE D 294 -15.82 -18.88 4.24
N LEU D 295 -14.92 -19.82 4.52
CA LEU D 295 -13.63 -19.86 3.84
C LEU D 295 -13.86 -20.19 2.37
N ALA D 296 -14.76 -21.13 2.09
CA ALA D 296 -15.00 -21.56 0.71
C ALA D 296 -15.73 -20.47 -0.05
N GLN D 297 -16.64 -19.79 0.64
CA GLN D 297 -17.36 -18.65 0.07
C GLN D 297 -16.40 -17.51 -0.30
N LYS D 298 -15.58 -17.10 0.65
CA LYS D 298 -14.64 -16.02 0.38
C LYS D 298 -13.58 -16.47 -0.62
N MET D 299 -13.15 -17.74 -0.61
CA MET D 299 -12.22 -18.09 -1.69
C MET D 299 -12.89 -18.09 -3.05
N MET D 300 -14.13 -18.58 -3.15
CA MET D 300 -14.75 -18.58 -4.47
C MET D 300 -15.12 -17.18 -4.95
N ILE D 301 -15.61 -16.34 -4.04
CA ILE D 301 -15.90 -14.99 -4.49
C ILE D 301 -14.62 -14.37 -4.96
N GLY D 302 -13.53 -14.55 -4.19
CA GLY D 302 -12.23 -13.92 -4.53
C GLY D 302 -11.83 -14.24 -5.97
N ARG D 303 -11.89 -15.52 -6.29
CA ARG D 303 -11.35 -16.04 -7.53
C ARG D 303 -12.22 -15.71 -8.70
N CYS D 304 -13.54 -15.70 -8.52
CA CYS D 304 -14.42 -15.32 -9.60
C CYS D 304 -14.21 -13.85 -9.86
N ASN D 305 -14.05 -13.02 -8.82
CA ASN D 305 -13.72 -11.61 -9.06
C ASN D 305 -12.41 -11.44 -9.83
N ARG D 306 -11.41 -12.26 -9.51
CA ARG D 306 -10.10 -12.14 -10.13
C ARG D 306 -10.23 -12.50 -11.59
N ALA D 307 -11.06 -13.51 -11.85
CA ALA D 307 -11.26 -14.00 -13.18
C ALA D 307 -12.28 -13.19 -13.96
N GLY D 308 -12.99 -12.26 -13.37
CA GLY D 308 -14.10 -11.61 -14.10
C GLY D 308 -15.29 -12.51 -14.46
N LYS D 309 -15.55 -13.56 -13.67
CA LYS D 309 -16.72 -14.41 -13.90
C LYS D 309 -17.79 -14.24 -12.78
N PRO D 310 -19.07 -14.18 -13.18
CA PRO D 310 -20.09 -13.91 -12.16
C PRO D 310 -20.02 -14.93 -11.02
N VAL D 311 -20.31 -14.48 -9.80
CA VAL D 311 -20.44 -15.43 -8.70
C VAL D 311 -21.70 -15.10 -7.93
N ILE D 312 -22.47 -16.11 -7.59
CA ILE D 312 -23.74 -15.96 -6.86
C ILE D 312 -23.54 -16.57 -5.48
N CYS D 313 -23.92 -15.83 -4.45
CA CYS D 313 -23.99 -16.38 -3.10
C CYS D 313 -25.43 -16.87 -2.76
N ALA D 314 -25.55 -18.13 -2.37
CA ALA D 314 -26.86 -18.76 -2.29
C ALA D 314 -27.08 -19.42 -0.92
N THR D 315 -28.33 -19.41 -0.50
CA THR D 315 -28.93 -20.30 0.51
C THR D 315 -28.93 -19.82 1.95
N GLN D 316 -30.12 -19.76 2.54
CA GLN D 316 -30.36 -19.40 3.97
C GLN D 316 -29.96 -17.98 4.32
N MET D 317 -29.91 -17.15 3.28
CA MET D 317 -29.50 -15.76 3.45
C MET D 317 -30.46 -15.00 4.36
N LEU D 318 -31.78 -15.24 4.20
CA LEU D 318 -32.84 -14.60 4.98
C LEU D 318 -33.83 -15.65 5.50
N GLU D 319 -33.30 -16.84 5.85
CA GLU D 319 -34.08 -18.03 6.15
C GLU D 319 -35.27 -17.81 7.08
N SER D 320 -35.04 -17.07 8.18
CA SER D 320 -36.09 -16.84 9.17
C SER D 320 -37.27 -16.07 8.57
N MET D 321 -37.08 -15.44 7.40
CA MET D 321 -38.19 -14.75 6.72
C MET D 321 -39.16 -15.68 5.96
N ILE D 322 -38.86 -16.97 5.91
CA ILE D 322 -39.81 -17.95 5.51
C ILE D 322 -41.05 -17.80 6.41
N LYS D 323 -40.81 -17.54 7.70
CA LYS D 323 -41.88 -17.43 8.70
C LYS D 323 -42.05 -16.06 9.39
N LYS D 324 -41.06 -15.17 9.30
CA LYS D 324 -41.14 -13.87 10.00
C LYS D 324 -41.09 -12.70 9.04
N PRO D 325 -41.75 -11.58 9.37
CA PRO D 325 -41.74 -10.44 8.43
C PRO D 325 -40.42 -9.62 8.42
N ARG D 326 -39.52 -9.90 9.35
CA ARG D 326 -38.20 -9.29 9.35
C ARG D 326 -37.18 -10.37 9.67
N PRO D 327 -35.94 -10.24 9.17
CA PRO D 327 -34.87 -11.22 9.39
C PRO D 327 -34.12 -11.07 10.71
N THR D 328 -33.31 -12.07 11.03
CA THR D 328 -32.55 -12.03 12.27
C THR D 328 -31.35 -11.14 11.96
N ARG D 329 -30.55 -10.84 12.98
CA ARG D 329 -29.43 -9.90 12.81
C ARG D 329 -28.28 -10.60 12.09
N ALA D 330 -28.21 -11.91 12.24
CA ALA D 330 -27.21 -12.68 11.49
C ALA D 330 -27.51 -12.69 9.99
N GLU D 331 -28.79 -12.62 9.63
CA GLU D 331 -29.16 -12.72 8.20
C GLU D 331 -28.86 -11.38 7.53
N GLY D 332 -29.13 -10.28 8.23
CA GLY D 332 -28.78 -8.96 7.74
C GLY D 332 -27.28 -8.89 7.45
N SER D 333 -26.51 -9.34 8.41
CA SER D 333 -25.09 -9.27 8.29
C SER D 333 -24.61 -10.18 7.10
N ASP D 334 -25.27 -11.31 6.88
CA ASP D 334 -24.83 -12.28 5.89
C ASP D 334 -24.99 -11.70 4.49
N VAL D 335 -26.16 -11.11 4.24
CA VAL D 335 -26.39 -10.43 3.00
C VAL D 335 -25.33 -9.32 2.80
N ALA D 336 -25.20 -8.42 3.78
CA ALA D 336 -24.23 -7.36 3.70
C ALA D 336 -22.81 -7.91 3.36
N ASN D 337 -22.40 -8.93 4.09
CA ASN D 337 -21.10 -9.49 3.95
C ASN D 337 -20.83 -10.18 2.61
N ALA D 338 -21.83 -10.87 2.06
CA ALA D 338 -21.75 -11.40 0.67
C ALA D 338 -21.47 -10.26 -0.32
N VAL D 339 -22.18 -9.13 -0.16
CA VAL D 339 -22.00 -8.00 -1.07
C VAL D 339 -20.62 -7.40 -0.87
N LEU D 340 -20.19 -7.32 0.39
CA LEU D 340 -18.84 -6.81 0.70
C LEU D 340 -17.74 -7.74 0.16
N ASP D 341 -17.95 -9.07 0.24
CA ASP D 341 -16.95 -10.05 -0.24
C ASP D 341 -16.74 -9.88 -1.74
N GLY D 342 -17.78 -9.46 -2.50
CA GLY D 342 -17.72 -9.35 -3.96
C GLY D 342 -18.78 -10.12 -4.81
N ALA D 343 -19.79 -10.67 -4.14
CA ALA D 343 -20.78 -11.47 -4.85
C ALA D 343 -21.44 -10.63 -5.92
N ASP D 344 -21.54 -11.16 -7.12
CA ASP D 344 -22.34 -10.45 -8.12
C ASP D 344 -23.83 -10.48 -7.84
N CYS D 345 -24.33 -11.65 -7.39
CA CYS D 345 -25.74 -11.84 -7.16
C CYS D 345 -25.96 -12.52 -5.81
N ILE D 346 -27.11 -12.29 -5.22
CA ILE D 346 -27.48 -12.95 -4.03
C ILE D 346 -28.82 -13.63 -4.35
N MET D 347 -29.12 -14.72 -3.64
CA MET D 347 -30.18 -15.64 -4.02
C MET D 347 -31.10 -15.93 -2.84
N LEU D 348 -32.40 -15.92 -3.12
CA LEU D 348 -33.43 -16.39 -2.20
C LEU D 348 -34.01 -17.74 -2.68
N SER D 349 -34.26 -18.64 -1.73
CA SER D 349 -34.80 -19.98 -2.01
C SER D 349 -36.19 -20.15 -1.38
N GLY D 350 -36.25 -20.79 -0.21
CA GLY D 350 -37.54 -21.00 0.46
C GLY D 350 -38.25 -19.69 0.77
N GLU D 351 -37.47 -18.62 0.96
CA GLU D 351 -38.08 -17.37 1.31
C GLU D 351 -38.97 -16.79 0.23
N THR D 352 -38.71 -17.13 -1.04
CA THR D 352 -39.59 -16.72 -2.10
C THR D 352 -40.35 -17.95 -2.66
N ALA D 353 -39.80 -19.16 -2.53
CA ALA D 353 -40.48 -20.36 -3.09
C ALA D 353 -41.73 -20.75 -2.30
N LYS D 354 -41.58 -20.83 -0.98
CA LYS D 354 -42.62 -21.34 -0.11
C LYS D 354 -43.01 -20.44 1.08
N GLY D 355 -42.27 -19.36 1.38
CA GLY D 355 -42.45 -18.66 2.64
C GLY D 355 -43.66 -17.73 2.69
N ASP D 356 -43.94 -17.15 3.86
CA ASP D 356 -45.11 -16.28 4.05
C ASP D 356 -44.88 -14.82 3.67
N TYR D 357 -43.61 -14.45 3.43
CA TYR D 357 -43.25 -13.06 3.19
C TYR D 357 -42.35 -12.89 1.98
N PRO D 358 -42.77 -13.36 0.80
CA PRO D 358 -41.76 -13.32 -0.25
C PRO D 358 -41.41 -11.91 -0.70
N LEU D 359 -42.35 -10.97 -0.62
CA LEU D 359 -42.07 -9.61 -1.10
C LEU D 359 -41.13 -8.91 -0.13
N GLU D 360 -41.35 -9.11 1.16
CA GLU D 360 -40.53 -8.49 2.16
C GLU D 360 -39.12 -9.04 2.02
N ALA D 361 -38.95 -10.31 1.68
CA ALA D 361 -37.62 -10.85 1.59
C ALA D 361 -36.86 -10.15 0.47
N VAL D 362 -37.55 -9.95 -0.66
CA VAL D 362 -36.93 -9.37 -1.85
C VAL D 362 -36.52 -7.94 -1.52
N ARG D 363 -37.43 -7.20 -0.88
CA ARG D 363 -37.18 -5.81 -0.53
C ARG D 363 -36.00 -5.72 0.40
N MET D 364 -35.89 -6.69 1.32
CA MET D 364 -34.83 -6.66 2.28
C MET D 364 -33.49 -6.88 1.58
N GLN D 365 -33.38 -7.83 0.69
CA GLN D 365 -32.12 -8.03 -0.01
C GLN D 365 -31.71 -6.78 -0.75
N HIS D 366 -32.70 -6.11 -1.36
CA HIS D 366 -32.46 -4.91 -2.15
C HIS D 366 -31.94 -3.79 -1.24
N LEU D 367 -32.54 -3.69 -0.07
CA LEU D 367 -32.21 -2.63 0.87
C LEU D 367 -30.82 -2.87 1.43
N ILE D 368 -30.52 -4.10 1.81
CA ILE D 368 -29.22 -4.34 2.41
C ILE D 368 -28.14 -4.18 1.35
N ALA D 369 -28.40 -4.73 0.17
CA ALA D 369 -27.35 -4.76 -0.83
C ALA D 369 -26.91 -3.33 -1.18
N ARG D 370 -27.86 -2.41 -1.22
CA ARG D 370 -27.57 -1.05 -1.63
C ARG D 370 -26.75 -0.33 -0.54
N GLU D 371 -27.16 -0.54 0.70
CA GLU D 371 -26.42 -0.07 1.85
C GLU D 371 -24.98 -0.67 1.85
N ALA D 372 -24.82 -1.96 1.53
CA ALA D 372 -23.49 -2.54 1.62
C ALA D 372 -22.66 -2.03 0.45
N GLU D 373 -23.31 -1.71 -0.69
CA GLU D 373 -22.58 -1.19 -1.84
C GLU D 373 -21.92 0.17 -1.56
N ALA D 374 -22.57 1.00 -0.77
CA ALA D 374 -22.02 2.29 -0.43
C ALA D 374 -20.77 2.11 0.48
N ALA D 375 -20.73 0.99 1.18
CA ALA D 375 -19.75 0.67 2.19
C ALA D 375 -18.48 -0.07 1.68
N ILE D 376 -18.48 -0.59 0.47
CA ILE D 376 -17.28 -1.12 -0.14
C ILE D 376 -16.13 -0.11 -0.11
N TYR D 377 -14.93 -0.59 0.18
CA TYR D 377 -13.72 0.25 0.19
C TYR D 377 -13.18 0.21 -1.25
N TYR D 378 -13.82 0.98 -2.12
CA TYR D 378 -13.45 1.03 -3.55
C TYR D 378 -12.00 1.37 -3.79
N LEU D 379 -11.46 2.33 -3.03
CA LEU D 379 -10.05 2.71 -3.05
C LEU D 379 -9.11 1.49 -3.19
N GLN D 380 -9.28 0.49 -2.33
CA GLN D 380 -8.42 -0.68 -2.35
C GLN D 380 -8.89 -1.68 -3.43
N LEU D 381 -10.20 -1.92 -3.47
CA LEU D 381 -10.76 -2.89 -4.41
C LEU D 381 -10.27 -2.57 -5.86
N PHE D 382 -10.45 -1.34 -6.30
CA PHE D 382 -10.09 -0.97 -7.67
C PHE D 382 -8.58 -1.13 -7.96
N GLU D 383 -7.75 -0.60 -7.08
CA GLU D 383 -6.29 -0.81 -7.13
C GLU D 383 -5.92 -2.28 -7.28
N GLU D 384 -6.49 -3.12 -6.40
CA GLU D 384 -6.15 -4.50 -6.39
C GLU D 384 -6.62 -5.23 -7.62
N LEU D 385 -7.87 -4.95 -8.07
CA LEU D 385 -8.39 -5.50 -9.32
C LEU D 385 -7.47 -5.10 -10.52
N ARG D 386 -7.03 -3.85 -10.56
CA ARG D 386 -6.04 -3.45 -11.56
C ARG D 386 -4.65 -4.11 -11.48
N ARG D 387 -4.11 -4.26 -10.28
CA ARG D 387 -2.82 -4.90 -10.16
C ARG D 387 -2.96 -6.31 -10.60
N LEU D 388 -4.01 -6.98 -10.15
CA LEU D 388 -4.13 -8.41 -10.42
C LEU D 388 -4.43 -8.74 -11.87
N ALA D 389 -4.78 -7.72 -12.67
CA ALA D 389 -5.20 -7.96 -14.05
C ALA D 389 -4.04 -7.73 -14.99
N PRO D 390 -4.02 -8.47 -16.10
CA PRO D 390 -2.81 -8.34 -16.91
C PRO D 390 -2.91 -7.21 -17.96
N ILE D 391 -1.77 -6.81 -18.49
CA ILE D 391 -1.71 -5.85 -19.57
C ILE D 391 -2.31 -6.56 -20.76
N THR D 392 -3.25 -5.94 -21.47
CA THR D 392 -3.70 -6.56 -22.74
C THR D 392 -3.54 -5.64 -23.92
N SER D 393 -3.88 -6.12 -25.10
CA SER D 393 -3.92 -5.29 -26.26
C SER D 393 -5.35 -5.10 -26.74
N ASP D 394 -6.31 -5.63 -25.96
CA ASP D 394 -7.69 -5.43 -26.27
C ASP D 394 -8.12 -3.97 -25.96
N PRO D 395 -8.48 -3.23 -27.03
CA PRO D 395 -9.00 -1.87 -26.87
C PRO D 395 -10.23 -1.79 -25.98
N THR D 396 -11.04 -2.84 -25.95
CA THR D 396 -12.25 -2.70 -25.16
C THR D 396 -11.90 -2.75 -23.68
N GLU D 397 -10.94 -3.60 -23.35
CA GLU D 397 -10.42 -3.76 -22.00
C GLU D 397 -9.78 -2.45 -21.50
N ALA D 398 -8.96 -1.81 -22.34
CA ALA D 398 -8.35 -0.58 -21.93
C ALA D 398 -9.40 0.52 -21.78
N THR D 399 -10.35 0.59 -22.72
CA THR D 399 -11.45 1.54 -22.58
C THR D 399 -12.17 1.28 -21.25
N ALA D 400 -12.52 0.01 -20.98
CA ALA D 400 -13.27 -0.27 -19.73
C ALA D 400 -12.55 0.27 -18.49
N VAL D 401 -11.25 -0.04 -18.37
CA VAL D 401 -10.54 0.36 -17.18
C VAL D 401 -10.43 1.90 -17.10
N GLY D 402 -10.29 2.56 -18.25
CA GLY D 402 -10.30 4.07 -18.32
C GLY D 402 -11.64 4.66 -17.89
N ALA D 403 -12.72 4.04 -18.40
CA ALA D 403 -14.07 4.44 -18.03
C ALA D 403 -14.26 4.33 -16.54
N VAL D 404 -13.84 3.22 -15.95
CA VAL D 404 -14.09 3.04 -14.49
C VAL D 404 -13.23 4.03 -13.66
N GLU D 405 -11.98 4.18 -14.06
CA GLU D 405 -11.15 5.18 -13.43
C GLU D 405 -11.78 6.58 -13.57
N ALA D 406 -12.24 6.94 -14.77
CA ALA D 406 -12.88 8.24 -14.96
C ALA D 406 -14.11 8.41 -14.09
N SER D 407 -14.87 7.33 -13.88
CA SER D 407 -16.09 7.45 -13.07
C SER D 407 -15.81 7.70 -11.62
N PHE D 408 -14.69 7.23 -11.10
CA PHE D 408 -14.33 7.57 -9.71
C PHE D 408 -13.93 9.02 -9.58
N LYS D 409 -13.13 9.46 -10.53
CA LYS D 409 -12.53 10.78 -10.53
C LYS D 409 -13.63 11.88 -10.61
N CYS D 410 -14.69 11.71 -11.41
CA CYS D 410 -15.76 12.73 -11.41
C CYS D 410 -17.03 12.31 -10.70
N CYS D 411 -16.96 11.30 -9.82
CA CYS D 411 -18.13 10.72 -9.16
C CYS D 411 -19.38 10.65 -10.06
N SER D 412 -19.17 10.17 -11.28
CA SER D 412 -20.19 9.87 -12.26
C SER D 412 -21.50 9.31 -11.69
N GLY D 413 -22.60 9.71 -12.32
CA GLY D 413 -23.90 9.17 -11.97
C GLY D 413 -24.09 7.84 -12.67
N ALA D 414 -23.38 7.58 -13.77
CA ALA D 414 -23.49 6.27 -14.31
C ALA D 414 -22.44 6.05 -15.34
N ILE D 415 -22.24 4.79 -15.70
CA ILE D 415 -21.52 4.49 -16.90
C ILE D 415 -22.47 3.91 -17.93
N ILE D 416 -22.72 4.64 -19.00
CA ILE D 416 -23.65 4.11 -19.98
C ILE D 416 -22.89 3.35 -21.00
N VAL D 417 -23.30 2.13 -21.31
CA VAL D 417 -22.53 1.29 -22.25
C VAL D 417 -23.43 0.71 -23.33
N LEU D 418 -23.11 0.93 -24.61
CA LEU D 418 -23.91 0.28 -25.67
C LEU D 418 -23.29 -1.06 -25.89
N THR D 419 -24.09 -2.12 -25.98
CA THR D 419 -23.50 -3.45 -26.13
C THR D 419 -24.50 -4.38 -26.87
N LYS D 420 -24.00 -5.15 -27.84
CA LYS D 420 -24.81 -6.22 -28.47
C LYS D 420 -24.76 -7.57 -27.74
N SER D 421 -23.57 -8.08 -27.53
CA SER D 421 -23.40 -9.34 -26.82
C SER D 421 -23.38 -9.24 -25.29
N GLY D 422 -23.27 -8.03 -24.75
CA GLY D 422 -22.98 -7.81 -23.33
C GLY D 422 -21.50 -7.68 -22.92
N ARG D 423 -20.56 -8.18 -23.74
CA ARG D 423 -19.13 -8.21 -23.38
C ARG D 423 -18.58 -6.86 -22.86
N SER D 424 -18.86 -5.78 -23.57
CA SER D 424 -18.37 -4.51 -23.19
C SER D 424 -18.77 -4.15 -21.77
N ALA D 425 -20.06 -4.30 -21.48
CA ALA D 425 -20.58 -4.11 -20.12
C ALA D 425 -19.95 -5.05 -19.10
N HIS D 426 -19.74 -6.31 -19.47
CA HIS D 426 -19.15 -7.26 -18.50
C HIS D 426 -17.73 -6.80 -18.15
N GLN D 427 -17.06 -6.23 -19.14
CA GLN D 427 -15.68 -5.80 -18.98
C GLN D 427 -15.58 -4.61 -18.04
N VAL D 428 -16.54 -3.67 -18.11
CA VAL D 428 -16.63 -2.61 -17.14
C VAL D 428 -16.89 -3.17 -15.73
N ALA D 429 -17.80 -4.14 -15.66
CA ALA D 429 -18.29 -4.64 -14.38
C ALA D 429 -17.17 -5.32 -13.55
N ARG D 430 -16.32 -6.00 -14.27
CA ARG D 430 -15.10 -6.65 -13.80
C ARG D 430 -14.17 -5.75 -12.93
N TYR D 431 -14.20 -4.44 -13.19
CA TYR D 431 -13.41 -3.46 -12.44
C TYR D 431 -14.14 -2.75 -11.32
N ARG D 432 -15.42 -3.07 -11.13
CA ARG D 432 -16.11 -2.66 -9.93
C ARG D 432 -16.28 -1.19 -9.63
N PRO D 433 -16.84 -0.42 -10.57
CA PRO D 433 -17.16 1.03 -10.29
C PRO D 433 -18.21 1.17 -9.20
N ARG D 434 -18.31 2.28 -8.43
CA ARG D 434 -19.51 2.37 -7.63
C ARG D 434 -20.69 2.77 -8.46
N ALA D 435 -20.50 3.51 -9.52
CA ALA D 435 -21.64 3.96 -10.35
C ALA D 435 -22.30 2.80 -11.10
N PRO D 436 -23.62 2.90 -11.30
CA PRO D 436 -24.38 1.90 -12.07
C PRO D 436 -23.98 1.87 -13.53
N ILE D 437 -23.96 0.66 -14.12
CA ILE D 437 -23.58 0.46 -15.49
C ILE D 437 -24.84 0.21 -16.29
N ILE D 438 -25.25 1.22 -17.00
CA ILE D 438 -26.50 1.12 -17.72
C ILE D 438 -26.16 0.57 -19.07
N ALA D 439 -26.49 -0.69 -19.26
CA ALA D 439 -26.16 -1.37 -20.50
C ALA D 439 -27.33 -1.34 -21.48
N VAL D 440 -27.13 -0.68 -22.62
CA VAL D 440 -28.22 -0.47 -23.56
C VAL D 440 -28.07 -1.47 -24.66
N THR D 441 -29.05 -2.36 -24.81
CA THR D 441 -28.97 -3.39 -25.84
C THR D 441 -30.29 -3.50 -26.59
N ARG D 442 -30.24 -3.98 -27.81
CA ARG D 442 -31.46 -4.39 -28.52
C ARG D 442 -31.61 -5.90 -28.42
N ASN D 443 -30.56 -6.61 -28.03
CA ASN D 443 -30.63 -8.05 -27.89
C ASN D 443 -31.27 -8.49 -26.53
N PRO D 444 -32.43 -9.15 -26.58
CA PRO D 444 -33.19 -9.32 -25.34
C PRO D 444 -32.58 -10.37 -24.42
N GLN D 445 -31.95 -11.36 -25.02
CA GLN D 445 -31.17 -12.33 -24.27
C GLN D 445 -29.92 -11.72 -23.53
N THR D 446 -29.29 -10.74 -24.15
CA THR D 446 -28.21 -10.01 -23.53
C THR D 446 -28.71 -9.21 -22.32
N ALA D 447 -29.86 -8.57 -22.46
CA ALA D 447 -30.43 -7.78 -21.38
C ALA D 447 -30.73 -8.62 -20.13
N ARG D 448 -31.20 -9.86 -20.33
CA ARG D 448 -31.54 -10.78 -19.25
C ARG D 448 -30.30 -11.38 -18.59
N GLN D 449 -29.32 -11.75 -19.40
CA GLN D 449 -28.12 -12.37 -18.88
C GLN D 449 -27.20 -11.36 -18.13
N ALA D 450 -27.32 -10.09 -18.47
CA ALA D 450 -26.52 -9.02 -17.87
C ALA D 450 -26.70 -8.99 -16.35
N HIS D 451 -27.80 -9.52 -15.85
CA HIS D 451 -28.03 -9.53 -14.41
C HIS D 451 -27.02 -10.36 -13.62
N LEU D 452 -26.28 -11.27 -14.26
CA LEU D 452 -25.30 -12.03 -13.54
C LEU D 452 -24.12 -11.18 -13.08
N TYR D 453 -23.99 -9.97 -13.61
CA TYR D 453 -22.84 -9.11 -13.34
C TYR D 453 -23.16 -7.96 -12.37
N ARG D 454 -22.40 -7.88 -11.30
CA ARG D 454 -22.52 -6.75 -10.41
C ARG D 454 -22.56 -5.43 -11.18
N GLY D 455 -23.55 -4.62 -10.88
CA GLY D 455 -23.56 -3.24 -11.37
C GLY D 455 -24.27 -3.02 -12.70
N ILE D 456 -24.51 -4.09 -13.47
CA ILE D 456 -25.14 -3.91 -14.81
C ILE D 456 -26.65 -3.86 -14.64
N PHE D 457 -27.18 -2.66 -14.90
CA PHE D 457 -28.61 -2.40 -14.97
C PHE D 457 -28.97 -2.42 -16.47
N PRO D 458 -29.40 -3.61 -16.95
CA PRO D 458 -29.64 -3.70 -18.36
C PRO D 458 -30.93 -2.95 -18.76
N VAL D 459 -30.96 -2.55 -20.02
CA VAL D 459 -31.95 -1.62 -20.52
C VAL D 459 -32.08 -2.06 -21.97
N LEU D 460 -33.28 -2.51 -22.34
CA LEU D 460 -33.56 -3.01 -23.70
C LEU D 460 -34.18 -1.93 -24.58
N CYS D 461 -33.46 -1.58 -25.63
CA CYS D 461 -33.99 -0.60 -26.57
C CYS D 461 -34.97 -1.31 -27.50
N LYS D 462 -36.21 -0.83 -27.53
CA LYS D 462 -37.23 -1.43 -28.38
C LYS D 462 -37.35 -0.73 -29.77
N ASP D 463 -36.77 0.48 -29.87
CA ASP D 463 -36.84 1.31 -31.07
C ASP D 463 -36.17 0.76 -32.31
N PRO D 464 -36.76 1.10 -33.46
CA PRO D 464 -36.26 0.64 -34.73
C PRO D 464 -34.87 1.24 -35.06
N VAL D 465 -34.09 0.47 -35.82
CA VAL D 465 -32.73 0.81 -36.15
C VAL D 465 -32.75 1.99 -37.13
N GLN D 466 -32.29 3.13 -36.66
CA GLN D 466 -32.19 4.38 -37.41
C GLN D 466 -31.29 4.33 -38.66
N GLU D 467 -31.64 5.16 -39.65
CA GLU D 467 -30.92 5.18 -40.92
C GLU D 467 -29.46 5.58 -40.74
N ALA D 468 -29.22 6.75 -40.16
CA ALA D 468 -27.86 7.16 -39.86
C ALA D 468 -27.37 6.51 -38.55
N TRP D 469 -26.38 5.63 -38.69
CA TRP D 469 -25.73 4.99 -37.54
C TRP D 469 -25.44 5.95 -36.38
N ALA D 470 -24.88 7.12 -36.68
CA ALA D 470 -24.60 8.10 -35.67
C ALA D 470 -25.86 8.51 -34.92
N GLU D 471 -27.00 8.59 -35.58
CA GLU D 471 -28.21 8.90 -34.85
C GLU D 471 -28.80 7.70 -34.10
N ASP D 472 -28.54 6.50 -34.60
CA ASP D 472 -28.93 5.29 -33.93
C ASP D 472 -28.16 5.12 -32.59
N VAL D 473 -26.84 5.37 -32.63
CA VAL D 473 -26.02 5.37 -31.43
C VAL D 473 -26.64 6.40 -30.45
N ASP D 474 -26.91 7.58 -31.00
CA ASP D 474 -27.41 8.68 -30.23
C ASP D 474 -28.77 8.45 -29.60
N LEU D 475 -29.61 7.72 -30.31
CA LEU D 475 -30.92 7.38 -29.77
C LEU D 475 -30.75 6.52 -28.54
N ARG D 476 -29.94 5.48 -28.65
CA ARG D 476 -29.72 4.61 -27.51
C ARG D 476 -29.03 5.33 -26.35
N VAL D 477 -28.07 6.22 -26.62
CA VAL D 477 -27.45 6.92 -25.51
C VAL D 477 -28.55 7.70 -24.76
N ASN D 478 -29.44 8.32 -25.53
CA ASN D 478 -30.54 9.10 -24.95
C ASN D 478 -31.59 8.31 -24.21
N PHE D 479 -31.85 7.12 -24.72
CA PHE D 479 -32.72 6.22 -24.02
C PHE D 479 -32.16 5.94 -22.60
N ALA D 480 -30.86 5.61 -22.54
CA ALA D 480 -30.12 5.42 -21.28
C ALA D 480 -30.22 6.64 -20.42
N MET D 481 -30.11 7.82 -21.03
CA MET D 481 -30.21 9.08 -20.28
C MET D 481 -31.57 9.21 -19.58
N ASN D 482 -32.62 8.94 -20.35
CA ASN D 482 -33.98 9.04 -19.87
C ASN D 482 -34.33 7.99 -18.78
N VAL D 483 -33.88 6.74 -18.94
CA VAL D 483 -34.05 5.67 -17.91
C VAL D 483 -33.43 6.14 -16.62
N GLY D 484 -32.20 6.66 -16.71
CA GLY D 484 -31.51 7.16 -15.51
C GLY D 484 -32.22 8.27 -14.77
N LYS D 485 -32.77 9.21 -15.54
CA LYS D 485 -33.49 10.33 -14.93
C LYS D 485 -34.79 9.90 -14.37
N ALA D 486 -35.48 9.01 -15.08
CA ALA D 486 -36.77 8.53 -14.57
C ALA D 486 -36.51 7.77 -13.26
N ARG D 487 -35.42 6.99 -13.17
CA ARG D 487 -35.19 6.19 -11.95
C ARG D 487 -34.52 6.93 -10.85
N GLY D 488 -34.17 8.18 -11.10
CA GLY D 488 -33.47 8.96 -10.08
C GLY D 488 -32.01 8.58 -9.92
N PHE D 489 -31.43 7.93 -10.92
CA PHE D 489 -29.96 7.67 -10.84
C PHE D 489 -29.16 8.94 -10.90
N PHE D 490 -29.69 9.93 -11.65
CA PHE D 490 -29.02 11.20 -11.86
C PHE D 490 -30.01 12.20 -12.46
N LYS D 491 -29.64 13.48 -12.47
CA LYS D 491 -30.48 14.64 -12.91
C LYS D 491 -29.85 15.25 -14.14
N LYS D 492 -30.56 16.14 -14.82
CA LYS D 492 -30.03 16.96 -15.93
C LYS D 492 -28.65 17.61 -15.67
N GLY D 493 -28.34 18.00 -14.45
CA GLY D 493 -26.98 18.55 -14.33
C GLY D 493 -25.77 17.64 -14.64
N ASP D 494 -25.88 16.38 -14.25
CA ASP D 494 -24.76 15.56 -13.81
C ASP D 494 -23.90 14.98 -14.93
N VAL D 495 -22.67 14.60 -14.59
CA VAL D 495 -21.79 13.96 -15.56
C VAL D 495 -22.01 12.46 -15.50
N VAL D 496 -22.27 11.89 -16.66
CA VAL D 496 -22.15 10.44 -16.82
C VAL D 496 -20.98 10.15 -17.74
N ILE D 497 -20.56 8.90 -17.79
CA ILE D 497 -19.58 8.43 -18.75
C ILE D 497 -20.34 7.55 -19.75
N VAL D 498 -20.02 7.72 -21.05
CA VAL D 498 -20.67 7.01 -22.13
C VAL D 498 -19.66 6.23 -23.00
N LEU D 499 -19.89 4.93 -23.16
CA LEU D 499 -19.00 4.08 -23.98
C LEU D 499 -19.67 3.53 -25.24
N THR D 500 -18.94 3.55 -26.33
CA THR D 500 -19.45 3.54 -27.68
C THR D 500 -18.30 3.00 -28.51
N GLY D 501 -18.61 2.46 -29.69
CA GLY D 501 -17.59 2.01 -30.61
C GLY D 501 -17.44 3.03 -31.73
N TRP D 502 -16.51 2.76 -32.62
CA TRP D 502 -16.27 3.72 -33.68
C TRP D 502 -16.96 3.37 -35.03
N ARG D 503 -17.38 2.12 -35.18
CA ARG D 503 -18.08 1.58 -36.37
C ARG D 503 -19.18 0.66 -35.87
N PRO D 504 -20.15 0.34 -36.76
CA PRO D 504 -21.36 -0.30 -36.28
C PRO D 504 -21.19 -1.71 -35.77
N GLY D 505 -19.99 -2.26 -35.85
CA GLY D 505 -19.56 -3.38 -34.99
C GLY D 505 -20.51 -4.18 -34.07
N SER D 506 -19.92 -4.79 -33.03
CA SER D 506 -20.30 -6.14 -32.58
C SER D 506 -19.33 -6.44 -31.43
N GLY D 507 -18.04 -5.97 -31.58
CA GLY D 507 -16.93 -5.80 -30.56
C GLY D 507 -15.86 -4.64 -30.75
N PHE D 508 -16.27 -3.39 -30.98
CA PHE D 508 -15.32 -2.30 -31.17
C PHE D 508 -15.46 -1.11 -30.19
N THR D 509 -15.94 -1.35 -28.97
CA THR D 509 -16.11 -0.27 -28.02
C THR D 509 -14.73 0.29 -27.74
N ASN D 510 -14.50 1.55 -28.02
CA ASN D 510 -13.16 2.06 -27.88
C ASN D 510 -13.33 3.53 -27.57
N THR D 511 -14.54 3.95 -27.23
CA THR D 511 -14.78 5.39 -27.16
C THR D 511 -15.44 5.74 -25.88
N MET D 512 -14.79 6.61 -25.13
CA MET D 512 -15.36 7.07 -23.87
C MET D 512 -15.59 8.60 -23.88
N ARG D 513 -16.81 9.01 -23.50
CA ARG D 513 -17.21 10.40 -23.43
C ARG D 513 -17.76 10.74 -22.07
N VAL D 514 -17.23 11.79 -21.50
CA VAL D 514 -17.66 12.24 -20.20
C VAL D 514 -18.56 13.46 -20.45
N VAL D 515 -19.87 13.26 -20.27
CA VAL D 515 -20.86 14.20 -20.74
C VAL D 515 -21.82 14.59 -19.64
N PRO D 516 -22.17 15.88 -19.55
CA PRO D 516 -23.22 16.33 -18.63
C PRO D 516 -24.57 15.82 -19.17
N VAL D 517 -25.51 15.35 -18.33
CA VAL D 517 -26.71 14.79 -18.92
C VAL D 517 -27.62 15.90 -19.46
N PRO D 518 -28.16 15.72 -20.67
CA PRO D 518 -29.00 16.75 -21.26
C PRO D 518 -30.29 16.88 -20.46
C PYR E . 21.81 29.34 -10.85
O PYR E . 22.22 30.05 -9.87
OXT PYR E . 21.88 28.08 -10.78
CA PYR E . 21.18 29.99 -12.04
O3 PYR E . 20.98 31.20 -12.10
CB PYR E . 20.73 29.12 -13.16
MG MG F . 20.87 35.21 -15.61
N SER G . 9.35 17.95 -25.30
CA SER G . 10.44 17.00 -25.61
C SER G . 10.59 16.80 -27.13
O SER G . 9.83 17.41 -27.95
CB SER G . 10.24 15.65 -24.90
OG SER G . 9.25 14.85 -25.52
OXT SER G . 11.52 16.04 -27.56
C PYR H . 36.33 1.86 -9.67
O PYR H . 36.39 1.70 -10.90
OXT PYR H . 35.41 2.56 -9.18
CA PYR H . 37.35 1.20 -8.84
O3 PYR H . 38.12 0.40 -9.42
CB PYR H . 37.37 1.53 -7.37
MG MG I . 42.45 -0.93 -6.89
N SER J . 30.05 4.13 11.82
CA SER J . 29.97 5.60 11.56
C SER J . 30.58 6.30 12.75
O SER J . 30.95 5.59 13.73
CB SER J . 28.54 6.11 11.45
OG SER J . 27.87 5.98 12.69
OXT SER J . 30.66 7.56 12.70
P1 FBP K . 30.04 -11.51 26.51
O1P FBP K . 30.69 -10.51 25.60
O2P FBP K . 29.85 -10.90 27.90
O3P FBP K . 30.72 -12.85 26.34
O1 FBP K . 28.51 -11.75 26.02
C1 FBP K . 27.57 -10.63 26.04
C2 FBP K . 26.46 -10.77 24.97
O2 FBP K . 25.42 -9.78 25.16
C3 FBP K . 25.80 -12.17 24.96
O3 FBP K . 24.73 -12.36 25.92
C4 FBP K . 25.42 -12.34 23.48
O4 FBP K . 25.28 -13.72 23.15
C5 FBP K . 26.63 -11.72 22.81
O5 FBP K . 27.06 -10.63 23.66
C6 FBP K . 26.33 -11.20 21.40
O6 FBP K . 27.43 -11.44 20.55
P2 FBP K . 27.25 -11.55 18.97
O4P FBP K . 28.67 -11.82 18.59
O5P FBP K . 26.66 -10.18 18.48
O6P FBP K . 26.32 -12.72 18.82
C PYR L . -29.99 -6.58 22.29
O PYR L . -29.31 -7.20 21.45
OXT PYR L . -30.89 -5.78 21.92
CA PYR L . -29.68 -6.74 23.73
O3 PYR L . -30.42 -6.17 24.53
CB PYR L . -28.49 -7.54 24.19
MG MG M . -30.81 -6.81 29.90
N SER N . -10.02 -15.65 26.33
CA SER N . -10.23 -16.93 25.64
C SER N . -9.77 -18.02 26.59
O SER N . -9.23 -17.65 27.64
CB SER N . -9.37 -16.99 24.37
OG SER N . -8.00 -17.00 24.72
OXT SER N . -9.90 -19.23 26.36
P1 FBP O . 5.03 -8.80 40.53
O1P FBP O . 4.74 -7.54 41.33
O2P FBP O . 6.17 -9.72 40.91
O3P FBP O . 3.82 -9.60 40.10
O1 FBP O . 5.55 -8.03 39.20
C1 FBP O . 5.83 -8.71 37.95
C2 FBP O . 5.64 -7.75 36.78
O2 FBP O . 6.24 -8.36 35.62
C3 FBP O . 6.23 -6.35 36.94
O3 FBP O . 7.60 -6.32 36.66
C4 FBP O . 5.46 -5.56 35.93
O4 FBP O . 5.52 -4.17 36.20
C5 FBP O . 4.07 -6.11 36.24
O5 FBP O . 4.24 -7.50 36.57
C6 FBP O . 3.08 -5.89 35.10
O6 FBP O . 1.82 -5.55 35.69
P2 FBP O . 0.73 -4.68 34.90
O4P FBP O . 1.33 -3.31 34.83
O5P FBP O . -0.45 -4.76 35.83
O6P FBP O . 0.47 -5.34 33.56
C PYR P . -27.77 -25.67 -1.98
O PYR P . -27.44 -24.54 -1.57
OXT PYR P . -27.57 -26.65 -1.27
CA PYR P . -28.39 -25.87 -3.30
O3 PYR P . -28.47 -27.01 -3.78
CB PYR P . -28.91 -24.62 -4.00
MG MG Q . -31.89 -28.24 -8.00
N SER R . -28.92 -6.17 -12.31
CA SER R . -29.65 -5.39 -11.27
C SER R . -30.91 -4.75 -11.87
O SER R . -31.04 -4.66 -13.11
CB SER R . -28.71 -4.34 -10.63
OG SER R . -28.50 -3.22 -11.50
OXT SER R . -31.84 -4.33 -11.16
P1 FBP S . -24.53 -1.34 -33.03
O1P FBP S . -24.93 -0.12 -33.81
O2P FBP S . -25.48 -1.68 -31.89
O3P FBP S . -24.13 -2.56 -33.79
O1 FBP S . -23.10 -0.90 -32.41
C1 FBP S . -22.93 0.06 -31.36
C2 FBP S . -21.70 -0.30 -30.53
O2 FBP S . -21.45 0.91 -29.84
C3 FBP S . -20.44 -0.73 -31.32
O3 FBP S . -19.62 0.33 -31.84
C4 FBP S . -19.71 -1.54 -30.24
O4 FBP S . -18.59 -2.30 -30.77
C5 FBP S . -20.86 -2.35 -29.66
O5 FBP S . -21.94 -1.37 -29.58
C6 FBP S . -20.58 -3.15 -28.37
O6 FBP S . -20.97 -4.55 -28.48
P2 FBP S . -20.34 -5.74 -27.53
O4P FBP S . -18.89 -5.91 -28.01
O5P FBP S . -21.23 -6.92 -27.88
O6P FBP S . -20.46 -5.30 -26.09
#